data_6GIM
# 
_entry.id   6GIM 
# 
_audit_conform.dict_name       mmcif_pdbx.dic 
_audit_conform.dict_version    5.391 
_audit_conform.dict_location   http://mmcif.pdb.org/dictionaries/ascii/mmcif_pdbx.dic 
# 
loop_
_database_2.database_id 
_database_2.database_code 
_database_2.pdbx_database_accession 
_database_2.pdbx_DOI 
PDB   6GIM         pdb_00006gim 10.2210/pdb6gim/pdb 
WWPDB D_1200009955 ?            ?                   
# 
loop_
_pdbx_audit_revision_history.ordinal 
_pdbx_audit_revision_history.data_content_type 
_pdbx_audit_revision_history.major_revision 
_pdbx_audit_revision_history.minor_revision 
_pdbx_audit_revision_history.revision_date 
1 'Structure model' 1 0 2018-08-08 
2 'Structure model' 1 1 2018-10-24 
3 'Structure model' 1 2 2024-05-01 
# 
_pdbx_audit_revision_details.ordinal             1 
_pdbx_audit_revision_details.revision_ordinal    1 
_pdbx_audit_revision_details.data_content_type   'Structure model' 
_pdbx_audit_revision_details.provider            repository 
_pdbx_audit_revision_details.type                'Initial release' 
_pdbx_audit_revision_details.description         ? 
_pdbx_audit_revision_details.details             ? 
# 
loop_
_pdbx_audit_revision_group.ordinal 
_pdbx_audit_revision_group.revision_ordinal 
_pdbx_audit_revision_group.data_content_type 
_pdbx_audit_revision_group.group 
1 2 'Structure model' 'Data collection'        
2 2 'Structure model' 'Derived calculations'   
3 3 'Structure model' 'Data collection'        
4 3 'Structure model' 'Database references'    
5 3 'Structure model' 'Derived calculations'   
6 3 'Structure model' 'Refinement description' 
# 
loop_
_pdbx_audit_revision_category.ordinal 
_pdbx_audit_revision_category.revision_ordinal 
_pdbx_audit_revision_category.data_content_type 
_pdbx_audit_revision_category.category 
1 2 'Structure model' pdbx_struct_assembly          
2 2 'Structure model' pdbx_struct_assembly_gen      
3 2 'Structure model' pdbx_struct_oper_list         
4 3 'Structure model' chem_comp_atom                
5 3 'Structure model' chem_comp_bond                
6 3 'Structure model' database_2                    
7 3 'Structure model' pdbx_initial_refinement_model 
8 3 'Structure model' pdbx_struct_conn_angle        
9 3 'Structure model' struct_conn                   
# 
loop_
_pdbx_audit_revision_item.ordinal 
_pdbx_audit_revision_item.revision_ordinal 
_pdbx_audit_revision_item.data_content_type 
_pdbx_audit_revision_item.item 
1  3 'Structure model' '_database_2.pdbx_DOI'                        
2  3 'Structure model' '_database_2.pdbx_database_accession'         
3  3 'Structure model' '_pdbx_struct_conn_angle.ptnr1_auth_asym_id'  
4  3 'Structure model' '_pdbx_struct_conn_angle.ptnr1_auth_comp_id'  
5  3 'Structure model' '_pdbx_struct_conn_angle.ptnr1_auth_seq_id'   
6  3 'Structure model' '_pdbx_struct_conn_angle.ptnr1_label_asym_id' 
7  3 'Structure model' '_pdbx_struct_conn_angle.ptnr1_label_atom_id' 
8  3 'Structure model' '_pdbx_struct_conn_angle.ptnr1_label_comp_id' 
9  3 'Structure model' '_pdbx_struct_conn_angle.ptnr1_label_seq_id'  
10 3 'Structure model' '_pdbx_struct_conn_angle.ptnr1_symmetry'      
11 3 'Structure model' '_pdbx_struct_conn_angle.ptnr2_auth_asym_id'  
12 3 'Structure model' '_pdbx_struct_conn_angle.ptnr2_auth_seq_id'   
13 3 'Structure model' '_pdbx_struct_conn_angle.ptnr2_label_asym_id' 
14 3 'Structure model' '_pdbx_struct_conn_angle.ptnr3_auth_asym_id'  
15 3 'Structure model' '_pdbx_struct_conn_angle.ptnr3_auth_comp_id'  
16 3 'Structure model' '_pdbx_struct_conn_angle.ptnr3_auth_seq_id'   
17 3 'Structure model' '_pdbx_struct_conn_angle.ptnr3_label_asym_id' 
18 3 'Structure model' '_pdbx_struct_conn_angle.ptnr3_label_atom_id' 
19 3 'Structure model' '_pdbx_struct_conn_angle.ptnr3_label_comp_id' 
20 3 'Structure model' '_pdbx_struct_conn_angle.ptnr3_label_seq_id'  
21 3 'Structure model' '_pdbx_struct_conn_angle.ptnr3_symmetry'      
22 3 'Structure model' '_pdbx_struct_conn_angle.value'               
23 3 'Structure model' '_struct_conn.pdbx_dist_value'                
24 3 'Structure model' '_struct_conn.ptnr1_auth_asym_id'             
25 3 'Structure model' '_struct_conn.ptnr1_auth_comp_id'             
26 3 'Structure model' '_struct_conn.ptnr1_auth_seq_id'              
27 3 'Structure model' '_struct_conn.ptnr1_label_asym_id'            
28 3 'Structure model' '_struct_conn.ptnr1_label_atom_id'            
29 3 'Structure model' '_struct_conn.ptnr1_label_comp_id'            
30 3 'Structure model' '_struct_conn.ptnr1_label_seq_id'             
31 3 'Structure model' '_struct_conn.ptnr1_symmetry'                 
32 3 'Structure model' '_struct_conn.ptnr2_auth_asym_id'             
33 3 'Structure model' '_struct_conn.ptnr2_auth_comp_id'             
34 3 'Structure model' '_struct_conn.ptnr2_auth_seq_id'              
35 3 'Structure model' '_struct_conn.ptnr2_label_asym_id'            
36 3 'Structure model' '_struct_conn.ptnr2_label_atom_id'            
37 3 'Structure model' '_struct_conn.ptnr2_label_comp_id'            
38 3 'Structure model' '_struct_conn.ptnr2_symmetry'                 
# 
_pdbx_database_status.status_code                     REL 
_pdbx_database_status.status_code_sf                  REL 
_pdbx_database_status.status_code_mr                  ? 
_pdbx_database_status.entry_id                        6GIM 
_pdbx_database_status.recvd_initial_deposition_date   2018-05-14 
_pdbx_database_status.SG_entry                        N 
_pdbx_database_status.deposit_site                    PDBE 
_pdbx_database_status.process_site                    PDBE 
_pdbx_database_status.status_code_cs                  ? 
_pdbx_database_status.methods_development_category    ? 
_pdbx_database_status.pdb_format_compatible           Y 
_pdbx_database_status.status_code_nmr_data            ? 
# 
loop_
_audit_author.name 
_audit_author.pdbx_ordinal 
_audit_author.identifier_ORCID 
'Millan, C.R.'    1 0000-0002-9355-7611 
'Dardonvile, C.'  2 0000-0001-5395-1932 
'de Koning, H.P.' 3 0000-0002-9963-1827 
'Saperas, N.'     4 0000-0002-5419-7502 
'Campos, J.L.'    5 0000-0002-4136-7082 
# 
_citation.abstract                  ? 
_citation.abstract_id_CAS           ? 
_citation.book_id_ISBN              ? 
_citation.book_publisher            ? 
_citation.book_publisher_city       ? 
_citation.book_title                ? 
_citation.coordinate_linkage        ? 
_citation.country                   UK 
_citation.database_id_Medline       ? 
_citation.details                   ? 
_citation.id                        primary 
_citation.journal_abbrev            'Nucleic Acids Res.' 
_citation.journal_id_ASTM           NARHAD 
_citation.journal_id_CSD            0389 
_citation.journal_id_ISSN           1362-4962 
_citation.journal_full              ? 
_citation.journal_issue             ? 
_citation.journal_volume            45 
_citation.language                  ? 
_citation.page_first                8378 
_citation.page_last                 8391 
_citation.title                     
;Functional and structural analysis of AT-specific minor groove binders that disrupt DNA-protein interactions and cause disintegration of the Trypanosoma brucei kinetoplast.
;
_citation.year                      2017 
_citation.database_id_CSD           ? 
_citation.pdbx_database_id_DOI      10.1093/nar/gkx521 
_citation.pdbx_database_id_PubMed   28637278 
_citation.unpublished_flag          ? 
# 
loop_
_citation_author.citation_id 
_citation_author.name 
_citation_author.ordinal 
_citation_author.identifier_ORCID 
primary 'Millan, C.R.'       1  ? 
primary 'Acosta-Reyes, F.J.' 2  ? 
primary 'Lagartera, L.'      3  ? 
primary 'Ebiloma, G.U.'      4  ? 
primary 'Lemgruber, L.'      5  ? 
primary 'Nue Martinez, J.J.' 6  ? 
primary 'Saperas, N.'        7  ? 
primary 'Dardonville, C.'    8  ? 
primary 'de Koning, H.P.'    9  ? 
primary 'Campos, J.L.'       10 ? 
# 
loop_
_entity.id 
_entity.type 
_entity.src_method 
_entity.pdbx_description 
_entity.formula_weight 
_entity.pdbx_number_of_molecules 
_entity.pdbx_ec 
_entity.pdbx_mutation 
_entity.pdbx_fragment 
_entity.details 
1 polymer     syn 
;DNA (5'-D(*AP*AP*AP*TP*TP*T)-3')
;
1807.241 4  ? ? ? ? 
2 non-polymer syn '[4-[(3-chloranyl-4-imidazolidin-2-ylideneazaniumyl-phenyl)carbamoyl]phenyl]-imidazolidin-2-ylidene-azanium' 
399.877  3  ? ? ? ? 
3 non-polymer syn 'MAGNESIUM ION'                                                                                              
24.305   3  ? ? ? ? 
4 water       nat water                                                                                                        
18.015   95 ? ? ? ? 
# 
_entity_poly.entity_id                      1 
_entity_poly.type                           polydeoxyribonucleotide 
_entity_poly.nstd_linkage                   no 
_entity_poly.nstd_monomer                   no 
_entity_poly.pdbx_seq_one_letter_code       '(DA)(DA)(DA)(DT)(DT)(DT)' 
_entity_poly.pdbx_seq_one_letter_code_can   AAATTT 
_entity_poly.pdbx_strand_id                 D,C,A,B 
_entity_poly.pdbx_target_identifier         ? 
# 
loop_
_pdbx_entity_nonpoly.entity_id 
_pdbx_entity_nonpoly.name 
_pdbx_entity_nonpoly.comp_id 
2 '[4-[(3-chloranyl-4-imidazolidin-2-ylideneazaniumyl-phenyl)carbamoyl]phenyl]-imidazolidin-2-ylidene-azanium' EZK 
3 'MAGNESIUM ION'                                                                                              MG  
4 water                                                                                                        HOH 
# 
loop_
_entity_poly_seq.entity_id 
_entity_poly_seq.num 
_entity_poly_seq.mon_id 
_entity_poly_seq.hetero 
1 1 DA n 
1 2 DA n 
1 3 DA n 
1 4 DT n 
1 5 DT n 
1 6 DT n 
# 
_pdbx_entity_src_syn.entity_id              1 
_pdbx_entity_src_syn.pdbx_src_id            1 
_pdbx_entity_src_syn.pdbx_alt_source_flag   sample 
_pdbx_entity_src_syn.pdbx_beg_seq_num       1 
_pdbx_entity_src_syn.pdbx_end_seq_num       6 
_pdbx_entity_src_syn.organism_scientific    'Trypanosoma brucei' 
_pdbx_entity_src_syn.organism_common_name   ? 
_pdbx_entity_src_syn.ncbi_taxonomy_id       5691 
_pdbx_entity_src_syn.details                ? 
# 
loop_
_chem_comp.id 
_chem_comp.type 
_chem_comp.mon_nstd_flag 
_chem_comp.name 
_chem_comp.pdbx_synonyms 
_chem_comp.formula 
_chem_comp.formula_weight 
DA  'DNA linking' y "2'-DEOXYADENOSINE-5'-MONOPHOSPHATE"                                                                         ? 
'C10 H14 N5 O6 P'   331.222 
DT  'DNA linking' y "THYMIDINE-5'-MONOPHOSPHATE"                                                                                 ? 
'C10 H15 N2 O8 P'   322.208 
EZK non-polymer   . '[4-[(3-chloranyl-4-imidazolidin-2-ylideneazaniumyl-phenyl)carbamoyl]phenyl]-imidazolidin-2-ylidene-azanium' ? 
'C19 H22 Cl N7 O 2' 399.877 
HOH non-polymer   . WATER                                                                                                        ? 
'H2 O'              18.015  
MG  non-polymer   . 'MAGNESIUM ION'                                                                                              ? 
'Mg 2'              24.305  
# 
loop_
_pdbx_poly_seq_scheme.asym_id 
_pdbx_poly_seq_scheme.entity_id 
_pdbx_poly_seq_scheme.seq_id 
_pdbx_poly_seq_scheme.mon_id 
_pdbx_poly_seq_scheme.ndb_seq_num 
_pdbx_poly_seq_scheme.pdb_seq_num 
_pdbx_poly_seq_scheme.auth_seq_num 
_pdbx_poly_seq_scheme.pdb_mon_id 
_pdbx_poly_seq_scheme.auth_mon_id 
_pdbx_poly_seq_scheme.pdb_strand_id 
_pdbx_poly_seq_scheme.pdb_ins_code 
_pdbx_poly_seq_scheme.hetero 
A 1 1 DA 1 1 1 DA DA D . n 
A 1 2 DA 2 2 2 DA DA D . n 
A 1 3 DA 3 3 3 DA DA D . n 
A 1 4 DT 4 4 4 DT DT D . n 
A 1 5 DT 5 5 5 DT DT D . n 
A 1 6 DT 6 6 6 DT T  D . n 
B 1 1 DA 1 1 1 DA DA C . n 
B 1 2 DA 2 2 2 DA A  C . n 
B 1 3 DA 3 3 3 DA A  C . n 
B 1 4 DT 4 4 4 DT DT C . n 
B 1 5 DT 5 5 5 DT DT C . n 
B 1 6 DT 6 6 6 DT DT C . n 
C 1 1 DA 1 1 1 DA DA A . n 
C 1 2 DA 2 2 2 DA A  A . n 
C 1 3 DA 3 3 3 DA A  A . n 
C 1 4 DT 4 4 4 DT DT A . n 
C 1 5 DT 5 5 5 DT DT A . n 
C 1 6 DT 6 6 6 DT DT A . n 
D 1 1 DA 1 1 1 DA DA B . n 
D 1 2 DA 2 2 2 DA DA B . n 
D 1 3 DA 3 3 3 DA DA B . n 
D 1 4 DT 4 4 4 DT DT B . n 
D 1 5 DT 5 5 5 DT DT B . n 
D 1 6 DT 6 6 6 DT T  B . n 
# 
loop_
_pdbx_nonpoly_scheme.asym_id 
_pdbx_nonpoly_scheme.entity_id 
_pdbx_nonpoly_scheme.mon_id 
_pdbx_nonpoly_scheme.ndb_seq_num 
_pdbx_nonpoly_scheme.pdb_seq_num 
_pdbx_nonpoly_scheme.auth_seq_num 
_pdbx_nonpoly_scheme.pdb_mon_id 
_pdbx_nonpoly_scheme.auth_mon_id 
_pdbx_nonpoly_scheme.pdb_strand_id 
_pdbx_nonpoly_scheme.pdb_ins_code 
E 2 EZK 1  101 1   EZK LIG D . 
F 2 EZK 1  101 1   EZK LIG C . 
G 3 MG  1  102 96  MG  MG  C . 
H 3 MG  1  101 94  MG  MG  A . 
I 2 EZK 1  101 1   EZK LIG B . 
J 3 MG  1  102 95  MG  MG  B . 
K 4 HOH 1  201 58  HOH HOH D . 
K 4 HOH 2  202 32  HOH HOH D . 
K 4 HOH 3  203 71  HOH HOH D . 
K 4 HOH 4  204 23  HOH HOH D . 
K 4 HOH 5  205 16  HOH HOH D . 
K 4 HOH 6  206 97  HOH HOH D . 
K 4 HOH 7  207 85  HOH HOH D . 
K 4 HOH 8  208 7   HOH HOH D . 
K 4 HOH 9  209 57  HOH HOH D . 
K 4 HOH 10 210 90  HOH HOH D . 
K 4 HOH 11 211 14  HOH HOH D . 
K 4 HOH 12 212 44  HOH HOH D . 
K 4 HOH 13 213 59  HOH HOH D . 
K 4 HOH 14 214 8   HOH HOH D . 
K 4 HOH 15 215 18  HOH HOH D . 
K 4 HOH 16 216 54  HOH HOH D . 
K 4 HOH 17 217 68  HOH HOH D . 
K 4 HOH 18 218 69  HOH HOH D . 
K 4 HOH 19 219 70  HOH HOH D . 
K 4 HOH 20 220 86  HOH HOH D . 
L 4 HOH 1  201 105 HOH HOH C . 
L 4 HOH 2  202 101 HOH HOH C . 
L 4 HOH 3  203 26  HOH HOH C . 
L 4 HOH 4  204 99  HOH HOH C . 
L 4 HOH 5  205 29  HOH HOH C . 
L 4 HOH 6  206 45  HOH HOH C . 
L 4 HOH 7  207 9   HOH HOH C . 
L 4 HOH 8  208 36  HOH HOH C . 
L 4 HOH 9  209 33  HOH HOH C . 
L 4 HOH 10 210 80  HOH HOH C . 
L 4 HOH 11 211 43  HOH HOH C . 
L 4 HOH 12 212 104 HOH HOH C . 
L 4 HOH 13 213 82  HOH HOH C . 
L 4 HOH 14 214 81  HOH HOH C . 
L 4 HOH 15 215 98  HOH HOH C . 
L 4 HOH 16 216 100 HOH HOH C . 
L 4 HOH 17 217 79  HOH HOH C . 
L 4 HOH 18 218 84  HOH HOH C . 
L 4 HOH 19 219 27  HOH HOH C . 
L 4 HOH 20 220 30  HOH HOH C . 
L 4 HOH 21 221 67  HOH HOH C . 
L 4 HOH 22 222 83  HOH HOH C . 
L 4 HOH 23 223 50  HOH HOH C . 
L 4 HOH 24 224 47  HOH HOH C . 
L 4 HOH 25 225 39  HOH HOH C . 
L 4 HOH 26 226 66  HOH HOH C . 
M 4 HOH 1  201 74  HOH HOH A . 
M 4 HOH 2  202 4   HOH HOH A . 
M 4 HOH 3  203 60  HOH HOH A . 
M 4 HOH 4  204 21  HOH HOH A . 
M 4 HOH 5  205 89  HOH HOH A . 
M 4 HOH 6  206 42  HOH HOH A . 
M 4 HOH 7  207 2   HOH HOH A . 
M 4 HOH 8  208 73  HOH HOH A . 
M 4 HOH 9  209 25  HOH HOH A . 
M 4 HOH 10 210 94  HOH HOH A . 
M 4 HOH 11 211 10  HOH HOH A . 
M 4 HOH 12 212 5   HOH HOH A . 
M 4 HOH 13 213 88  HOH HOH A . 
M 4 HOH 14 214 13  HOH HOH A . 
M 4 HOH 15 215 20  HOH HOH A . 
M 4 HOH 16 216 103 HOH HOH A . 
M 4 HOH 17 217 15  HOH HOH A . 
M 4 HOH 18 218 28  HOH HOH A . 
M 4 HOH 19 219 102 HOH HOH A . 
M 4 HOH 20 220 91  HOH HOH A . 
M 4 HOH 21 221 72  HOH HOH A . 
M 4 HOH 22 222 92  HOH HOH A . 
N 4 HOH 1  201 77  HOH HOH B . 
N 4 HOH 2  202 62  HOH HOH B . 
N 4 HOH 3  203 75  HOH HOH B . 
N 4 HOH 4  204 46  HOH HOH B . 
N 4 HOH 5  205 12  HOH HOH B . 
N 4 HOH 6  206 17  HOH HOH B . 
N 4 HOH 7  207 87  HOH HOH B . 
N 4 HOH 8  208 95  HOH HOH B . 
N 4 HOH 9  209 63  HOH HOH B . 
N 4 HOH 10 210 35  HOH HOH B . 
N 4 HOH 11 211 11  HOH HOH B . 
N 4 HOH 12 212 61  HOH HOH B . 
N 4 HOH 13 213 93  HOH HOH B . 
N 4 HOH 14 214 24  HOH HOH B . 
N 4 HOH 15 215 19  HOH HOH B . 
N 4 HOH 16 216 34  HOH HOH B . 
N 4 HOH 17 217 78  HOH HOH B . 
N 4 HOH 18 218 22  HOH HOH B . 
N 4 HOH 19 219 6   HOH HOH B . 
N 4 HOH 20 220 31  HOH HOH B . 
N 4 HOH 21 221 40  HOH HOH B . 
N 4 HOH 22 222 106 HOH HOH B . 
N 4 HOH 23 223 65  HOH HOH B . 
N 4 HOH 24 224 64  HOH HOH B . 
N 4 HOH 25 225 41  HOH HOH B . 
N 4 HOH 26 226 37  HOH HOH B . 
N 4 HOH 27 227 96  HOH HOH B . 
# 
loop_
_software.citation_id 
_software.classification 
_software.compiler_name 
_software.compiler_version 
_software.contact_author 
_software.contact_author_email 
_software.date 
_software.description 
_software.dependencies 
_software.hardware 
_software.language 
_software.location 
_software.mods 
_software.name 
_software.os 
_software.os_version 
_software.type 
_software.version 
_software.pdbx_ordinal 
? refinement       ? ? ? ? ? ? ? ? ? ? ? REFMAC  ? ? ? 5.8.0222 1 
? 'data reduction' ? ? ? ? ? ? ? ? ? ? ? iMOSFLM ? ? ? 7.2.2    2 
? 'data scaling'   ? ? ? ? ? ? ? ? ? ? ? Aimless ? ? ? 0.6.3    3 
? phasing          ? ? ? ? ? ? ? ? ? ? ? MOLREP  ? ? ? 11.4.05  4 
# 
_cell.angle_alpha                  90.00 
_cell.angle_alpha_esd              ? 
_cell.angle_beta                   93.91 
_cell.angle_beta_esd               ? 
_cell.angle_gamma                  90.00 
_cell.angle_gamma_esd              ? 
_cell.entry_id                     6GIM 
_cell.details                      ? 
_cell.formula_units_Z              ? 
_cell.length_a                     22.630 
_cell.length_a_esd                 ? 
_cell.length_b                     40.470 
_cell.length_b_esd                 ? 
_cell.length_c                     72.255 
_cell.length_c_esd                 ? 
_cell.volume                       ? 
_cell.volume_esd                   ? 
_cell.Z_PDB                        16 
_cell.reciprocal_angle_alpha       ? 
_cell.reciprocal_angle_beta        ? 
_cell.reciprocal_angle_gamma       ? 
_cell.reciprocal_angle_alpha_esd   ? 
_cell.reciprocal_angle_beta_esd    ? 
_cell.reciprocal_angle_gamma_esd   ? 
_cell.reciprocal_length_a          ? 
_cell.reciprocal_length_b          ? 
_cell.reciprocal_length_c          ? 
_cell.reciprocal_length_a_esd      ? 
_cell.reciprocal_length_b_esd      ? 
_cell.reciprocal_length_c_esd      ? 
_cell.pdbx_unique_axis             ? 
# 
_symmetry.entry_id                         6GIM 
_symmetry.cell_setting                     ? 
_symmetry.Int_Tables_number                5 
_symmetry.space_group_name_Hall            ? 
_symmetry.space_group_name_H-M             'I 1 2 1' 
_symmetry.pdbx_full_space_group_name_H-M   ? 
# 
_exptl.absorpt_coefficient_mu     ? 
_exptl.absorpt_correction_T_max   ? 
_exptl.absorpt_correction_T_min   ? 
_exptl.absorpt_correction_type    ? 
_exptl.absorpt_process_details    ? 
_exptl.entry_id                   6GIM 
_exptl.crystals_number            1 
_exptl.details                    ? 
_exptl.method                     'X-RAY DIFFRACTION' 
_exptl.method_details             ? 
# 
_exptl_crystal.colour                      ? 
_exptl_crystal.density_diffrn              ? 
_exptl_crystal.density_Matthews            2.304846 
_exptl_crystal.density_method              ? 
_exptl_crystal.density_percent_sol         46.66 
_exptl_crystal.description                 ? 
_exptl_crystal.F_000                       ? 
_exptl_crystal.id                          1 
_exptl_crystal.preparation                 ? 
_exptl_crystal.size_max                    ? 
_exptl_crystal.size_mid                    ? 
_exptl_crystal.size_min                    ? 
_exptl_crystal.size_rad                    ? 
_exptl_crystal.colour_lustre               ? 
_exptl_crystal.colour_modifier             ? 
_exptl_crystal.colour_primary              ? 
_exptl_crystal.density_meas                0.127 
_exptl_crystal.density_meas_esd            ? 
_exptl_crystal.density_meas_gt             ? 
_exptl_crystal.density_meas_lt             ? 
_exptl_crystal.density_meas_temp           ? 
_exptl_crystal.density_meas_temp_esd       ? 
_exptl_crystal.density_meas_temp_gt        ? 
_exptl_crystal.density_meas_temp_lt        ? 
_exptl_crystal.pdbx_crystal_image_url      ? 
_exptl_crystal.pdbx_crystal_image_format   ? 
_exptl_crystal.pdbx_mosaicity              ? 
_exptl_crystal.pdbx_mosaicity_esd          ? 
# 
_exptl_crystal_grow.apparatus       ? 
_exptl_crystal_grow.atmosphere      ? 
_exptl_crystal_grow.crystal_id      1 
_exptl_crystal_grow.details         ? 
_exptl_crystal_grow.method          'VAPOR DIFFUSION, HANGING DROP' 
_exptl_crystal_grow.method_ref      ? 
_exptl_crystal_grow.pH              6 
_exptl_crystal_grow.pressure        ? 
_exptl_crystal_grow.pressure_esd    ? 
_exptl_crystal_grow.seeding         ? 
_exptl_crystal_grow.seeding_ref     ? 
_exptl_crystal_grow.temp            277 
_exptl_crystal_grow.temp_details    ? 
_exptl_crystal_grow.temp_esd        ? 
_exptl_crystal_grow.time            ? 
_exptl_crystal_grow.pdbx_details    
'10 mM magnesium acetate, 0.1 mM spermine, 5% 2-methyl-2,4-pentanediol (MPD); equilibrated against 20% MPD reservoir' 
_exptl_crystal_grow.pdbx_pH_range   ? 
# 
_diffrn.ambient_environment    ? 
_diffrn.ambient_temp           100 
_diffrn.ambient_temp_details   ? 
_diffrn.ambient_temp_esd       ? 
_diffrn.crystal_id             1 
_diffrn.crystal_support        ? 
_diffrn.crystal_treatment      ? 
_diffrn.details                ? 
_diffrn.id                     1 
_diffrn.ambient_pressure       ? 
_diffrn.ambient_pressure_esd   ? 
_diffrn.ambient_pressure_gt    ? 
_diffrn.ambient_pressure_lt    ? 
_diffrn.ambient_temp_gt        ? 
_diffrn.ambient_temp_lt        ? 
# 
_diffrn_detector.details                      ? 
_diffrn_detector.detector                     PIXEL 
_diffrn_detector.diffrn_id                    1 
_diffrn_detector.type                         'DECTRIS PILATUS 6M' 
_diffrn_detector.area_resol_mean              ? 
_diffrn_detector.dtime                        ? 
_diffrn_detector.pdbx_frames_total            ? 
_diffrn_detector.pdbx_collection_time_total   ? 
_diffrn_detector.pdbx_collection_date         2017-07-27 
# 
_diffrn_radiation.collimation                      ? 
_diffrn_radiation.diffrn_id                        1 
_diffrn_radiation.filter_edge                      ? 
_diffrn_radiation.inhomogeneity                    ? 
_diffrn_radiation.monochromator                    ? 
_diffrn_radiation.polarisn_norm                    ? 
_diffrn_radiation.polarisn_ratio                   ? 
_diffrn_radiation.probe                            ? 
_diffrn_radiation.type                             ? 
_diffrn_radiation.xray_symbol                      ? 
_diffrn_radiation.wavelength_id                    1 
_diffrn_radiation.pdbx_monochromatic_or_laue_m_l   M 
_diffrn_radiation.pdbx_wavelength_list             ? 
_diffrn_radiation.pdbx_wavelength                  ? 
_diffrn_radiation.pdbx_diffrn_protocol             'SINGLE WAVELENGTH' 
_diffrn_radiation.pdbx_analyzer                    ? 
_diffrn_radiation.pdbx_scattering_type             x-ray 
# 
_diffrn_radiation_wavelength.id           1 
_diffrn_radiation_wavelength.wavelength   0.9791 
_diffrn_radiation_wavelength.wt           1.0 
# 
_diffrn_source.current                     ? 
_diffrn_source.details                     ? 
_diffrn_source.diffrn_id                   1 
_diffrn_source.power                       ? 
_diffrn_source.size                        ? 
_diffrn_source.source                      SYNCHROTRON 
_diffrn_source.target                      ? 
_diffrn_source.type                        'ALBA BEAMLINE XALOC' 
_diffrn_source.voltage                     ? 
_diffrn_source.take-off_angle              ? 
_diffrn_source.pdbx_wavelength_list        0.9791 
_diffrn_source.pdbx_wavelength             ? 
_diffrn_source.pdbx_synchrotron_beamline   XALOC 
_diffrn_source.pdbx_synchrotron_site       ALBA 
# 
_reflns.B_iso_Wilson_estimate            12.7 
_reflns.entry_id                         6GIM 
_reflns.data_reduction_details           ? 
_reflns.data_reduction_method            ? 
_reflns.d_resolution_high                1.43 
_reflns.d_resolution_low                 36.04 
_reflns.details                          ? 
_reflns.limit_h_max                      ? 
_reflns.limit_h_min                      ? 
_reflns.limit_k_max                      ? 
_reflns.limit_k_min                      ? 
_reflns.limit_l_max                      ? 
_reflns.limit_l_min                      ? 
_reflns.number_all                       ? 
_reflns.number_obs                       12256 
_reflns.observed_criterion               ? 
_reflns.observed_criterion_F_max         ? 
_reflns.observed_criterion_F_min         ? 
_reflns.observed_criterion_I_max         ? 
_reflns.observed_criterion_I_min         ? 
_reflns.observed_criterion_sigma_F       ? 
_reflns.observed_criterion_sigma_I       ? 
_reflns.percent_possible_obs             99.5 
_reflns.R_free_details                   ? 
_reflns.Rmerge_F_all                     ? 
_reflns.Rmerge_F_obs                     ? 
_reflns.Friedel_coverage                 ? 
_reflns.number_gt                        ? 
_reflns.threshold_expression             ? 
_reflns.pdbx_redundancy                  4 
_reflns.pdbx_Rmerge_I_obs                0.073 
_reflns.pdbx_Rmerge_I_all                ? 
_reflns.pdbx_Rsym_value                  ? 
_reflns.pdbx_netI_over_av_sigmaI         13.4 
_reflns.pdbx_netI_over_sigmaI            2.79 
_reflns.pdbx_res_netI_over_av_sigmaI_2   ? 
_reflns.pdbx_res_netI_over_sigmaI_2      ? 
_reflns.pdbx_chi_squared                 0.92 
_reflns.pdbx_scaling_rejects             ? 
_reflns.pdbx_d_res_high_opt              ? 
_reflns.pdbx_d_res_low_opt               ? 
_reflns.pdbx_d_res_opt_method            ? 
_reflns.phase_calculation_details        ? 
_reflns.pdbx_Rrim_I_all                  0.081 
_reflns.pdbx_Rpim_I_all                  0.033 
_reflns.pdbx_d_opt                       ? 
_reflns.pdbx_number_measured_all         ? 
_reflns.pdbx_diffrn_id                   1 
_reflns.pdbx_ordinal                     1 
_reflns.pdbx_CC_half                     0.995 
_reflns.pdbx_R_split                     ? 
# 
_reflns_shell.d_res_high                  1.43 
_reflns_shell.d_res_low                   7.81 
_reflns_shell.meanI_over_sigI_all         ? 
_reflns_shell.meanI_over_sigI_obs         3.1 
_reflns_shell.number_measured_all         ? 
_reflns_shell.number_measured_obs         ? 
_reflns_shell.number_possible             ? 
_reflns_shell.number_unique_all           ? 
_reflns_shell.number_unique_obs           602 
_reflns_shell.percent_possible_all        99.7 
_reflns_shell.percent_possible_obs        ? 
_reflns_shell.Rmerge_F_all                ? 
_reflns_shell.Rmerge_F_obs                ? 
_reflns_shell.Rmerge_I_all                ? 
_reflns_shell.Rmerge_I_obs                0.581 
_reflns_shell.meanI_over_sigI_gt          ? 
_reflns_shell.meanI_over_uI_all           ? 
_reflns_shell.meanI_over_uI_gt            ? 
_reflns_shell.number_measured_gt          ? 
_reflns_shell.number_unique_gt            ? 
_reflns_shell.percent_possible_gt         ? 
_reflns_shell.Rmerge_F_gt                 ? 
_reflns_shell.Rmerge_I_gt                 ? 
_reflns_shell.pdbx_redundancy             ? 
_reflns_shell.pdbx_Rsym_value             ? 
_reflns_shell.pdbx_chi_squared            0.72 
_reflns_shell.pdbx_netI_over_sigmaI_all   ? 
_reflns_shell.pdbx_netI_over_sigmaI_obs   ? 
_reflns_shell.pdbx_Rrim_I_all             0.642 
_reflns_shell.pdbx_Rpim_I_all             0.376 
_reflns_shell.pdbx_rejects                ? 
_reflns_shell.pdbx_ordinal                1 
_reflns_shell.pdbx_diffrn_id              1 
_reflns_shell.pdbx_CC_half                0.858 
_reflns_shell.pdbx_R_split                ? 
# 
_refine.aniso_B[1][1]                            0.42 
_refine.aniso_B[1][2]                            0.00 
_refine.aniso_B[1][3]                            0.71 
_refine.aniso_B[2][2]                            -0.63 
_refine.aniso_B[2][3]                            0.00 
_refine.aniso_B[3][3]                            0.11 
_refine.B_iso_max                                ? 
_refine.B_iso_mean                               16.164 
_refine.B_iso_min                                ? 
_refine.correlation_coeff_Fo_to_Fc               0.978 
_refine.correlation_coeff_Fo_to_Fc_free          0.948 
_refine.details                                  'HYDROGENS HAVE BEEN ADDED IN THE RIDING POSITIONS' 
_refine.diff_density_max                         ? 
_refine.diff_density_max_esd                     ? 
_refine.diff_density_min                         ? 
_refine.diff_density_min_esd                     ? 
_refine.diff_density_rms                         ? 
_refine.diff_density_rms_esd                     ? 
_refine.entry_id                                 6GIM 
_refine.pdbx_refine_id                           'X-RAY DIFFRACTION' 
_refine.ls_abs_structure_details                 ? 
_refine.ls_abs_structure_Flack                   ? 
_refine.ls_abs_structure_Flack_esd               ? 
_refine.ls_abs_structure_Rogers                  ? 
_refine.ls_abs_structure_Rogers_esd              ? 
_refine.ls_d_res_high                            1.43 
_refine.ls_d_res_low                             36.04 
_refine.ls_extinction_coef                       ? 
_refine.ls_extinction_coef_esd                   ? 
_refine.ls_extinction_expression                 ? 
_refine.ls_extinction_method                     ? 
_refine.ls_goodness_of_fit_all                   ? 
_refine.ls_goodness_of_fit_all_esd               ? 
_refine.ls_goodness_of_fit_obs                   ? 
_refine.ls_goodness_of_fit_obs_esd               ? 
_refine.ls_hydrogen_treatment                    ? 
_refine.ls_matrix_type                           ? 
_refine.ls_number_constraints                    ? 
_refine.ls_number_parameters                     ? 
_refine.ls_number_reflns_all                     ? 
_refine.ls_number_reflns_obs                     11306 
_refine.ls_number_reflns_R_free                  557 
_refine.ls_number_reflns_R_work                  ? 
_refine.ls_number_restraints                     ? 
_refine.ls_percent_reflns_obs                    96.79 
_refine.ls_percent_reflns_R_free                 4.7 
_refine.ls_R_factor_all                          ? 
_refine.ls_R_factor_obs                          0.14585 
_refine.ls_R_factor_R_free                       0.19286 
_refine.ls_R_factor_R_free_error                 ? 
_refine.ls_R_factor_R_free_error_details         ? 
_refine.ls_R_factor_R_work                       0.14342 
_refine.ls_R_Fsqd_factor_obs                     ? 
_refine.ls_R_I_factor_obs                        ? 
_refine.ls_redundancy_reflns_all                 ? 
_refine.ls_redundancy_reflns_obs                 ? 
_refine.ls_restrained_S_all                      ? 
_refine.ls_restrained_S_obs                      ? 
_refine.ls_shift_over_esd_max                    ? 
_refine.ls_shift_over_esd_mean                   ? 
_refine.ls_structure_factor_coef                 ? 
_refine.ls_weighting_details                     ? 
_refine.ls_weighting_scheme                      ? 
_refine.ls_wR_factor_all                         ? 
_refine.ls_wR_factor_obs                         ? 
_refine.ls_wR_factor_R_free                      ? 
_refine.ls_wR_factor_R_work                      ? 
_refine.occupancy_max                            ? 
_refine.occupancy_min                            ? 
_refine.solvent_model_details                    ? 
_refine.solvent_model_param_bsol                 ? 
_refine.solvent_model_param_ksol                 ? 
_refine.ls_R_factor_gt                           ? 
_refine.ls_goodness_of_fit_gt                    ? 
_refine.ls_goodness_of_fit_ref                   ? 
_refine.ls_shift_over_su_max                     ? 
_refine.ls_shift_over_su_max_lt                  ? 
_refine.ls_shift_over_su_mean                    ? 
_refine.ls_shift_over_su_mean_lt                 ? 
_refine.pdbx_ls_sigma_I                          ? 
_refine.pdbx_ls_sigma_F                          ? 
_refine.pdbx_ls_sigma_Fsqd                       ? 
_refine.pdbx_data_cutoff_high_absF               ? 
_refine.pdbx_data_cutoff_high_rms_absF           ? 
_refine.pdbx_data_cutoff_low_absF                ? 
_refine.pdbx_isotropic_thermal_model             ? 
_refine.pdbx_ls_cross_valid_method               THROUGHOUT 
_refine.pdbx_method_to_determine_struct          'MOLECULAR REPLACEMENT' 
_refine.pdbx_starting_model                      'Idealised DNA model from TURBO' 
_refine.pdbx_stereochemistry_target_values       ? 
_refine.pdbx_R_Free_selection_details            RANDOM 
_refine.pdbx_stereochem_target_val_spec_case     ? 
_refine.pdbx_overall_ESU_R                       0.074 
_refine.pdbx_overall_ESU_R_Free                  0.068 
_refine.pdbx_solvent_vdw_probe_radii             1.20 
_refine.pdbx_solvent_ion_probe_radii             0.80 
_refine.pdbx_solvent_shrinkage_radii             0.80 
_refine.pdbx_real_space_R                        ? 
_refine.pdbx_density_correlation                 ? 
_refine.pdbx_pd_number_of_powder_patterns        ? 
_refine.pdbx_pd_number_of_points                 ? 
_refine.pdbx_pd_meas_number_of_points            ? 
_refine.pdbx_pd_proc_ls_prof_R_factor            ? 
_refine.pdbx_pd_proc_ls_prof_wR_factor           ? 
_refine.pdbx_pd_Marquardt_correlation_coeff      ? 
_refine.pdbx_pd_Fsqrd_R_factor                   ? 
_refine.pdbx_pd_ls_matrix_band_width             ? 
_refine.pdbx_overall_phase_error                 ? 
_refine.pdbx_overall_SU_R_free_Cruickshank_DPI   ? 
_refine.pdbx_overall_SU_R_free_Blow_DPI          ? 
_refine.pdbx_overall_SU_R_Blow_DPI               ? 
_refine.pdbx_TLS_residual_ADP_flag               ? 
_refine.pdbx_diffrn_id                           1 
_refine.overall_SU_B                             2.476 
_refine.overall_SU_ML                            0.044 
_refine.overall_SU_R_Cruickshank_DPI             ? 
_refine.overall_SU_R_free                        ? 
_refine.overall_FOM_free_R_set                   ? 
_refine.overall_FOM_work_R_set                   ? 
_refine.pdbx_average_fsc_overall                 ? 
_refine.pdbx_average_fsc_work                    ? 
_refine.pdbx_average_fsc_free                    ? 
# 
_refine_hist.pdbx_refine_id                   'X-RAY DIFFRACTION' 
_refine_hist.cycle_id                         1 
_refine_hist.pdbx_number_atoms_protein        0 
_refine_hist.pdbx_number_atoms_nucleic_acid   480 
_refine_hist.pdbx_number_atoms_ligand         87 
_refine_hist.number_atoms_solvent             96 
_refine_hist.number_atoms_total               663 
_refine_hist.d_res_high                       1.43 
_refine_hist.d_res_low                        36.04 
# 
loop_
_refine_ls_restr.pdbx_refine_id 
_refine_ls_restr.criterion 
_refine_ls_restr.dev_ideal 
_refine_ls_restr.dev_ideal_target 
_refine_ls_restr.number 
_refine_ls_restr.rejects 
_refine_ls_restr.type 
_refine_ls_restr.weight 
_refine_ls_restr.pdbx_restraint_function 
'X-RAY DIFFRACTION' ? 0.012  0.011  629 ? r_bond_refined_d             ? ? 
'X-RAY DIFFRACTION' ? 0.006  0.020  340 ? r_bond_other_d               ? ? 
'X-RAY DIFFRACTION' ? 1.937  1.391  946 ? r_angle_refined_deg          ? ? 
'X-RAY DIFFRACTION' ? 1.682  2.749  790 ? r_angle_other_deg            ? ? 
'X-RAY DIFFRACTION' ? ?      ?      ?   ? r_dihedral_angle_1_deg       ? ? 
'X-RAY DIFFRACTION' ? 8.680  10.000 12  ? r_dihedral_angle_2_deg       ? ? 
'X-RAY DIFFRACTION' ? ?      ?      ?   ? r_dihedral_angle_3_deg       ? ? 
'X-RAY DIFFRACTION' ? ?      ?      ?   ? r_dihedral_angle_4_deg       ? ? 
'X-RAY DIFFRACTION' ? 0.088  0.200  72  ? r_chiral_restr               ? ? 
'X-RAY DIFFRACTION' ? 0.023  0.020  426 ? r_gen_planes_refined         ? ? 
'X-RAY DIFFRACTION' ? 0.003  0.020  138 ? r_gen_planes_other           ? ? 
'X-RAY DIFFRACTION' ? ?      ?      ?   ? r_nbd_refined                ? ? 
'X-RAY DIFFRACTION' ? ?      ?      ?   ? r_nbd_other                  ? ? 
'X-RAY DIFFRACTION' ? ?      ?      ?   ? r_nbtor_refined              ? ? 
'X-RAY DIFFRACTION' ? ?      ?      ?   ? r_nbtor_other                ? ? 
'X-RAY DIFFRACTION' ? ?      ?      ?   ? r_xyhbond_nbd_refined        ? ? 
'X-RAY DIFFRACTION' ? ?      ?      ?   ? r_xyhbond_nbd_other          ? ? 
'X-RAY DIFFRACTION' ? ?      ?      ?   ? r_metal_ion_refined          ? ? 
'X-RAY DIFFRACTION' ? ?      ?      ?   ? r_metal_ion_other            ? ? 
'X-RAY DIFFRACTION' ? ?      ?      ?   ? r_symmetry_vdw_refined       ? ? 
'X-RAY DIFFRACTION' ? ?      ?      ?   ? r_symmetry_vdw_other         ? ? 
'X-RAY DIFFRACTION' ? ?      ?      ?   ? r_symmetry_hbond_refined     ? ? 
'X-RAY DIFFRACTION' ? ?      ?      ?   ? r_symmetry_hbond_other       ? ? 
'X-RAY DIFFRACTION' ? ?      ?      ?   ? r_symmetry_metal_ion_refined ? ? 
'X-RAY DIFFRACTION' ? ?      ?      ?   ? r_symmetry_metal_ion_other   ? ? 
'X-RAY DIFFRACTION' ? ?      ?      ?   ? r_mcbond_it                  ? ? 
'X-RAY DIFFRACTION' ? ?      ?      ?   ? r_mcbond_other               ? ? 
'X-RAY DIFFRACTION' ? ?      ?      ?   ? r_mcangle_it                 ? ? 
'X-RAY DIFFRACTION' ? ?      ?      ?   ? r_mcangle_other              ? ? 
'X-RAY DIFFRACTION' ? 2.228  1.543  629 ? r_scbond_it                  ? ? 
'X-RAY DIFFRACTION' ? 2.227  1.542  630 ? r_scbond_other               ? ? 
'X-RAY DIFFRACTION' ? ?      ?      ?   ? r_scangle_it                 ? ? 
'X-RAY DIFFRACTION' ? 2.751  2.334  947 ? r_scangle_other              ? ? 
'X-RAY DIFFRACTION' ? 3.070  14.202 856 ? r_long_range_B_refined       ? ? 
'X-RAY DIFFRACTION' ? 2.910  13.735 839 ? r_long_range_B_other         ? ? 
'X-RAY DIFFRACTION' ? 3.497  3.000  968 ? r_rigid_bond_restr           ? ? 
'X-RAY DIFFRACTION' ? 15.162 5.000  70  ? r_sphericity_free            ? ? 
'X-RAY DIFFRACTION' ? 8.746  5.000  933 ? r_sphericity_bonded          ? ? 
# 
_refine_ls_shell.pdbx_refine_id                   'X-RAY DIFFRACTION' 
_refine_ls_shell.d_res_high                       1.426 
_refine_ls_shell.d_res_low                        1.463 
_refine_ls_shell.number_reflns_all                ? 
_refine_ls_shell.number_reflns_obs                ? 
_refine_ls_shell.number_reflns_R_free             37 
_refine_ls_shell.number_reflns_R_work             810 
_refine_ls_shell.percent_reflns_obs               93.90 
_refine_ls_shell.percent_reflns_R_free            ? 
_refine_ls_shell.R_factor_all                     ? 
_refine_ls_shell.R_factor_obs                     ? 
_refine_ls_shell.R_factor_R_free                  0.252 
_refine_ls_shell.R_factor_R_free_error            ? 
_refine_ls_shell.R_factor_R_work                  0.171 
_refine_ls_shell.redundancy_reflns_all            ? 
_refine_ls_shell.redundancy_reflns_obs            ? 
_refine_ls_shell.wR_factor_all                    ? 
_refine_ls_shell.wR_factor_obs                    ? 
_refine_ls_shell.wR_factor_R_free                 ? 
_refine_ls_shell.wR_factor_R_work                 ? 
_refine_ls_shell.pdbx_total_number_of_bins_used   20 
_refine_ls_shell.pdbx_phase_error                 ? 
_refine_ls_shell.pdbx_fsc_work                    ? 
_refine_ls_shell.pdbx_fsc_free                    ? 
# 
_struct.entry_id                     6GIM 
_struct.title                        
;Structure of the DNA duplex d(AAATTT)2 with [N-(3-chloro-4-((4,5-dihydro-1H-imidazol-2-yl)amino)phenyl)-4-((4,5-dihydro-1H-imidazol-2- yl)amino)benzamide] - (drug JNI18)
;
_struct.pdbx_model_details           ? 
_struct.pdbx_formula_weight          ? 
_struct.pdbx_formula_weight_method   ? 
_struct.pdbx_model_type_details      ? 
_struct.pdbx_CASP_flag               N 
# 
_struct_keywords.entry_id        6GIM 
_struct_keywords.text            
'AT-rich DNA, DNA binding drugs, Minor groove binding drugs, antiparasitic drugs, Trypanosoma brucei, DNA' 
_struct_keywords.pdbx_keywords   DNA 
# 
loop_
_struct_asym.id 
_struct_asym.pdbx_blank_PDB_chainid_flag 
_struct_asym.pdbx_modified 
_struct_asym.entity_id 
_struct_asym.details 
A N N 1 ? 
B N N 1 ? 
C N N 1 ? 
D N N 1 ? 
E N N 2 ? 
F N N 2 ? 
G N N 3 ? 
H N N 3 ? 
I N N 2 ? 
J N N 3 ? 
K N N 4 ? 
L N N 4 ? 
M N N 4 ? 
N N N 4 ? 
# 
_struct_ref.id                         1 
_struct_ref.db_name                    PDB 
_struct_ref.db_code                    6GIM 
_struct_ref.pdbx_db_accession          6GIM 
_struct_ref.pdbx_db_isoform            ? 
_struct_ref.entity_id                  1 
_struct_ref.pdbx_seq_one_letter_code   ? 
_struct_ref.pdbx_align_begin           1 
# 
loop_
_struct_ref_seq.align_id 
_struct_ref_seq.ref_id 
_struct_ref_seq.pdbx_PDB_id_code 
_struct_ref_seq.pdbx_strand_id 
_struct_ref_seq.seq_align_beg 
_struct_ref_seq.pdbx_seq_align_beg_ins_code 
_struct_ref_seq.seq_align_end 
_struct_ref_seq.pdbx_seq_align_end_ins_code 
_struct_ref_seq.pdbx_db_accession 
_struct_ref_seq.db_align_beg 
_struct_ref_seq.pdbx_db_align_beg_ins_code 
_struct_ref_seq.db_align_end 
_struct_ref_seq.pdbx_db_align_end_ins_code 
_struct_ref_seq.pdbx_auth_seq_align_beg 
_struct_ref_seq.pdbx_auth_seq_align_end 
1 1 6GIM D 1 ? 6 ? 6GIM 1 ? 6 ? 1 6 
2 1 6GIM C 1 ? 6 ? 6GIM 1 ? 6 ? 1 6 
3 1 6GIM A 1 ? 6 ? 6GIM 1 ? 6 ? 1 6 
4 1 6GIM B 1 ? 6 ? 6GIM 1 ? 6 ? 1 6 
# 
loop_
_pdbx_struct_assembly.id 
_pdbx_struct_assembly.details 
_pdbx_struct_assembly.method_details 
_pdbx_struct_assembly.oligomeric_details 
_pdbx_struct_assembly.oligomeric_count 
1 author_and_software_defined_assembly PISA dimeric 2 
2 author_and_software_defined_assembly PISA dimeric 2 
3 author_and_software_defined_assembly PISA dimeric 2 
# 
loop_
_pdbx_struct_assembly_gen.assembly_id 
_pdbx_struct_assembly_gen.oper_expression 
_pdbx_struct_assembly_gen.asym_id_list 
1 1,2 A,E,K         
2 1,3 B,F,G,L       
3 1   C,D,H,I,J,M,N 
# 
_pdbx_struct_assembly_auth_evidence.id                     1 
_pdbx_struct_assembly_auth_evidence.assembly_id            1 
_pdbx_struct_assembly_auth_evidence.experimental_support   'surface plasmon resonance' 
_pdbx_struct_assembly_auth_evidence.details                ? 
# 
loop_
_pdbx_struct_oper_list.id 
_pdbx_struct_oper_list.type 
_pdbx_struct_oper_list.name 
_pdbx_struct_oper_list.symmetry_operation 
_pdbx_struct_oper_list.matrix[1][1] 
_pdbx_struct_oper_list.matrix[1][2] 
_pdbx_struct_oper_list.matrix[1][3] 
_pdbx_struct_oper_list.vector[1] 
_pdbx_struct_oper_list.matrix[2][1] 
_pdbx_struct_oper_list.matrix[2][2] 
_pdbx_struct_oper_list.matrix[2][3] 
_pdbx_struct_oper_list.vector[2] 
_pdbx_struct_oper_list.matrix[3][1] 
_pdbx_struct_oper_list.matrix[3][2] 
_pdbx_struct_oper_list.matrix[3][3] 
_pdbx_struct_oper_list.vector[3] 
1 'identity operation'         1_555 x,y,z     1.0000000000  0.0000000000  0.0000000000 0.0000000000   0.0000000000  1.0000000000  0.0000000000  0.0000000000   0.0000000000 0.0000000000  1.0000000000 0.0000000000  
2 'crystal symmetry operation' 2_556 -x,y,-z+1 -0.6542279938 -0.3005089289 0.6940317830 17.4648338252  -0.3005089289 -0.7388290124 -0.6031799683 35.0828636352  0.6940317830 -0.6031799683 0.3930570062 6.4894191512  
3 'crystal symmetry operation' 2_655 -x+1,y,-z -0.6542279938 -0.3005089289 0.6940317830 -12.9487899961 -0.3005089289 -0.7388290124 -0.6031799683 -34.2684934406 0.6940317830 -0.6031799683 0.3930570062 -8.3867328654  
# 
loop_
_struct_conn.id 
_struct_conn.conn_type_id 
_struct_conn.pdbx_leaving_atom_flag 
_struct_conn.pdbx_PDB_id 
_struct_conn.ptnr1_label_asym_id 
_struct_conn.ptnr1_label_comp_id 
_struct_conn.ptnr1_label_seq_id 
_struct_conn.ptnr1_label_atom_id 
_struct_conn.pdbx_ptnr1_label_alt_id 
_struct_conn.pdbx_ptnr1_PDB_ins_code 
_struct_conn.pdbx_ptnr1_standard_comp_id 
_struct_conn.ptnr1_symmetry 
_struct_conn.ptnr2_label_asym_id 
_struct_conn.ptnr2_label_comp_id 
_struct_conn.ptnr2_label_seq_id 
_struct_conn.ptnr2_label_atom_id 
_struct_conn.pdbx_ptnr2_label_alt_id 
_struct_conn.pdbx_ptnr2_PDB_ins_code 
_struct_conn.ptnr1_auth_asym_id 
_struct_conn.ptnr1_auth_comp_id 
_struct_conn.ptnr1_auth_seq_id 
_struct_conn.ptnr2_auth_asym_id 
_struct_conn.ptnr2_auth_comp_id 
_struct_conn.ptnr2_auth_seq_id 
_struct_conn.ptnr2_symmetry 
_struct_conn.pdbx_ptnr3_label_atom_id 
_struct_conn.pdbx_ptnr3_label_seq_id 
_struct_conn.pdbx_ptnr3_label_comp_id 
_struct_conn.pdbx_ptnr3_label_asym_id 
_struct_conn.pdbx_ptnr3_label_alt_id 
_struct_conn.pdbx_ptnr3_PDB_ins_code 
_struct_conn.details 
_struct_conn.pdbx_dist_value 
_struct_conn.pdbx_value_order 
_struct_conn.pdbx_role 
metalc1  metalc ? ? G MG  . MG  ? ? ? 1_555 L HOH . O  ? ? C MG  102 C HOH 217 1_555 ? ? ? ? ? ? ?            2.292 ? ? 
metalc2  metalc ? ? G MG  . MG  ? ? ? 1_555 L HOH . O  ? ? C MG  102 C HOH 217 2_755 ? ? ? ? ? ? ?            2.292 ? ? 
metalc3  metalc ? ? G MG  . MG  ? ? ? 1_555 L HOH . O  ? ? C MG  102 C HOH 223 1_555 ? ? ? ? ? ? ?            2.148 ? ? 
metalc4  metalc ? ? G MG  . MG  ? ? ? 1_555 L HOH . O  ? ? C MG  102 C HOH 223 2_755 ? ? ? ? ? ? ?            2.148 ? ? 
metalc5  metalc ? ? G MG  . MG  ? ? ? 1_555 L HOH . O  ? ? C MG  102 C HOH 224 1_555 ? ? ? ? ? ? ?            1.910 ? ? 
metalc6  metalc ? ? G MG  . MG  ? ? ? 1_555 L HOH . O  ? ? C MG  102 C HOH 224 2_755 ? ? ? ? ? ? ?            1.910 ? ? 
metalc7  metalc ? ? L HOH . O   ? ? ? 1_555 J MG  . MG ? ? C HOH 220 B MG  102 1_555 ? ? ? ? ? ? ?            2.042 ? ? 
metalc8  metalc ? ? L HOH . O   ? ? ? 1_555 J MG  . MG ? ? C HOH 226 B MG  102 1_555 ? ? ? ? ? ? ?            1.980 ? ? 
metalc9  metalc ? ? C DT  4 OP1 ? ? ? 1_555 J MG  . MG ? ? A DT  4   B MG  102 1_455 ? ? ? ? ? ? ?            2.048 ? ? 
metalc10 metalc ? ? H MG  . MG  ? ? ? 1_555 M HOH . O  ? ? A MG  101 A HOH 207 1_555 ? ? ? ? ? ? ?            2.187 ? ? 
metalc11 metalc ? ? H MG  . MG  ? ? ? 1_555 M HOH . O  ? ? A MG  101 A HOH 208 1_555 ? ? ? ? ? ? ?            2.038 ? ? 
metalc12 metalc ? ? H MG  . MG  ? ? ? 1_555 M HOH . O  ? ? A MG  101 A HOH 211 1_555 ? ? ? ? ? ? ?            2.106 ? ? 
metalc13 metalc ? ? H MG  . MG  ? ? ? 1_555 M HOH . O  ? ? A MG  101 A HOH 221 1_555 ? ? ? ? ? ? ?            2.110 ? ? 
metalc14 metalc ? ? H MG  . MG  ? ? ? 1_555 N HOH . O  ? ? A MG  101 B HOH 205 4_545 ? ? ? ? ? ? ?            2.091 ? ? 
metalc15 metalc ? ? H MG  . MG  ? ? ? 1_555 N HOH . O  ? ? A MG  101 B HOH 206 4_545 ? ? ? ? ? ? ?            2.044 ? ? 
metalc16 metalc ? ? M HOH . O   ? ? ? 1_655 J MG  . MG ? ? A HOH 218 B MG  102 1_555 ? ? ? ? ? ? ?            2.059 ? ? 
metalc17 metalc ? ? J MG  . MG  ? ? ? 1_555 N HOH . O  ? ? B MG  102 B HOH 210 1_555 ? ? ? ? ? ? ?            1.915 ? ? 
hydrog1  hydrog ? ? C DA  1 N1  ? ? ? 1_555 D DT  6 N3 ? ? A DA  1   B DT  6   1_555 ? ? ? ? ? ? WATSON-CRICK ?     ? ? 
hydrog2  hydrog ? ? C DA  1 N6  ? ? ? 1_555 D DT  6 O4 ? ? A DA  1   B DT  6   1_555 ? ? ? ? ? ? WATSON-CRICK ?     ? ? 
hydrog3  hydrog ? ? C DA  2 N1  ? ? ? 1_555 D DT  5 N3 ? ? A DA  2   B DT  5   1_555 ? ? ? ? ? ? WATSON-CRICK ?     ? ? 
hydrog4  hydrog ? ? C DA  2 N6  ? ? ? 1_555 D DT  5 O4 ? ? A DA  2   B DT  5   1_555 ? ? ? ? ? ? WATSON-CRICK ?     ? ? 
hydrog5  hydrog ? ? C DA  3 N1  ? ? ? 1_555 D DT  4 N3 ? ? A DA  3   B DT  4   1_555 ? ? ? ? ? ? WATSON-CRICK ?     ? ? 
hydrog6  hydrog ? ? C DA  3 N6  ? ? ? 1_555 D DT  4 O4 ? ? A DA  3   B DT  4   1_555 ? ? ? ? ? ? WATSON-CRICK ?     ? ? 
hydrog7  hydrog ? ? C DT  4 N3  ? ? ? 1_555 D DA  3 N1 ? ? A DT  4   B DA  3   1_555 ? ? ? ? ? ? WATSON-CRICK ?     ? ? 
hydrog8  hydrog ? ? C DT  4 O4  ? ? ? 1_555 D DA  3 N6 ? ? A DT  4   B DA  3   1_555 ? ? ? ? ? ? WATSON-CRICK ?     ? ? 
hydrog9  hydrog ? ? C DT  5 N3  ? ? ? 1_555 D DA  2 N1 ? ? A DT  5   B DA  2   1_555 ? ? ? ? ? ? WATSON-CRICK ?     ? ? 
hydrog10 hydrog ? ? C DT  5 O4  ? ? ? 1_555 D DA  2 N6 ? ? A DT  5   B DA  2   1_555 ? ? ? ? ? ? WATSON-CRICK ?     ? ? 
hydrog11 hydrog ? ? C DT  6 N3  ? ? ? 1_555 D DA  1 N1 ? ? A DT  6   B DA  1   1_555 ? ? ? ? ? ? WATSON-CRICK ?     ? ? 
hydrog12 hydrog ? ? C DT  6 O4  ? ? ? 1_555 D DA  1 N6 ? ? A DT  6   B DA  1   1_555 ? ? ? ? ? ? WATSON-CRICK ?     ? ? 
hydrog13 hydrog ? ? B DA  1 N1  ? ? ? 1_555 B DT  6 N3 ? ? C DA  1   C DT  6   2_655 ? ? ? ? ? ? WATSON-CRICK ?     ? ? 
hydrog14 hydrog ? ? B DA  1 N6  ? ? ? 1_555 B DT  6 O4 ? ? C DA  1   C DT  6   2_655 ? ? ? ? ? ? WATSON-CRICK ?     ? ? 
hydrog15 hydrog ? ? B DA  2 N1  ? ? ? 1_555 B DT  5 N3 ? ? C DA  2   C DT  5   2_655 ? ? ? ? ? ? WATSON-CRICK ?     ? ? 
hydrog16 hydrog ? ? B DA  2 N6  ? ? ? 1_555 B DT  5 O4 ? ? C DA  2   C DT  5   2_655 ? ? ? ? ? ? WATSON-CRICK ?     ? ? 
hydrog17 hydrog ? ? B DA  3 N1  ? ? ? 1_555 B DT  4 N3 ? ? C DA  3   C DT  4   2_655 ? ? ? ? ? ? WATSON-CRICK ?     ? ? 
hydrog18 hydrog ? ? B DA  3 N6  ? ? ? 1_555 B DT  4 O4 ? ? C DA  3   C DT  4   2_655 ? ? ? ? ? ? WATSON-CRICK ?     ? ? 
hydrog19 hydrog ? ? B DT  4 N3  ? ? ? 1_555 B DA  3 N1 ? ? C DT  4   C DA  3   2_655 ? ? ? ? ? ? WATSON-CRICK ?     ? ? 
hydrog20 hydrog ? ? B DT  4 O4  ? ? ? 1_555 B DA  3 N6 ? ? C DT  4   C DA  3   2_655 ? ? ? ? ? ? WATSON-CRICK ?     ? ? 
hydrog21 hydrog ? ? B DT  5 N3  ? ? ? 1_555 B DA  2 N1 ? ? C DT  5   C DA  2   2_655 ? ? ? ? ? ? WATSON-CRICK ?     ? ? 
hydrog22 hydrog ? ? B DT  5 O4  ? ? ? 1_555 B DA  2 N6 ? ? C DT  5   C DA  2   2_655 ? ? ? ? ? ? WATSON-CRICK ?     ? ? 
hydrog23 hydrog ? ? B DT  6 N3  ? ? ? 1_555 B DA  1 N1 ? ? C DT  6   C DA  1   2_655 ? ? ? ? ? ? WATSON-CRICK ?     ? ? 
hydrog24 hydrog ? ? B DT  6 O4  ? ? ? 1_555 B DA  1 N6 ? ? C DT  6   C DA  1   2_655 ? ? ? ? ? ? WATSON-CRICK ?     ? ? 
hydrog25 hydrog ? ? A DA  1 N1  ? ? ? 1_555 A DT  6 N3 ? ? D DA  1   D DT  6   2_556 ? ? ? ? ? ? WATSON-CRICK ?     ? ? 
hydrog26 hydrog ? ? A DA  1 N6  ? ? ? 1_555 A DT  6 O4 ? ? D DA  1   D DT  6   2_556 ? ? ? ? ? ? WATSON-CRICK ?     ? ? 
hydrog27 hydrog ? ? A DA  2 N1  ? ? ? 1_555 A DT  5 N3 ? ? D DA  2   D DT  5   2_556 ? ? ? ? ? ? WATSON-CRICK ?     ? ? 
hydrog28 hydrog ? ? A DA  2 N6  ? ? ? 1_555 A DT  5 O4 ? ? D DA  2   D DT  5   2_556 ? ? ? ? ? ? WATSON-CRICK ?     ? ? 
hydrog29 hydrog ? ? A DA  3 N1  ? ? ? 1_555 A DT  4 N3 ? ? D DA  3   D DT  4   2_556 ? ? ? ? ? ? WATSON-CRICK ?     ? ? 
hydrog30 hydrog ? ? A DA  3 N6  ? ? ? 1_555 A DT  4 O4 ? ? D DA  3   D DT  4   2_556 ? ? ? ? ? ? WATSON-CRICK ?     ? ? 
hydrog31 hydrog ? ? A DT  4 N3  ? ? ? 1_555 A DA  3 N1 ? ? D DT  4   D DA  3   2_556 ? ? ? ? ? ? WATSON-CRICK ?     ? ? 
hydrog32 hydrog ? ? A DT  4 O4  ? ? ? 1_555 A DA  3 N6 ? ? D DT  4   D DA  3   2_556 ? ? ? ? ? ? WATSON-CRICK ?     ? ? 
hydrog33 hydrog ? ? A DT  5 N3  ? ? ? 1_555 A DA  2 N1 ? ? D DT  5   D DA  2   2_556 ? ? ? ? ? ? WATSON-CRICK ?     ? ? 
hydrog34 hydrog ? ? A DT  5 O4  ? ? ? 1_555 A DA  2 N6 ? ? D DT  5   D DA  2   2_556 ? ? ? ? ? ? WATSON-CRICK ?     ? ? 
hydrog35 hydrog ? ? A DT  6 N3  ? ? ? 1_555 A DA  1 N1 ? ? D DT  6   D DA  1   2_556 ? ? ? ? ? ? WATSON-CRICK ?     ? ? 
hydrog36 hydrog ? ? A DT  6 O4  ? ? ? 1_555 A DA  1 N6 ? ? D DT  6   D DA  1   2_556 ? ? ? ? ? ? WATSON-CRICK ?     ? ? 
# 
loop_
_struct_conn_type.id 
_struct_conn_type.criteria 
_struct_conn_type.reference 
metalc ? ? 
hydrog ? ? 
# 
loop_
_pdbx_struct_conn_angle.id 
_pdbx_struct_conn_angle.ptnr1_label_atom_id 
_pdbx_struct_conn_angle.ptnr1_label_alt_id 
_pdbx_struct_conn_angle.ptnr1_label_asym_id 
_pdbx_struct_conn_angle.ptnr1_label_comp_id 
_pdbx_struct_conn_angle.ptnr1_label_seq_id 
_pdbx_struct_conn_angle.ptnr1_auth_atom_id 
_pdbx_struct_conn_angle.ptnr1_auth_asym_id 
_pdbx_struct_conn_angle.ptnr1_auth_comp_id 
_pdbx_struct_conn_angle.ptnr1_auth_seq_id 
_pdbx_struct_conn_angle.ptnr1_PDB_ins_code 
_pdbx_struct_conn_angle.ptnr1_symmetry 
_pdbx_struct_conn_angle.ptnr2_label_atom_id 
_pdbx_struct_conn_angle.ptnr2_label_alt_id 
_pdbx_struct_conn_angle.ptnr2_label_asym_id 
_pdbx_struct_conn_angle.ptnr2_label_comp_id 
_pdbx_struct_conn_angle.ptnr2_label_seq_id 
_pdbx_struct_conn_angle.ptnr2_auth_atom_id 
_pdbx_struct_conn_angle.ptnr2_auth_asym_id 
_pdbx_struct_conn_angle.ptnr2_auth_comp_id 
_pdbx_struct_conn_angle.ptnr2_auth_seq_id 
_pdbx_struct_conn_angle.ptnr2_PDB_ins_code 
_pdbx_struct_conn_angle.ptnr2_symmetry 
_pdbx_struct_conn_angle.ptnr3_label_atom_id 
_pdbx_struct_conn_angle.ptnr3_label_alt_id 
_pdbx_struct_conn_angle.ptnr3_label_asym_id 
_pdbx_struct_conn_angle.ptnr3_label_comp_id 
_pdbx_struct_conn_angle.ptnr3_label_seq_id 
_pdbx_struct_conn_angle.ptnr3_auth_atom_id 
_pdbx_struct_conn_angle.ptnr3_auth_asym_id 
_pdbx_struct_conn_angle.ptnr3_auth_comp_id 
_pdbx_struct_conn_angle.ptnr3_auth_seq_id 
_pdbx_struct_conn_angle.ptnr3_PDB_ins_code 
_pdbx_struct_conn_angle.ptnr3_symmetry 
_pdbx_struct_conn_angle.value 
_pdbx_struct_conn_angle.value_esd 
1  O   ? L HOH . ? C HOH 217 ? 1_555 MG ? G MG . ? C MG 102 ? 1_555 O   ? L HOH . ? C HOH 217 ? 2_755 80.0  ? 
2  O   ? L HOH . ? C HOH 217 ? 1_555 MG ? G MG . ? C MG 102 ? 1_555 O   ? L HOH . ? C HOH 223 ? 1_555 85.6  ? 
3  O   ? L HOH . ? C HOH 217 ? 2_755 MG ? G MG . ? C MG 102 ? 1_555 O   ? L HOH . ? C HOH 223 ? 1_555 85.4  ? 
4  O   ? L HOH . ? C HOH 217 ? 1_555 MG ? G MG . ? C MG 102 ? 1_555 O   ? L HOH . ? C HOH 223 ? 2_755 85.4  ? 
5  O   ? L HOH . ? C HOH 217 ? 2_755 MG ? G MG . ? C MG 102 ? 1_555 O   ? L HOH . ? C HOH 223 ? 2_755 85.6  ? 
6  O   ? L HOH . ? C HOH 223 ? 1_555 MG ? G MG . ? C MG 102 ? 1_555 O   ? L HOH . ? C HOH 223 ? 2_755 168.2 ? 
7  O   ? L HOH . ? C HOH 217 ? 1_555 MG ? G MG . ? C MG 102 ? 1_555 O   ? L HOH . ? C HOH 224 ? 1_555 169.9 ? 
8  O   ? L HOH . ? C HOH 217 ? 2_755 MG ? G MG . ? C MG 102 ? 1_555 O   ? L HOH . ? C HOH 224 ? 1_555 93.0  ? 
9  O   ? L HOH . ? C HOH 223 ? 1_555 MG ? G MG . ? C MG 102 ? 1_555 O   ? L HOH . ? C HOH 224 ? 1_555 101.1 ? 
10 O   ? L HOH . ? C HOH 223 ? 2_755 MG ? G MG . ? C MG 102 ? 1_555 O   ? L HOH . ? C HOH 224 ? 1_555 86.9  ? 
11 O   ? L HOH . ? C HOH 217 ? 1_555 MG ? G MG . ? C MG 102 ? 1_555 O   ? L HOH . ? C HOH 224 ? 2_755 93.0  ? 
12 O   ? L HOH . ? C HOH 217 ? 2_755 MG ? G MG . ? C MG 102 ? 1_555 O   ? L HOH . ? C HOH 224 ? 2_755 169.9 ? 
13 O   ? L HOH . ? C HOH 223 ? 1_555 MG ? G MG . ? C MG 102 ? 1_555 O   ? L HOH . ? C HOH 224 ? 2_755 86.9  ? 
14 O   ? L HOH . ? C HOH 223 ? 2_755 MG ? G MG . ? C MG 102 ? 1_555 O   ? L HOH . ? C HOH 224 ? 2_755 101.1 ? 
15 O   ? L HOH . ? C HOH 224 ? 1_555 MG ? G MG . ? C MG 102 ? 1_555 O   ? L HOH . ? C HOH 224 ? 2_755 94.9  ? 
16 O   ? L HOH . ? C HOH 220 ? 1_555 MG ? J MG . ? B MG 102 ? 1_555 O   ? L HOH . ? C HOH 226 ? 1_555 84.9  ? 
17 O   ? L HOH . ? C HOH 220 ? 1_555 MG ? J MG . ? B MG 102 ? 1_555 OP1 ? C DT  4 ? A DT  4   ? 1_555 60.5  ? 
18 O   ? L HOH . ? C HOH 226 ? 1_555 MG ? J MG . ? B MG 102 ? 1_555 OP1 ? C DT  4 ? A DT  4   ? 1_555 139.9 ? 
19 O   ? L HOH . ? C HOH 220 ? 1_555 MG ? J MG . ? B MG 102 ? 1_555 O   ? M HOH . ? A HOH 218 ? 1_655 92.7  ? 
20 O   ? L HOH . ? C HOH 226 ? 1_555 MG ? J MG . ? B MG 102 ? 1_555 O   ? M HOH . ? A HOH 218 ? 1_655 93.9  ? 
21 OP1 ? C DT  4 ? A DT  4   ? 1_555 MG ? J MG . ? B MG 102 ? 1_555 O   ? M HOH . ? A HOH 218 ? 1_655 106.5 ? 
22 O   ? L HOH . ? C HOH 220 ? 1_555 MG ? J MG . ? B MG 102 ? 1_555 O   ? N HOH . ? B HOH 210 ? 1_555 89.1  ? 
23 O   ? L HOH . ? C HOH 226 ? 1_555 MG ? J MG . ? B MG 102 ? 1_555 O   ? N HOH . ? B HOH 210 ? 1_555 164.6 ? 
24 OP1 ? C DT  4 ? A DT  4   ? 1_555 MG ? J MG . ? B MG 102 ? 1_555 O   ? N HOH . ? B HOH 210 ? 1_555 29.3  ? 
25 O   ? M HOH . ? A HOH 218 ? 1_655 MG ? J MG . ? B MG 102 ? 1_555 O   ? N HOH . ? B HOH 210 ? 1_555 100.6 ? 
26 O   ? M HOH . ? A HOH 207 ? 1_555 MG ? H MG . ? A MG 101 ? 1_555 O   ? M HOH . ? A HOH 208 ? 1_555 89.9  ? 
27 O   ? M HOH . ? A HOH 207 ? 1_555 MG ? H MG . ? A MG 101 ? 1_555 O   ? M HOH . ? A HOH 211 ? 1_555 92.6  ? 
28 O   ? M HOH . ? A HOH 208 ? 1_555 MG ? H MG . ? A MG 101 ? 1_555 O   ? M HOH . ? A HOH 211 ? 1_555 86.8  ? 
29 O   ? M HOH . ? A HOH 207 ? 1_555 MG ? H MG . ? A MG 101 ? 1_555 O   ? M HOH . ? A HOH 221 ? 1_555 88.8  ? 
30 O   ? M HOH . ? A HOH 208 ? 1_555 MG ? H MG . ? A MG 101 ? 1_555 O   ? M HOH . ? A HOH 221 ? 1_555 92.9  ? 
31 O   ? M HOH . ? A HOH 211 ? 1_555 MG ? H MG . ? A MG 101 ? 1_555 O   ? M HOH . ? A HOH 221 ? 1_555 178.6 ? 
32 O   ? M HOH . ? A HOH 207 ? 1_555 MG ? H MG . ? A MG 101 ? 1_555 O   ? N HOH . ? B HOH 205 ? 4_545 177.3 ? 
33 O   ? M HOH . ? A HOH 208 ? 1_555 MG ? H MG . ? A MG 101 ? 1_555 O   ? N HOH . ? B HOH 205 ? 4_545 89.4  ? 
34 O   ? M HOH . ? A HOH 211 ? 1_555 MG ? H MG . ? A MG 101 ? 1_555 O   ? N HOH . ? B HOH 205 ? 4_545 90.1  ? 
35 O   ? M HOH . ? A HOH 221 ? 1_555 MG ? H MG . ? A MG 101 ? 1_555 O   ? N HOH . ? B HOH 205 ? 4_545 88.5  ? 
36 O   ? M HOH . ? A HOH 207 ? 1_555 MG ? H MG . ? A MG 101 ? 1_555 O   ? N HOH . ? B HOH 206 ? 4_545 89.8  ? 
37 O   ? M HOH . ? A HOH 208 ? 1_555 MG ? H MG . ? A MG 101 ? 1_555 O   ? N HOH . ? B HOH 206 ? 4_545 177.3 ? 
38 O   ? M HOH . ? A HOH 211 ? 1_555 MG ? H MG . ? A MG 101 ? 1_555 O   ? N HOH . ? B HOH 206 ? 4_545 90.5  ? 
39 O   ? M HOH . ? A HOH 221 ? 1_555 MG ? H MG . ? A MG 101 ? 1_555 O   ? N HOH . ? B HOH 206 ? 4_545 89.8  ? 
40 O   ? N HOH . ? B HOH 205 ? 4_545 MG ? H MG . ? A MG 101 ? 1_555 O   ? N HOH . ? B HOH 206 ? 4_545 90.9  ? 
# 
loop_
_struct_site.id 
_struct_site.pdbx_evidence_code 
_struct_site.pdbx_auth_asym_id 
_struct_site.pdbx_auth_comp_id 
_struct_site.pdbx_auth_seq_id 
_struct_site.pdbx_auth_ins_code 
_struct_site.pdbx_num_residues 
_struct_site.details 
AC1 Software D EZK 101 ? 11 'binding site for residue EZK D 101' 
AC2 Software C EZK 101 ? 13 'binding site for residue EZK C 101' 
AC3 Software C MG  102 ? 6  'binding site for residue MG C 102'  
AC4 Software A MG  101 ? 6  'binding site for residue MG A 101'  
AC5 Software B EZK 101 ? 12 'binding site for residue EZK B 101' 
AC6 Software B MG  102 ? 5  'binding site for residue MG B 102'  
# 
loop_
_struct_site_gen.id 
_struct_site_gen.site_id 
_struct_site_gen.pdbx_num_res 
_struct_site_gen.label_comp_id 
_struct_site_gen.label_asym_id 
_struct_site_gen.label_seq_id 
_struct_site_gen.pdbx_auth_ins_code 
_struct_site_gen.auth_comp_id 
_struct_site_gen.auth_asym_id 
_struct_site_gen.auth_seq_id 
_struct_site_gen.label_atom_id 
_struct_site_gen.label_alt_id 
_struct_site_gen.symmetry 
_struct_site_gen.details 
1  AC1 11 DA  A 2 ? DA  D 2   . ? 1_555 ? 
2  AC1 11 DA  A 3 ? DA  D 3   . ? 2_556 ? 
3  AC1 11 DA  A 3 ? DA  D 3   . ? 1_555 ? 
4  AC1 11 DT  A 4 ? DT  D 4   . ? 1_555 ? 
5  AC1 11 DT  A 4 ? DT  D 4   . ? 2_556 ? 
6  AC1 11 DT  A 5 ? DT  D 5   . ? 1_555 ? 
7  AC1 11 DT  A 5 ? DT  D 5   . ? 2_556 ? 
8  AC1 11 DT  A 6 ? DT  D 6   . ? 2_556 ? 
9  AC1 11 DT  A 6 ? DT  D 6   . ? 1_555 ? 
10 AC1 11 HOH K . ? HOH D 207 . ? 2_556 ? 
11 AC1 11 HOH K . ? HOH D 207 . ? 1_555 ? 
12 AC2 13 DA  B 2 ? DA  C 2   . ? 2_655 ? 
13 AC2 13 DA  B 2 ? DA  C 2   . ? 1_555 ? 
14 AC2 13 DA  B 3 ? DA  C 3   . ? 1_555 ? 
15 AC2 13 DA  B 3 ? DA  C 3   . ? 2_655 ? 
16 AC2 13 DT  B 4 ? DT  C 4   . ? 2_655 ? 
17 AC2 13 DT  B 4 ? DT  C 4   . ? 1_555 ? 
18 AC2 13 DT  B 5 ? DT  C 5   . ? 1_555 ? 
19 AC2 13 DT  B 5 ? DT  C 5   . ? 2_655 ? 
20 AC2 13 DT  B 6 ? DT  C 6   . ? 1_555 ? 
21 AC2 13 DT  B 6 ? DT  C 6   . ? 2_655 ? 
22 AC2 13 HOH L . ? HOH C 210 . ? 1_555 ? 
23 AC2 13 HOH L . ? HOH C 214 . ? 2_655 ? 
24 AC2 13 HOH L . ? HOH C 214 . ? 1_555 ? 
25 AC3 6  HOH L . ? HOH C 217 . ? 1_555 ? 
26 AC3 6  HOH L . ? HOH C 217 . ? 2_755 ? 
27 AC3 6  HOH L . ? HOH C 223 . ? 2_755 ? 
28 AC3 6  HOH L . ? HOH C 223 . ? 1_555 ? 
29 AC3 6  HOH L . ? HOH C 224 . ? 2_755 ? 
30 AC3 6  HOH L . ? HOH C 224 . ? 1_555 ? 
31 AC4 6  HOH M . ? HOH A 207 . ? 1_555 ? 
32 AC4 6  HOH M . ? HOH A 208 . ? 1_555 ? 
33 AC4 6  HOH M . ? HOH A 211 . ? 1_555 ? 
34 AC4 6  HOH M . ? HOH A 221 . ? 1_555 ? 
35 AC4 6  HOH N . ? HOH B 205 . ? 4_545 ? 
36 AC4 6  HOH N . ? HOH B 206 . ? 4_545 ? 
37 AC5 12 DA  C 2 ? DA  A 2   . ? 4_555 ? 
38 AC5 12 DA  C 3 ? DA  A 3   . ? 1_555 ? 
39 AC5 12 DT  C 4 ? DT  A 4   . ? 1_555 ? 
40 AC5 12 DT  C 5 ? DT  A 5   . ? 1_555 ? 
41 AC5 12 DT  C 6 ? DT  A 6   . ? 1_555 ? 
42 AC5 12 DA  D 2 ? DA  B 2   . ? 1_555 ? 
43 AC5 12 DA  D 3 ? DA  B 3   . ? 1_455 ? 
44 AC5 12 DA  D 3 ? DA  B 3   . ? 1_555 ? 
45 AC5 12 DT  D 4 ? DT  B 4   . ? 1_555 ? 
46 AC5 12 DT  D 5 ? DT  B 5   . ? 1_555 ? 
47 AC5 12 DT  D 6 ? DT  B 6   . ? 1_555 ? 
48 AC5 12 HOH N . ? HOH B 207 . ? 1_555 ? 
49 AC6 5  DT  C 4 ? DT  A 4   . ? 1_655 ? 
50 AC6 5  HOH M . ? HOH A 218 . ? 1_655 ? 
51 AC6 5  HOH N . ? HOH B 210 . ? 1_555 ? 
52 AC6 5  HOH L . ? HOH C 220 . ? 1_555 ? 
53 AC6 5  HOH L . ? HOH C 226 . ? 1_555 ? 
# 
loop_
_pdbx_validate_rmsd_bond.id 
_pdbx_validate_rmsd_bond.PDB_model_num 
_pdbx_validate_rmsd_bond.auth_atom_id_1 
_pdbx_validate_rmsd_bond.auth_asym_id_1 
_pdbx_validate_rmsd_bond.auth_comp_id_1 
_pdbx_validate_rmsd_bond.auth_seq_id_1 
_pdbx_validate_rmsd_bond.PDB_ins_code_1 
_pdbx_validate_rmsd_bond.label_alt_id_1 
_pdbx_validate_rmsd_bond.auth_atom_id_2 
_pdbx_validate_rmsd_bond.auth_asym_id_2 
_pdbx_validate_rmsd_bond.auth_comp_id_2 
_pdbx_validate_rmsd_bond.auth_seq_id_2 
_pdbx_validate_rmsd_bond.PDB_ins_code_2 
_pdbx_validate_rmsd_bond.label_alt_id_2 
_pdbx_validate_rmsd_bond.bond_value 
_pdbx_validate_rmsd_bond.bond_target_value 
_pdbx_validate_rmsd_bond.bond_deviation 
_pdbx_validate_rmsd_bond.bond_standard_deviation 
_pdbx_validate_rmsd_bond.linker_flag 
1 1 N1 D DT 6 ? ? C2 D DT 6 ? ? 1.434 1.376 0.058  0.008 N 
2 1 C2 D DT 6 ? ? N3 D DT 6 ? ? 1.311 1.373 -0.062 0.008 N 
3 1 C5 D DT 6 ? ? C6 D DT 6 ? ? 1.387 1.339 0.048  0.007 N 
4 1 C6 D DT 6 ? ? N1 D DT 6 ? ? 1.318 1.378 -0.060 0.007 N 
5 1 C2 B DT 6 ? ? N3 B DT 6 ? ? 1.323 1.373 -0.050 0.008 N 
6 1 C4 B DT 6 ? ? C5 B DT 6 ? ? 1.506 1.445 0.061  0.009 N 
# 
loop_
_pdbx_validate_rmsd_angle.id 
_pdbx_validate_rmsd_angle.PDB_model_num 
_pdbx_validate_rmsd_angle.auth_atom_id_1 
_pdbx_validate_rmsd_angle.auth_asym_id_1 
_pdbx_validate_rmsd_angle.auth_comp_id_1 
_pdbx_validate_rmsd_angle.auth_seq_id_1 
_pdbx_validate_rmsd_angle.PDB_ins_code_1 
_pdbx_validate_rmsd_angle.label_alt_id_1 
_pdbx_validate_rmsd_angle.auth_atom_id_2 
_pdbx_validate_rmsd_angle.auth_asym_id_2 
_pdbx_validate_rmsd_angle.auth_comp_id_2 
_pdbx_validate_rmsd_angle.auth_seq_id_2 
_pdbx_validate_rmsd_angle.PDB_ins_code_2 
_pdbx_validate_rmsd_angle.label_alt_id_2 
_pdbx_validate_rmsd_angle.auth_atom_id_3 
_pdbx_validate_rmsd_angle.auth_asym_id_3 
_pdbx_validate_rmsd_angle.auth_comp_id_3 
_pdbx_validate_rmsd_angle.auth_seq_id_3 
_pdbx_validate_rmsd_angle.PDB_ins_code_3 
_pdbx_validate_rmsd_angle.label_alt_id_3 
_pdbx_validate_rmsd_angle.angle_value 
_pdbx_validate_rmsd_angle.angle_target_value 
_pdbx_validate_rmsd_angle.angle_deviation 
_pdbx_validate_rmsd_angle.angle_standard_deviation 
_pdbx_validate_rmsd_angle.linker_flag 
1 1 N1    D DT 6 ? ? C2    D DT 6 ? ? O2    D DT 6 ? ? 117.83 123.10 -5.27 0.80 N 
2 1 "O5'" C DA 2 ? ? "C5'" C DA 2 ? ? "C4'" C DA 2 ? ? 104.59 109.40 -4.81 0.80 N 
3 1 "O5'" A DT 5 ? ? P     A DT 5 ? ? OP2   A DT 5 ? ? 99.00  105.70 -6.70 0.90 N 
4 1 "O4'" B DT 6 ? ? "C1'" B DT 6 ? ? "C2'" B DT 6 ? ? 111.26 106.80 4.46  0.50 N 
5 1 C6    B DT 6 ? ? N1    B DT 6 ? ? C2    B DT 6 ? ? 116.73 121.30 -4.57 0.50 N 
6 1 N1    B DT 6 ? ? C2    B DT 6 ? ? N3    B DT 6 ? ? 122.36 114.60 7.76  0.60 N 
7 1 N1    B DT 6 ? ? C2    B DT 6 ? ? O2    B DT 6 ? ? 116.28 123.10 -6.82 0.80 N 
8 1 N3    B DT 6 ? ? C4    B DT 6 ? ? O4    B DT 6 ? ? 124.33 119.90 4.43  0.60 N 
9 1 C5    B DT 6 ? ? C4    B DT 6 ? ? O4    B DT 6 ? ? 118.94 124.90 -5.96 0.70 N 
# 
loop_
_pdbx_struct_special_symmetry.id 
_pdbx_struct_special_symmetry.PDB_model_num 
_pdbx_struct_special_symmetry.auth_asym_id 
_pdbx_struct_special_symmetry.auth_comp_id 
_pdbx_struct_special_symmetry.auth_seq_id 
_pdbx_struct_special_symmetry.PDB_ins_code 
_pdbx_struct_special_symmetry.label_asym_id 
_pdbx_struct_special_symmetry.label_comp_id 
_pdbx_struct_special_symmetry.label_seq_id 
1 1 D EZK 101 ? E EZK . 
2 1 C EZK 101 ? F EZK . 
3 1 C MG  102 ? G MG  . 
# 
_pdbx_distant_solvent_atoms.id                                1 
_pdbx_distant_solvent_atoms.PDB_model_num                     1 
_pdbx_distant_solvent_atoms.auth_atom_id                      O 
_pdbx_distant_solvent_atoms.label_alt_id                      ? 
_pdbx_distant_solvent_atoms.auth_asym_id                      D 
_pdbx_distant_solvent_atoms.auth_comp_id                      HOH 
_pdbx_distant_solvent_atoms.auth_seq_id                       220 
_pdbx_distant_solvent_atoms.PDB_ins_code                      ? 
_pdbx_distant_solvent_atoms.neighbor_macromolecule_distance   . 
_pdbx_distant_solvent_atoms.neighbor_ligand_distance          5.91 
# 
loop_
_chem_comp_atom.comp_id 
_chem_comp_atom.atom_id 
_chem_comp_atom.type_symbol 
_chem_comp_atom.pdbx_aromatic_flag 
_chem_comp_atom.pdbx_stereo_config 
_chem_comp_atom.pdbx_ordinal 
DA  OP3    O  N N 1   
DA  P      P  N N 2   
DA  OP1    O  N N 3   
DA  OP2    O  N N 4   
DA  "O5'"  O  N N 5   
DA  "C5'"  C  N N 6   
DA  "C4'"  C  N R 7   
DA  "O4'"  O  N N 8   
DA  "C3'"  C  N S 9   
DA  "O3'"  O  N N 10  
DA  "C2'"  C  N N 11  
DA  "C1'"  C  N R 12  
DA  N9     N  Y N 13  
DA  C8     C  Y N 14  
DA  N7     N  Y N 15  
DA  C5     C  Y N 16  
DA  C6     C  Y N 17  
DA  N6     N  N N 18  
DA  N1     N  Y N 19  
DA  C2     C  Y N 20  
DA  N3     N  Y N 21  
DA  C4     C  Y N 22  
DA  HOP3   H  N N 23  
DA  HOP2   H  N N 24  
DA  "H5'"  H  N N 25  
DA  "H5''" H  N N 26  
DA  "H4'"  H  N N 27  
DA  "H3'"  H  N N 28  
DA  "HO3'" H  N N 29  
DA  "H2'"  H  N N 30  
DA  "H2''" H  N N 31  
DA  "H1'"  H  N N 32  
DA  H8     H  N N 33  
DA  H61    H  N N 34  
DA  H62    H  N N 35  
DA  H2     H  N N 36  
DT  OP3    O  N N 37  
DT  P      P  N N 38  
DT  OP1    O  N N 39  
DT  OP2    O  N N 40  
DT  "O5'"  O  N N 41  
DT  "C5'"  C  N N 42  
DT  "C4'"  C  N R 43  
DT  "O4'"  O  N N 44  
DT  "C3'"  C  N S 45  
DT  "O3'"  O  N N 46  
DT  "C2'"  C  N N 47  
DT  "C1'"  C  N R 48  
DT  N1     N  N N 49  
DT  C2     C  N N 50  
DT  O2     O  N N 51  
DT  N3     N  N N 52  
DT  C4     C  N N 53  
DT  O4     O  N N 54  
DT  C5     C  N N 55  
DT  C7     C  N N 56  
DT  C6     C  N N 57  
DT  HOP3   H  N N 58  
DT  HOP2   H  N N 59  
DT  "H5'"  H  N N 60  
DT  "H5''" H  N N 61  
DT  "H4'"  H  N N 62  
DT  "H3'"  H  N N 63  
DT  "HO3'" H  N N 64  
DT  "H2'"  H  N N 65  
DT  "H2''" H  N N 66  
DT  "H1'"  H  N N 67  
DT  H3     H  N N 68  
DT  H71    H  N N 69  
DT  H72    H  N N 70  
DT  H73    H  N N 71  
DT  H6     H  N N 72  
EZK N1     N  N N 73  
EZK N3     N  N N 74  
EZK C4     C  Y N 75  
EZK C5     C  Y N 76  
EZK C6     C  Y N 77  
EZK C7     C  Y N 78  
EZK C8     C  Y N 79  
EZK C10    C  N N 80  
EZK C13    C  Y N 81  
EZK C15    C  Y N 82  
EZK C17    C  N N 83  
EZK C1     C  N N 84  
EZK C2     C  N N 85  
EZK C3     C  N N 86  
EZK N2     N  N N 87  
EZK C9     C  Y N 88  
EZK C11    C  Y N 89  
EZK O1     O  N N 90  
EZK C12    C  Y N 91  
EZK C14    C  Y N 92  
EZK C16    C  Y N 93  
EZK N4     N  N N 94  
EZK N5     N  N N 95  
EZK C18    C  N N 96  
EZK C19    C  N N 97  
EZK N6     N  N N 98  
EZK CL1    CL N N 99  
EZK N7     N  N N 100 
EZK H1     H  N N 101 
EZK H3     H  N N 102 
EZK H4     H  N N 103 
EZK H5     H  N N 104 
EZK H6     H  N N 105 
EZK H7     H  N N 106 
EZK H8     H  N N 107 
EZK H9     H  N N 108 
EZK H10    H  N N 109 
EZK H11    H  N N 110 
EZK H13    H  N N 111 
EZK H15    H  N N 112 
EZK H16    H  N N 113 
EZK H17    H  N N 114 
EZK H18    H  N N 115 
EZK H19    H  N N 116 
EZK H20    H  N N 117 
EZK H21    H  N N 118 
EZK H22    H  N N 119 
EZK H23    H  N N 120 
EZK H2     H  N N 121 
EZK H12    H  N N 122 
HOH O      O  N N 123 
HOH H1     H  N N 124 
HOH H2     H  N N 125 
MG  MG     MG N N 126 
# 
loop_
_chem_comp_bond.comp_id 
_chem_comp_bond.atom_id_1 
_chem_comp_bond.atom_id_2 
_chem_comp_bond.value_order 
_chem_comp_bond.pdbx_aromatic_flag 
_chem_comp_bond.pdbx_stereo_config 
_chem_comp_bond.pdbx_ordinal 
DA  OP3   P      sing N N 1   
DA  OP3   HOP3   sing N N 2   
DA  P     OP1    doub N N 3   
DA  P     OP2    sing N N 4   
DA  P     "O5'"  sing N N 5   
DA  OP2   HOP2   sing N N 6   
DA  "O5'" "C5'"  sing N N 7   
DA  "C5'" "C4'"  sing N N 8   
DA  "C5'" "H5'"  sing N N 9   
DA  "C5'" "H5''" sing N N 10  
DA  "C4'" "O4'"  sing N N 11  
DA  "C4'" "C3'"  sing N N 12  
DA  "C4'" "H4'"  sing N N 13  
DA  "O4'" "C1'"  sing N N 14  
DA  "C3'" "O3'"  sing N N 15  
DA  "C3'" "C2'"  sing N N 16  
DA  "C3'" "H3'"  sing N N 17  
DA  "O3'" "HO3'" sing N N 18  
DA  "C2'" "C1'"  sing N N 19  
DA  "C2'" "H2'"  sing N N 20  
DA  "C2'" "H2''" sing N N 21  
DA  "C1'" N9     sing N N 22  
DA  "C1'" "H1'"  sing N N 23  
DA  N9    C8     sing Y N 24  
DA  N9    C4     sing Y N 25  
DA  C8    N7     doub Y N 26  
DA  C8    H8     sing N N 27  
DA  N7    C5     sing Y N 28  
DA  C5    C6     sing Y N 29  
DA  C5    C4     doub Y N 30  
DA  C6    N6     sing N N 31  
DA  C6    N1     doub Y N 32  
DA  N6    H61    sing N N 33  
DA  N6    H62    sing N N 34  
DA  N1    C2     sing Y N 35  
DA  C2    N3     doub Y N 36  
DA  C2    H2     sing N N 37  
DA  N3    C4     sing Y N 38  
DT  OP3   P      sing N N 39  
DT  OP3   HOP3   sing N N 40  
DT  P     OP1    doub N N 41  
DT  P     OP2    sing N N 42  
DT  P     "O5'"  sing N N 43  
DT  OP2   HOP2   sing N N 44  
DT  "O5'" "C5'"  sing N N 45  
DT  "C5'" "C4'"  sing N N 46  
DT  "C5'" "H5'"  sing N N 47  
DT  "C5'" "H5''" sing N N 48  
DT  "C4'" "O4'"  sing N N 49  
DT  "C4'" "C3'"  sing N N 50  
DT  "C4'" "H4'"  sing N N 51  
DT  "O4'" "C1'"  sing N N 52  
DT  "C3'" "O3'"  sing N N 53  
DT  "C3'" "C2'"  sing N N 54  
DT  "C3'" "H3'"  sing N N 55  
DT  "O3'" "HO3'" sing N N 56  
DT  "C2'" "C1'"  sing N N 57  
DT  "C2'" "H2'"  sing N N 58  
DT  "C2'" "H2''" sing N N 59  
DT  "C1'" N1     sing N N 60  
DT  "C1'" "H1'"  sing N N 61  
DT  N1    C2     sing N N 62  
DT  N1    C6     sing N N 63  
DT  C2    O2     doub N N 64  
DT  C2    N3     sing N N 65  
DT  N3    C4     sing N N 66  
DT  N3    H3     sing N N 67  
DT  C4    O4     doub N N 68  
DT  C4    C5     sing N N 69  
DT  C5    C7     sing N N 70  
DT  C5    C6     doub N N 71  
DT  C7    H71    sing N N 72  
DT  C7    H72    sing N N 73  
DT  C7    H73    sing N N 74  
DT  C6    H6     sing N N 75  
EZK C19   C18    sing N N 76  
EZK C19   N6     sing N N 77  
EZK C18   N5     sing N N 78  
EZK N6    C17    sing N N 79  
EZK N5    C17    sing N N 80  
EZK C17   N4     doub N N 81  
EZK N4    C14    sing N N 82  
EZK CL1   C15    sing N N 83  
EZK C14   C13    doub Y N 84  
EZK C14   C15    sing Y N 85  
EZK C13   C12    sing Y N 86  
EZK C15   C16    doub Y N 87  
EZK C12   C11    doub Y N 88  
EZK C16   C11    sing Y N 89  
EZK C11   N3     sing N N 90  
EZK N3    C10    sing N N 91  
EZK O1    C10    doub N N 92  
EZK C10   C7     sing N N 93  
EZK C7    C8     doub Y N 94  
EZK C7    C6     sing Y N 95  
EZK C8    C9     sing Y N 96  
EZK C6    C5     doub Y N 97  
EZK C9    C4     doub Y N 98  
EZK C5    C4     sing Y N 99  
EZK C4    N7     sing N N 100 
EZK N7    C3     doub N N 101 
EZK C3    N2     sing N N 102 
EZK C3    N1     sing N N 103 
EZK N2    C1     sing N N 104 
EZK N1    C2     sing N N 105 
EZK C1    C2     sing N N 106 
EZK N1    H1     sing N N 107 
EZK N3    H3     sing N N 108 
EZK C5    H4     sing N N 109 
EZK C6    H5     sing N N 110 
EZK C8    H6     sing N N 111 
EZK C13   H7     sing N N 112 
EZK C1    H8     sing N N 113 
EZK C1    H9     sing N N 114 
EZK C2    H10    sing N N 115 
EZK C2    H11    sing N N 116 
EZK N2    H13    sing N N 117 
EZK C9    H15    sing N N 118 
EZK C12   H16    sing N N 119 
EZK C16   H17    sing N N 120 
EZK N5    H18    sing N N 121 
EZK C18   H19    sing N N 122 
EZK C18   H20    sing N N 123 
EZK C19   H21    sing N N 124 
EZK C19   H22    sing N N 125 
EZK N6    H23    sing N N 126 
EZK N7    H2     sing N N 127 
EZK N4    H12    sing N N 128 
HOH O     H1     sing N N 129 
HOH O     H2     sing N N 130 
# 
_ndb_struct_conf_na.entry_id   6GIM 
_ndb_struct_conf_na.feature    'b-form double helix' 
# 
loop_
_ndb_struct_na_base_pair.model_number 
_ndb_struct_na_base_pair.i_label_asym_id 
_ndb_struct_na_base_pair.i_label_comp_id 
_ndb_struct_na_base_pair.i_label_seq_id 
_ndb_struct_na_base_pair.i_symmetry 
_ndb_struct_na_base_pair.j_label_asym_id 
_ndb_struct_na_base_pair.j_label_comp_id 
_ndb_struct_na_base_pair.j_label_seq_id 
_ndb_struct_na_base_pair.j_symmetry 
_ndb_struct_na_base_pair.shear 
_ndb_struct_na_base_pair.stretch 
_ndb_struct_na_base_pair.stagger 
_ndb_struct_na_base_pair.buckle 
_ndb_struct_na_base_pair.propeller 
_ndb_struct_na_base_pair.opening 
_ndb_struct_na_base_pair.pair_number 
_ndb_struct_na_base_pair.pair_name 
_ndb_struct_na_base_pair.i_auth_asym_id 
_ndb_struct_na_base_pair.i_auth_seq_id 
_ndb_struct_na_base_pair.i_PDB_ins_code 
_ndb_struct_na_base_pair.j_auth_asym_id 
_ndb_struct_na_base_pair.j_auth_seq_id 
_ndb_struct_na_base_pair.j_PDB_ins_code 
_ndb_struct_na_base_pair.hbond_type_28 
_ndb_struct_na_base_pair.hbond_type_12 
1 C DA 1 1_555 D DT 6 1_555 0.029  -0.135 -0.180 10.103  -13.229 0.566  1  A_DA1:DT6_B A 1 ? B 6 ? 20 1 
1 C DA 2 1_555 D DT 5 1_555 0.091  -0.062 0.032  12.747  -9.196  0.627  2  A_DA2:DT5_B A 2 ? B 5 ? 20 1 
1 C DA 3 1_555 D DT 4 1_555 0.142  -0.088 -0.068 7.519   -24.079 0.565  3  A_DA3:DT4_B A 3 ? B 4 ? 20 1 
1 C DT 4 1_555 D DA 3 1_555 0.029  -0.096 -0.014 2.478   -19.982 9.110  4  A_DT4:DA3_B A 4 ? B 3 ? 20 1 
1 C DT 5 1_555 D DA 2 1_555 -0.159 -0.092 -0.019 -3.092  -13.617 1.658  5  A_DT5:DA2_B A 5 ? B 2 ? 20 1 
1 C DT 6 1_555 D DA 1 1_555 0.048  -0.116 0.010  11.787  -10.149 -0.353 6  A_DT6:DA1_B A 6 ? B 1 ? 20 1 
1 B DA 1 1_555 B DT 6 2_655 0.029  -0.109 -0.097 8.783   -12.129 -0.164 7  C_DA1:DT6_C C 1 ? C 6 ? 20 1 
1 B DA 2 1_555 B DT 5 2_655 0.176  -0.129 -0.060 10.002  -20.745 0.796  8  C_DA2:DT5_C C 2 ? C 5 ? 20 1 
1 B DA 3 1_555 B DT 4 2_655 0.028  -0.102 -0.078 1.852   -21.428 5.431  9  C_DA3:DT4_C C 3 ? C 4 ? 20 1 
1 B DT 4 1_555 B DA 3 2_655 -0.028 -0.102 -0.078 -1.852  -21.428 5.431  10 C_DT4:DA3_C C 4 ? C 3 ? 20 1 
1 B DT 5 1_555 B DA 2 2_655 -0.176 -0.129 -0.060 -10.002 -20.745 0.796  11 C_DT5:DA2_C C 5 ? C 2 ? 20 1 
1 B DT 6 1_555 B DA 1 2_655 -0.029 -0.109 -0.097 -8.783  -12.129 -0.164 12 C_DT6:DA1_C C 6 ? C 1 ? 20 1 
1 A DA 1 1_555 A DT 6 2_556 -0.126 -0.136 -0.220 5.497   -13.779 2.961  13 D_DA1:DT6_D D 1 ? D 6 ? 20 1 
1 A DA 2 1_555 A DT 5 2_556 0.201  -0.091 -0.009 7.264   -14.200 1.901  14 D_DA2:DT5_D D 2 ? D 5 ? 20 1 
1 A DA 3 1_555 A DT 4 2_556 0.155  -0.125 0.052  2.480   -17.606 5.759  15 D_DA3:DT4_D D 3 ? D 4 ? 20 1 
1 A DT 4 1_555 A DA 3 2_556 -0.155 -0.125 0.052  -2.480  -17.606 5.759  16 D_DT4:DA3_D D 4 ? D 3 ? 20 1 
1 A DT 5 1_555 A DA 2 2_556 -0.201 -0.091 -0.009 -7.264  -14.200 1.901  17 D_DT5:DA2_D D 5 ? D 2 ? 20 1 
1 A DT 6 1_555 A DA 1 2_556 0.126  -0.136 -0.220 -5.497  -13.779 2.961  18 D_DT6:DA1_D D 6 ? D 1 ? 20 1 
# 
loop_
_ndb_struct_na_base_pair_step.model_number 
_ndb_struct_na_base_pair_step.i_label_asym_id_1 
_ndb_struct_na_base_pair_step.i_label_comp_id_1 
_ndb_struct_na_base_pair_step.i_label_seq_id_1 
_ndb_struct_na_base_pair_step.i_symmetry_1 
_ndb_struct_na_base_pair_step.j_label_asym_id_1 
_ndb_struct_na_base_pair_step.j_label_comp_id_1 
_ndb_struct_na_base_pair_step.j_label_seq_id_1 
_ndb_struct_na_base_pair_step.j_symmetry_1 
_ndb_struct_na_base_pair_step.i_label_asym_id_2 
_ndb_struct_na_base_pair_step.i_label_comp_id_2 
_ndb_struct_na_base_pair_step.i_label_seq_id_2 
_ndb_struct_na_base_pair_step.i_symmetry_2 
_ndb_struct_na_base_pair_step.j_label_asym_id_2 
_ndb_struct_na_base_pair_step.j_label_comp_id_2 
_ndb_struct_na_base_pair_step.j_label_seq_id_2 
_ndb_struct_na_base_pair_step.j_symmetry_2 
_ndb_struct_na_base_pair_step.shift 
_ndb_struct_na_base_pair_step.slide 
_ndb_struct_na_base_pair_step.rise 
_ndb_struct_na_base_pair_step.tilt 
_ndb_struct_na_base_pair_step.roll 
_ndb_struct_na_base_pair_step.twist 
_ndb_struct_na_base_pair_step.x_displacement 
_ndb_struct_na_base_pair_step.y_displacement 
_ndb_struct_na_base_pair_step.helical_rise 
_ndb_struct_na_base_pair_step.inclination 
_ndb_struct_na_base_pair_step.tip 
_ndb_struct_na_base_pair_step.helical_twist 
_ndb_struct_na_base_pair_step.step_number 
_ndb_struct_na_base_pair_step.step_name 
_ndb_struct_na_base_pair_step.i_auth_asym_id_1 
_ndb_struct_na_base_pair_step.i_auth_seq_id_1 
_ndb_struct_na_base_pair_step.i_PDB_ins_code_1 
_ndb_struct_na_base_pair_step.j_auth_asym_id_1 
_ndb_struct_na_base_pair_step.j_auth_seq_id_1 
_ndb_struct_na_base_pair_step.j_PDB_ins_code_1 
_ndb_struct_na_base_pair_step.i_auth_asym_id_2 
_ndb_struct_na_base_pair_step.i_auth_seq_id_2 
_ndb_struct_na_base_pair_step.i_PDB_ins_code_2 
_ndb_struct_na_base_pair_step.j_auth_asym_id_2 
_ndb_struct_na_base_pair_step.j_auth_seq_id_2 
_ndb_struct_na_base_pair_step.j_PDB_ins_code_2 
1 C DA 1 1_555 D DT 6 1_555 C DA 2 1_555 D DT 5 1_555 0.530  -0.171 3.183 -0.623 -0.533 33.199 -0.213 -1.028 3.175 -0.933 1.090  
33.209 1  AA_DA1DA2:DT5DT6_BB A 1 ? B 6 ? A 2 ? B 5 ? 
1 C DA 2 1_555 D DT 5 1_555 C DA 3 1_555 D DT 4 1_555 -0.765 0.095  3.349 -1.938 3.475  38.494 -0.296 0.910  3.377 5.254  2.930  
38.691 2  AA_DA2DA3:DT4DT5_BB A 2 ? B 5 ? A 3 ? B 4 ? 
1 C DA 3 1_555 D DT 4 1_555 C DT 4 1_555 D DA 3 1_555 0.816  -0.680 3.258 0.968  1.413  32.041 -1.483 -1.303 3.249 2.559  -1.752 
32.085 3  AA_DA3DT4:DA3DT4_BB A 3 ? B 4 ? A 4 ? B 3 ? 
1 C DT 4 1_555 D DA 3 1_555 C DT 5 1_555 D DA 2 1_555 0.093  -0.283 3.318 1.887  5.025  38.046 -1.062 0.096  3.257 7.662  -2.877 
38.409 4  AA_DT4DT5:DA2DA3_BB A 4 ? B 3 ? A 5 ? B 2 ? 
1 C DT 5 1_555 D DA 2 1_555 C DT 6 1_555 D DA 1 1_555 -0.229 -0.089 3.049 -2.846 5.559  34.476 -0.928 -0.020 3.007 9.286  4.753  
35.020 5  AA_DT5DT6:DA1DA2_BB A 5 ? B 2 ? A 6 ? B 1 ? 
1 B DA 1 1_555 B DT 6 2_655 B DA 2 1_555 B DT 5 2_655 -0.353 0.301  3.218 -0.526 1.599  37.374 0.263  0.483  3.232 2.494  0.820  
37.411 6  CC_DA1DA2:DT5DT6_CC C 1 ? C 6 ? C 2 ? C 5 ? 
1 B DA 2 1_555 B DT 5 2_655 B DA 3 1_555 B DT 4 2_655 0.273  -0.196 3.330 -0.820 4.299  37.678 -0.859 -0.527 3.282 6.629  1.265  
37.922 7  CC_DA2DA3:DT4DT5_CC C 2 ? C 5 ? C 3 ? C 4 ? 
1 B DA 3 1_555 B DT 4 2_655 B DT 4 1_555 B DA 3 2_655 0.000  -0.632 3.228 0.000  5.071  30.082 -2.183 0.000  3.082 9.683  0.000  
30.497 8  CC_DA3DT4:DA3DT4_CC C 3 ? C 4 ? C 4 ? C 3 ? 
1 B DT 4 1_555 B DA 3 2_655 B DT 5 1_555 B DA 2 2_655 -0.273 -0.196 3.330 0.820  4.299  37.678 -0.859 0.527  3.282 6.629  -1.265 
37.922 9  CC_DT4DT5:DA2DA3_CC C 4 ? C 3 ? C 5 ? C 2 ? 
1 B DT 5 1_555 B DA 2 2_655 B DT 6 1_555 B DA 1 2_655 0.353  0.301  3.218 0.526  1.599  37.374 0.263  -0.483 3.232 2.494  -0.820 
37.411 10 CC_DT5DT6:DA1DA2_CC C 5 ? C 2 ? C 6 ? C 1 ? 
1 A DA 1 1_555 A DT 6 2_556 A DA 2 1_555 A DT 5 2_556 0.239  -0.011 3.270 -0.788 2.660  32.868 -0.471 -0.554 3.253 4.691  1.390  
32.982 11 DD_DA1DA2:DT5DT6_DD D 1 ? D 6 ? D 2 ? D 5 ? 
1 A DA 2 1_555 A DT 5 2_556 A DA 3 1_555 A DT 4 2_556 0.169  -0.439 3.346 -0.961 2.239  37.081 -0.993 -0.396 3.309 3.516  1.509  
37.158 12 DD_DA2DA3:DT4DT5_DD D 2 ? D 5 ? D 3 ? D 4 ? 
1 A DA 3 1_555 A DT 4 2_556 A DT 4 1_555 A DA 3 2_556 0.000  -0.918 3.371 0.000  3.297  30.753 -2.370 0.000  3.257 6.194  0.000  
30.925 13 DD_DA3DT4:DA3DT4_DD D 3 ? D 4 ? D 4 ? D 3 ? 
1 A DT 4 1_555 A DA 3 2_556 A DT 5 1_555 A DA 2 2_556 -0.169 -0.439 3.346 0.961  2.239  37.081 -0.993 0.396  3.309 3.516  -1.509 
37.158 14 DD_DT4DT5:DA2DA3_DD D 4 ? D 3 ? D 5 ? D 2 ? 
1 A DT 5 1_555 A DA 2 2_556 A DT 6 1_555 A DA 1 2_556 -0.239 -0.011 3.270 0.788  2.660  32.868 -0.471 0.554  3.253 4.691  -1.390 
32.982 15 DD_DT5DT6:DA1DA2_DD D 5 ? D 2 ? D 6 ? D 1 ? 
# 
loop_
_pdbx_audit_support.funding_organization 
_pdbx_audit_support.country 
_pdbx_audit_support.grant_number 
_pdbx_audit_support.ordinal 
'Spanish Ministry of Economy and Competitiveness' Spain            SAF2015-66690-R             1 
'Spanish Ministry of Economy and Competitiveness' Spain            BFU2009-10380               2 
'Spanish Ministry of Economy and Competitiveness' Spain            'FPU12/04824,  EST14/00449' 3 
'Wellcome Trust'                                  'United Kingdom' 085349                      4 
# 
_pdbx_initial_refinement_model.accession_code   ? 
_pdbx_initial_refinement_model.id               1 
_pdbx_initial_refinement_model.entity_id_list   ? 
_pdbx_initial_refinement_model.type             other 
_pdbx_initial_refinement_model.source_name      ? 
_pdbx_initial_refinement_model.details          'Idealised DNA model from TURBO' 
# 
_atom_sites.entry_id                    6GIM 
_atom_sites.fract_transf_matrix[1][1]   -0.03982188 
_atom_sites.fract_transf_matrix[1][2]   -0.00111051 
_atom_sites.fract_transf_matrix[1][3]   0.01935873 
_atom_sites.fract_transf_matrix[2][1]   0.01027431 
_atom_sites.fract_transf_matrix[2][2]   -0.00892936 
_atom_sites.fract_transf_matrix[2][3]   0.02062254 
_atom_sites.fract_transf_matrix[3][1]   0.00104647 
_atom_sites.fract_transf_matrix[3][2]   0.01287616 
_atom_sites.fract_transf_matrix[3][3]   0.00505389 
_atom_sites.fract_transf_vector[1]      0.304327 
_atom_sites.fract_transf_vector[2]      -0.015791 
_atom_sites.fract_transf_vector[3]      0.248591 
# 
loop_
_atom_type.symbol 
C  
CL 
MG 
N  
O  
P  
# 
loop_
_atom_site.group_PDB 
_atom_site.id 
_atom_site.type_symbol 
_atom_site.label_atom_id 
_atom_site.label_alt_id 
_atom_site.label_comp_id 
_atom_site.label_asym_id 
_atom_site.label_entity_id 
_atom_site.label_seq_id 
_atom_site.pdbx_PDB_ins_code 
_atom_site.Cartn_x 
_atom_site.Cartn_y 
_atom_site.Cartn_z 
_atom_site.occupancy 
_atom_site.B_iso_or_equiv 
_atom_site.pdbx_formal_charge 
_atom_site.auth_seq_id 
_atom_site.auth_comp_id 
_atom_site.auth_asym_id 
_atom_site.auth_atom_id 
_atom_site.pdbx_PDB_model_num 
ATOM   1   O  "O5'" . DA  A 1 1 ? 14.214  24.791  14.308  1.00 19.00 ? 1   DA  D "O5'" 1 
ATOM   2   C  "C5'" . DA  A 1 1 ? 13.365  23.631  14.355  1.00 16.86 ? 1   DA  D "C5'" 1 
ATOM   3   C  "C4'" . DA  A 1 1 ? 11.916  24.030  14.249  1.00 13.69 ? 1   DA  D "C4'" 1 
ATOM   4   O  "O4'" . DA  A 1 1 ? 11.665  24.601  12.949  1.00 12.82 ? 1   DA  D "O4'" 1 
ATOM   5   C  "C3'" . DA  A 1 1 ? 10.905  22.904  14.389  1.00 13.05 ? 1   DA  D "C3'" 1 
ATOM   6   O  "O3'" . DA  A 1 1 ? 9.716   23.420  14.965  1.00 16.32 ? 1   DA  D "O3'" 1 
ATOM   7   C  "C2'" . DA  A 1 1 ? 10.721  22.429  12.960  1.00 11.80 ? 1   DA  D "C2'" 1 
ATOM   8   C  "C1'" . DA  A 1 1 ? 10.851  23.693  12.139  1.00 12.66 ? 1   DA  D "C1'" 1 
ATOM   9   N  N9    . DA  A 1 1 ? 11.526  23.480  10.863  1.00 11.30 ? 1   DA  D N9    1 
ATOM   10  C  C8    . DA  A 1 1 ? 12.673  22.777  10.591  1.00 11.19 ? 1   DA  D C8    1 
ATOM   11  N  N7    . DA  A 1 1 ? 13.072  22.867  9.349   1.00 12.71 ? 1   DA  D N7    1 
ATOM   12  C  C5    . DA  A 1 1 ? 12.156  23.743  8.768   1.00 10.85 ? 1   DA  D C5    1 
ATOM   13  C  C6    . DA  A 1 1 ? 12.020  24.250  7.454   1.00 9.68  ? 1   DA  D C6    1 
ATOM   14  N  N6    . DA  A 1 1 ? 12.863  23.969  6.457   1.00 10.31 ? 1   DA  D N6    1 
ATOM   15  N  N1    . DA  A 1 1 ? 10.968  25.045  7.199   1.00 9.79  ? 1   DA  D N1    1 
ATOM   16  C  C2    . DA  A 1 1 ? 10.108  25.320  8.185   1.00 8.93  ? 1   DA  D C2    1 
ATOM   17  N  N3    . DA  A 1 1 ? 10.141  24.938  9.461   1.00 9.99  ? 1   DA  D N3    1 
ATOM   18  C  C4    . DA  A 1 1 ? 11.200  24.133  9.690   1.00 10.48 ? 1   DA  D C4    1 
ATOM   19  P  P     . DA  A 1 2 ? 8.514   22.462  15.425  1.00 17.65 ? 2   DA  D P     1 
ATOM   20  O  OP1   . DA  A 1 2 ? 7.760   23.188  16.483  1.00 23.18 ? 2   DA  D OP1   1 
ATOM   21  O  OP2   . DA  A 1 2 ? 9.043   21.046  15.702  1.00 19.53 ? 2   DA  D OP2   1 
ATOM   22  O  "O5'" . DA  A 1 2 ? 7.631   22.398  14.098  1.00 17.82 ? 2   DA  D "O5'" 1 
ATOM   23  C  "C5'" . DA  A 1 2 ? 6.894   23.540  13.577  1.00 19.16 ? 2   DA  D "C5'" 1 
ATOM   24  C  "C4'" . DA  A 1 2 ? 6.342   23.135  12.224  1.00 18.26 ? 2   DA  D "C4'" 1 
ATOM   25  O  "O4'" . DA  A 1 2 ? 7.391   22.991  11.244  1.00 16.43 ? 2   DA  D "O4'" 1 
ATOM   26  C  "C3'" . DA  A 1 2 ? 5.536   21.820  12.196  1.00 18.38 ? 2   DA  D "C3'" 1 
ATOM   27  O  "O3'" . DA  A 1 2 ? 4.233   22.219  11.752  1.00 20.84 ? 2   DA  D "O3'" 1 
ATOM   28  C  "C2'" . DA  A 1 2 ? 6.292   20.936  11.208  1.00 17.52 ? 2   DA  D "C2'" 1 
ATOM   29  C  "C1'" . DA  A 1 2 ? 6.969   21.972  10.336  1.00 14.53 ? 2   DA  D "C1'" 1 
ATOM   30  N  N9    . DA  A 1 2 ? 8.131   21.511  9.607   1.00 13.74 ? 2   DA  D N9    1 
ATOM   31  C  C8    . DA  A 1 2 ? 9.171   20.762  10.092  1.00 12.65 ? 2   DA  D C8    1 
ATOM   32  N  N7    . DA  A 1 2 ? 10.101  20.500  9.205   1.00 11.00 ? 2   DA  D N7    1 
ATOM   33  C  C5    . DA  A 1 2 ? 9.714   21.232  8.098   1.00 11.10 ? 2   DA  D C5    1 
ATOM   34  C  C6    . DA  A 1 2 ? 10.293  21.404  6.827   1.00 10.58 ? 2   DA  D C6    1 
ATOM   35  N  N6    . DA  A 1 2 ? 11.442  20.851  6.445   1.00 11.78 ? 2   DA  D N6    1 
ATOM   36  N  N1    . DA  A 1 2 ? 9.615   22.153  5.937   1.00 10.59 ? 2   DA  D N1    1 
ATOM   37  C  C2    . DA  A 1 2 ? 8.457   22.702  6.306   1.00 11.05 ? 2   DA  D C2    1 
ATOM   38  N  N3    . DA  A 1 2 ? 7.860   22.694  7.492   1.00 12.49 ? 2   DA  D N3    1 
ATOM   39  C  C4    . DA  A 1 2 ? 8.497   21.861  8.328   1.00 11.93 ? 2   DA  D C4    1 
ATOM   40  P  P     . DA  A 1 3 ? 3.052   21.195  11.383  1.00 24.26 ? 3   DA  D P     1 
ATOM   41  O  OP1   . DA  A 1 3 ? 1.780   21.763  11.911  1.00 28.40 ? 3   DA  D OP1   1 
ATOM   42  O  OP2   . DA  A 1 3 ? 3.444   19.810  11.790  1.00 28.28 ? 3   DA  D OP2   1 
ATOM   43  O  "O5'" . DA  A 1 3 ? 3.009   21.268  9.787   1.00 21.27 ? 3   DA  D "O5'" 1 
ATOM   44  C  "C5'" . DA  A 1 3 ? 2.800   22.543  9.170   1.00 21.48 ? 3   DA  D "C5'" 1 
ATOM   45  C  "C4'" . DA  A 1 3 ? 2.841   22.361  7.676   1.00 20.08 ? 3   DA  D "C4'" 1 
ATOM   46  O  "O4'" . DA  A 1 3 ? 4.179   21.979  7.294   1.00 18.77 ? 3   DA  D "O4'" 1 
ATOM   47  C  "C3'" . DA  A 1 3 ? 1.911   21.270  7.129   1.00 18.45 ? 3   DA  D "C3'" 1 
ATOM   48  O  "O3'" . DA  A 1 3 ? 1.295   21.844  5.989   1.00 21.59 ? 3   DA  D "O3'" 1 
ATOM   49  C  "C2'" . DA  A 1 3 ? 2.850   20.155  6.699   1.00 17.72 ? 3   DA  D "C2'" 1 
ATOM   50  C  "C1'" . DA  A 1 3 ? 4.139   20.893  6.365   1.00 17.15 ? 3   DA  D "C1'" 1 
ATOM   51  N  N9    . DA  A 1 3 ? 5.369   20.124  6.550   1.00 15.65 ? 3   DA  D N9    1 
ATOM   52  C  C8    . DA  A 1 3 ? 5.751   19.435  7.671   1.00 14.85 ? 3   DA  D C8    1 
ATOM   53  N  N7    . DA  A 1 3 ? 6.918   18.859  7.564   1.00 14.74 ? 3   DA  D N7    1 
ATOM   54  C  C5    . DA  A 1 3 ? 7.335   19.176  6.282   1.00 13.82 ? 3   DA  D C5    1 
ATOM   55  C  C6    . DA  A 1 3 ? 8.481   18.824  5.542   1.00 14.43 ? 3   DA  D C6    1 
ATOM   56  N  N6    . DA  A 1 3 ? 9.481   18.088  6.020   1.00 14.77 ? 3   DA  D N6    1 
ATOM   57  N  N1    . DA  A 1 3 ? 8.596   19.319  4.290   1.00 13.42 ? 3   DA  D N1    1 
ATOM   58  C  C2    . DA  A 1 3 ? 7.590   20.045  3.798   1.00 12.25 ? 3   DA  D C2    1 
ATOM   59  N  N3    . DA  A 1 3 ? 6.463   20.449  4.400   1.00 13.93 ? 3   DA  D N3    1 
ATOM   60  C  C4    . DA  A 1 3 ? 6.401   19.975  5.652   1.00 13.93 ? 3   DA  D C4    1 
ATOM   61  P  P     . DT  A 1 4 ? 0.111   21.119  5.209   1.00 23.70 ? 4   DT  D P     1 
ATOM   62  O  OP1   . DT  A 1 4 ? -0.740  22.190  4.638   1.00 28.84 ? 4   DT  D OP1   1 
ATOM   63  O  OP2   . DT  A 1 4 ? -0.446  20.018  6.059   1.00 27.14 ? 4   DT  D OP2   1 
ATOM   64  O  "O5'" . DT  A 1 4 ? 0.832   20.391  3.991   1.00 19.78 ? 4   DT  D "O5'" 1 
ATOM   65  C  "C5'" . DT  A 1 4 ? 1.418   21.148  2.921   1.00 17.51 ? 4   DT  D "C5'" 1 
ATOM   66  C  "C4'" . DT  A 1 4 ? 2.200   20.202  2.040   1.00 19.28 ? 4   DT  D "C4'" 1 
ATOM   67  O  "O4'" . DT  A 1 4 ? 3.307   19.642  2.763   1.00 15.23 ? 4   DT  D "O4'" 1 
ATOM   68  C  "C3'" . DT  A 1 4 ? 1.413   18.994  1.497   1.00 20.18 ? 4   DT  D "C3'" 1 
ATOM   69  O  "O3'" . DT  A 1 4 ? 1.198   19.231  0.107   1.00 22.43 ? 4   DT  D "O3'" 1 
ATOM   70  C  "C2'" . DT  A 1 4 ? 2.325   17.812  1.766   1.00 19.48 ? 4   DT  D "C2'" 1 
ATOM   71  C  "C1'" . DT  A 1 4 ? 3.660   18.463  2.072   1.00 16.09 ? 4   DT  D "C1'" 1 
ATOM   72  N  N1    . DT  A 1 4 ? 4.570   17.675  2.940   1.00 16.38 ? 4   DT  D N1    1 
ATOM   73  C  C2    . DT  A 1 4 ? 5.813   17.301  2.471   1.00 14.29 ? 4   DT  D C2    1 
ATOM   74  O  O2    . DT  A 1 4 ? 6.192   17.513  1.323   1.00 15.98 ? 4   DT  D O2    1 
ATOM   75  N  N3    . DT  A 1 4 ? 6.573   16.592  3.375   1.00 14.26 ? 4   DT  D N3    1 
ATOM   76  C  C4    . DT  A 1 4 ? 6.232   16.253  4.674   1.00 14.05 ? 4   DT  D C4    1 
ATOM   77  O  O4    . DT  A 1 4 ? 7.042   15.660  5.382   1.00 15.34 ? 4   DT  D O4    1 
ATOM   78  C  C5    . DT  A 1 4 ? 4.937   16.717  5.112   1.00 16.21 ? 4   DT  D C5    1 
ATOM   79  C  C7    . DT  A 1 4 ? 4.455   16.343  6.478   1.00 15.84 ? 4   DT  D C7    1 
ATOM   80  C  C6    . DT  A 1 4 ? 4.180   17.392  4.233   1.00 15.12 ? 4   DT  D C6    1 
ATOM   81  P  P     . DT  A 1 5 ? 0.455   18.123  -0.857  1.00 22.28 ? 5   DT  D P     1 
ATOM   82  O  OP1   . DT  A 1 5 ? -0.170  18.902  -1.952  1.00 27.31 ? 5   DT  D OP1   1 
ATOM   83  O  OP2   . DT  A 1 5 ? -0.376  17.232  0.030   1.00 23.51 ? 5   DT  D OP2   1 
ATOM   84  O  "O5'" . DT  A 1 5 ? 1.690   17.285  -1.433  1.00 20.23 ? 5   DT  D "O5'" 1 
ATOM   85  C  "C5'" . DT  A 1 5 ? 2.696   17.974  -2.215  1.00 19.04 ? 5   DT  D "C5'" 1 
ATOM   86  C  "C4'" . DT  A 1 5 ? 3.742   16.978  -2.643  1.00 15.83 ? 5   DT  D "C4'" 1 
ATOM   87  O  "O4'" . DT  A 1 5 ? 4.380   16.478  -1.458  1.00 14.21 ? 5   DT  D "O4'" 1 
ATOM   88  C  "C3'" . DT  A 1 5 ? 3.192   15.750  -3.381  1.00 16.66 ? 5   DT  D "C3'" 1 
ATOM   89  O  "O3'" . DT  A 1 5 ? 3.797   15.740  -4.668  1.00 19.31 ? 5   DT  D "O3'" 1 
ATOM   90  C  "C2'" . DT  A 1 5 ? 3.543   14.600  -2.458  1.00 15.12 ? 5   DT  D "C2'" 1 
ATOM   91  C  "C1'" . DT  A 1 5 ? 4.716   15.133  -1.677  1.00 15.07 ? 5   DT  D "C1'" 1 
ATOM   92  N  N1    . DT  A 1 5 ? 4.949   14.541  -0.348  1.00 12.52 ? 5   DT  D N1    1 
ATOM   93  C  C2    . DT  A 1 5 ? 6.163   13.952  -0.020  1.00 12.45 ? 5   DT  D C2    1 
ATOM   94  O  O2    . DT  A 1 5 ? 7.091   13.834  -0.809  1.00 12.87 ? 5   DT  D O2    1 
ATOM   95  N  N3    . DT  A 1 5 ? 6.249   13.528  1.286   1.00 10.63 ? 5   DT  D N3    1 
ATOM   96  C  C4    . DT  A 1 5 ? 5.256   13.600  2.259   1.00 11.28 ? 5   DT  D C4    1 
ATOM   97  O  O4    . DT  A 1 5 ? 5.482   13.199  3.410   1.00 12.48 ? 5   DT  D O4    1 
ATOM   98  C  C5    . DT  A 1 5 ? 4.016   14.206  1.834   1.00 13.62 ? 5   DT  D C5    1 
ATOM   99  C  C7    . DT  A 1 5 ? 2.874   14.267  2.796   1.00 13.76 ? 5   DT  D C7    1 
ATOM   100 C  C6    . DT  A 1 5 ? 3.929   14.648  0.573   1.00 12.42 ? 5   DT  D C6    1 
ATOM   101 P  P     . DT  A 1 6 ? 3.379   14.690  -5.830  1.00 21.13 ? 6   DT  D P     1 
ATOM   102 O  OP1   . DT  A 1 6 ? 3.712   15.404  -7.108  1.00 26.18 ? 6   DT  D OP1   1 
ATOM   103 O  OP2   . DT  A 1 6 ? 1.999   14.151  -5.502  1.00 20.53 ? 6   DT  D OP2   1 
ATOM   104 O  "O5'" . DT  A 1 6 ? 4.379   13.503  -5.578  1.00 20.70 ? 6   DT  D "O5'" 1 
ATOM   105 C  "C5'" . DT  A 1 6 ? 5.773   13.811  -5.659  1.00 20.38 ? 6   DT  D "C5'" 1 
ATOM   106 C  "C4'" . DT  A 1 6 ? 6.580   12.579  -5.365  1.00 19.12 ? 6   DT  D "C4'" 1 
ATOM   107 O  "O4'" . DT  A 1 6 ? 6.470   12.396  -3.990  1.00 16.41 ? 6   DT  D "O4'" 1 
ATOM   108 C  "C3'" . DT  A 1 6 ? 6.162   11.277  -5.981  1.00 20.72 ? 6   DT  D "C3'" 1 
ATOM   109 O  "O3'" . DT  A 1 6 ? 7.281   10.792  -6.690  1.00 29.64 ? 6   DT  D "O3'" 1 
ATOM   110 C  "C2'" . DT  A 1 6 ? 5.975   10.350  -4.839  1.00 15.26 ? 6   DT  D "C2'" 1 
ATOM   111 C  "C1'" . DT  A 1 6 ? 6.616   11.005  -3.692  1.00 13.41 ? 6   DT  D "C1'" 1 
ATOM   112 N  N1    . DT  A 1 6 ? 5.917   10.833  -2.366  1.00 12.34 ? 6   DT  D N1    1 
ATOM   113 C  C2    . DT  A 1 6 ? 6.707   10.328  -1.281  1.00 11.98 ? 6   DT  D C2    1 
ATOM   114 O  O2    . DT  A 1 6 ? 7.904   9.999   -1.525  1.00 12.76 ? 6   DT  D O2    1 
ATOM   115 N  N3    . DT  A 1 6 ? 6.136   10.232  -0.105  1.00 12.91 ? 6   DT  D N3    1 
ATOM   116 C  C4    . DT  A 1 6 ? 4.865   10.591  0.222   1.00 11.61 ? 6   DT  D C4    1 
ATOM   117 O  O4    . DT  A 1 6 ? 4.438   10.502  1.352   1.00 12.13 ? 6   DT  D O4    1 
ATOM   118 C  C5    . DT  A 1 6 ? 4.035   11.072  -0.913  1.00 10.91 ? 6   DT  D C5    1 
ATOM   119 C  C7    . DT  A 1 6 ? 2.630   11.443  -0.692  1.00 13.06 ? 6   DT  D C7    1 
ATOM   120 C  C6    . DT  A 1 6 ? 4.658   11.158  -2.149  1.00 11.56 ? 6   DT  D C6    1 
ATOM   121 O  "O5'" . DA  B 1 1 ? -2.556  -13.534 5.161   1.00 38.72 ? 1   DA  C "O5'" 1 
ATOM   122 C  "C5'" . DA  B 1 1 ? -2.991  -12.355 5.878   1.00 30.83 ? 1   DA  C "C5'" 1 
ATOM   123 C  "C4'" . DA  B 1 1 ? -4.422  -12.020 5.531   1.00 25.45 ? 1   DA  C "C4'" 1 
ATOM   124 O  "O4'" . DA  B 1 1 ? -4.420  -11.217 4.327   1.00 22.72 ? 1   DA  C "O4'" 1 
ATOM   125 C  "C3'" . DA  B 1 1 ? -5.321  -13.212 5.224   1.00 30.16 ? 1   DA  C "C3'" 1 
ATOM   126 O  "O3'" . DA  B 1 1 ? -6.641  -12.937 5.685   1.00 38.71 ? 1   DA  C "O3'" 1 
ATOM   127 C  "C2'" . DA  B 1 1 ? -5.293  -13.281 3.711   1.00 30.65 ? 1   DA  C "C2'" 1 
ATOM   128 C  "C1'" . DA  B 1 1 ? -5.180  -11.820 3.315   1.00 21.41 ? 1   DA  C "C1'" 1 
ATOM   129 N  N9    . DA  B 1 1 ? -4.472  -11.598 2.054   1.00 16.95 ? 1   DA  C N9    1 
ATOM   130 C  C8    . DA  B 1 1 ? -3.234  -12.047 1.666   1.00 17.08 ? 1   DA  C C8    1 
ATOM   131 N  N7    . DA  B 1 1 ? -2.876  -11.643 0.473   1.00 17.40 ? 1   DA  C N7    1 
ATOM   132 C  C5    . DA  B 1 1 ? -3.949  -10.866 0.050   1.00 13.49 ? 1   DA  C C5    1 
ATOM   133 C  C6    . DA  B 1 1 ? -4.200  -10.194 -1.151  1.00 14.06 ? 1   DA  C C6    1 
ATOM   134 N  N6    . DA  B 1 1 ? -3.324  -10.147 -2.177  1.00 14.11 ? 1   DA  C N6    1 
ATOM   135 N  N1    . DA  B 1 1 ? -5.379  -9.549  -1.273  1.00 12.29 ? 1   DA  C N1    1 
ATOM   136 C  C2    . DA  B 1 1 ? -6.244  -9.578  -0.245  1.00 15.35 ? 1   DA  C C2    1 
ATOM   137 N  N3    . DA  B 1 1 ? -6.133  -10.204 0.928   1.00 15.69 ? 1   DA  C N3    1 
ATOM   138 C  C4    . DA  B 1 1 ? -4.943  -10.835 1.010   1.00 14.08 ? 1   DA  C C4    1 
ATOM   139 P  P     . DA  B 1 2 ? -7.651  -14.144 5.929   1.00 41.84 ? 2   DA  C P     1 
ATOM   140 O  OP1   . DA  B 1 2 ? -8.054  -14.129 7.355   1.00 57.75 ? 2   DA  C OP1   1 
ATOM   141 O  OP2   . DA  B 1 2 ? -7.055  -15.374 5.320   1.00 34.11 ? 2   DA  C OP2   1 
ATOM   142 O  "O5'" . DA  B 1 2 ? -8.878  -13.855 4.982   1.00 30.97 ? 2   DA  C "O5'" 1 
ATOM   143 C  "C5'" . DA  B 1 2 ? -9.668  -12.679 5.095   1.00 31.81 ? 2   DA  C "C5'" 1 
ATOM   144 C  "C4'" . DA  B 1 2 ? -10.415 -12.606 3.813   1.00 26.23 ? 2   DA  C "C4'" 1 
ATOM   145 O  "O4'" . DA  B 1 2 ? -9.460  -12.360 2.755   1.00 24.26 ? 2   DA  C "O4'" 1 
ATOM   146 C  "C3'" . DA  B 1 2 ? -11.135 -13.909 3.448   1.00 26.43 ? 2   DA  C "C3'" 1 
ATOM   147 O  "O3'" . DA  B 1 2 ? -12.418 -13.440 3.130   1.00 28.49 ? 2   DA  C "O3'" 1 
ATOM   148 C  "C2'" . DA  B 1 2 ? -10.299 -14.491 2.306   1.00 24.09 ? 2   DA  C "C2'" 1 
ATOM   149 C  "C1'" . DA  B 1 2 ? -9.711  -13.231 1.679   1.00 20.52 ? 2   DA  C "C1'" 1 
ATOM   150 N  N9    . DA  B 1 2 ? -8.450  -13.480 0.966   1.00 17.30 ? 2   DA  C N9    1 
ATOM   151 C  C8    . DA  B 1 2 ? -7.391  -14.254 1.381   1.00 19.10 ? 2   DA  C C8    1 
ATOM   152 N  N7    . DA  B 1 2 ? -6.379  -14.265 0.543   1.00 16.91 ? 2   DA  C N7    1 
ATOM   153 C  C5    . DA  B 1 2 ? -6.787  -13.415 -0.480  1.00 12.89 ? 2   DA  C C5    1 
ATOM   154 C  C6    . DA  B 1 2 ? -6.182  -13.024 -1.693  1.00 14.00 ? 2   DA  C C6    1 
ATOM   155 N  N6    . DA  B 1 2 ? -4.981  -13.413 -2.092  1.00 14.78 ? 2   DA  C N6    1 
ATOM   156 N  N1    . DA  B 1 2 ? -6.866  -12.180 -2.483  1.00 14.78 ? 2   DA  C N1    1 
ATOM   157 C  C2    . DA  B 1 2 ? -8.083  -11.771 -2.100  1.00 14.51 ? 2   DA  C C2    1 
ATOM   158 N  N3    . DA  B 1 2 ? -8.746  -12.037 -0.986  1.00 14.04 ? 2   DA  C N3    1 
ATOM   159 C  C4    . DA  B 1 2 ? -8.050  -12.903 -0.218  1.00 16.00 ? 2   DA  C C4    1 
ATOM   160 P  P     . DA  B 1 3 ? -13.618 -14.405 2.600   1.00 25.92 ? 3   DA  C P     1 
ATOM   161 O  OP1   . DA  B 1 3 ? -14.881 -13.798 3.093   1.00 32.43 ? 3   DA  C OP1   1 
ATOM   162 O  OP2   . DA  B 1 3 ? -13.294 -15.842 2.847   1.00 27.58 ? 3   DA  C OP2   1 
ATOM   163 O  "O5'" . DA  B 1 3 ? -13.561 -14.172 1.011   1.00 22.52 ? 3   DA  C "O5'" 1 
ATOM   164 C  "C5'" . DA  B 1 3 ? -13.726 -12.851 0.505   1.00 17.81 ? 3   DA  C "C5'" 1 
ATOM   165 C  "C4'" . DA  B 1 3 ? -13.610 -12.896 -1.001  1.00 17.60 ? 3   DA  C "C4'" 1 
ATOM   166 O  "O4'" . DA  B 1 3 ? -12.230 -13.089 -1.442  1.00 17.84 ? 3   DA  C "O4'" 1 
ATOM   167 C  "C3'" . DA  B 1 3 ? -14.433 -13.985 -1.689  1.00 18.98 ? 3   DA  C "C3'" 1 
ATOM   168 O  "O3'" . DA  B 1 3 ? -15.108 -13.310 -2.742  1.00 15.83 ? 3   DA  C "O3'" 1 
ATOM   169 C  "C2'" . DA  B 1 3 ? -13.402 -15.057 -2.046  1.00 16.48 ? 3   DA  C "C2'" 1 
ATOM   170 C  "C1'" . DA  B 1 3 ? -12.174 -14.189 -2.363  1.00 14.22 ? 3   DA  C "C1'" 1 
ATOM   171 N  N9    . DA  B 1 3 ? -10.885 -14.840 -2.173  1.00 13.37 ? 3   DA  C N9    1 
ATOM   172 C  C8    . DA  B 1 3 ? -10.492 -15.617 -1.106  1.00 12.90 ? 3   DA  C C8    1 
ATOM   173 N  N7    . DA  B 1 3 ? -9.261  -16.051 -1.197  1.00 14.35 ? 3   DA  C N7    1 
ATOM   174 C  C5    . DA  B 1 3 ? -8.806  -15.517 -2.396  1.00 12.61 ? 3   DA  C C5    1 
ATOM   175 C  C6    . DA  B 1 3 ? -7.564  -15.590 -3.048  1.00 13.35 ? 3   DA  C C6    1 
ATOM   176 N  N6    . DA  B 1 3 ? -6.522  -16.249 -2.563  1.00 14.98 ? 3   DA  C N6    1 
ATOM   177 N  N1    . DA  B 1 3 ? -7.447  -14.995 -4.250  1.00 13.58 ? 3   DA  C N1    1 
ATOM   178 C  C2    . DA  B 1 3 ? -8.504  -14.320 -4.733  1.00 12.99 ? 3   DA  C C2    1 
ATOM   179 N  N3    . DA  B 1 3 ? -9.714  -14.136 -4.190  1.00 12.20 ? 3   DA  C N3    1 
ATOM   180 C  C4    . DA  B 1 3 ? -9.800  -14.776 -3.010  1.00 12.76 ? 3   DA  C C4    1 
ATOM   181 P  P     . DT  B 1 4 ? -16.258 -14.050 -3.622  1.00 18.68 ? 4   DT  C P     1 
ATOM   182 O  OP1   . DT  B 1 4 ? -17.123 -12.962 -4.193  1.00 19.70 ? 4   DT  C OP1   1 
ATOM   183 O  OP2   . DT  B 1 4 ? -16.839 -15.185 -2.835  1.00 20.93 ? 4   DT  C OP2   1 
ATOM   184 O  "O5'" . DT  B 1 4 ? -15.425 -14.784 -4.749  1.00 18.12 ? 4   DT  C "O5'" 1 
ATOM   185 C  "C5'" . DT  B 1 4 ? -14.807 -14.008 -5.784  1.00 17.51 ? 4   DT  C "C5'" 1 
ATOM   186 C  "C4'" . DT  B 1 4 ? -13.858 -14.841 -6.609  1.00 15.75 ? 4   DT  C "C4'" 1 
ATOM   187 O  "O4'" . DT  B 1 4 ? -12.720 -15.279 -5.856  1.00 16.08 ? 4   DT  C "O4'" 1 
ATOM   188 C  "C3'" . DT  B 1 4 ? -14.439 -16.117 -7.224  1.00 17.33 ? 4   DT  C "C3'" 1 
ATOM   189 O  "O3'" . DT  B 1 4 ? -14.727 -15.806 -8.564  1.00 21.00 ? 4   DT  C "O3'" 1 
ATOM   190 C  "C2'" . DT  B 1 4 ? -13.351 -17.154 -7.035  1.00 16.49 ? 4   DT  C "C2'" 1 
ATOM   191 C  "C1'" . DT  B 1 4 ? -12.160 -16.334 -6.599  1.00 16.97 ? 4   DT  C "C1'" 1 
ATOM   192 N  N1    . DT  B 1 4 ? -11.240 -17.060 -5.728  1.00 16.05 ? 4   DT  C N1    1 
ATOM   193 C  C2    . DT  B 1 4 ? -9.926  -17.171 -6.131  1.00 14.61 ? 4   DT  C C2    1 
ATOM   194 O  O2    . DT  B 1 4 ? -9.524  -16.763 -7.206  1.00 14.14 ? 4   DT  C O2    1 
ATOM   195 N  N3    . DT  B 1 4 ? -9.121  -17.869 -5.264  1.00 13.65 ? 4   DT  C N3    1 
ATOM   196 C  C4    . DT  B 1 4 ? -9.463  -18.348 -4.007  1.00 13.12 ? 4   DT  C C4    1 
ATOM   197 O  O4    . DT  B 1 4 ? -8.614  -18.915 -3.309  1.00 15.08 ? 4   DT  C O4    1 
ATOM   198 C  C5    . DT  B 1 4 ? -10.857 -18.191 -3.645  1.00 14.30 ? 4   DT  C C5    1 
ATOM   199 C  C7    . DT  B 1 4 ? -11.330 -18.758 -2.345  1.00 17.42 ? 4   DT  C C7    1 
ATOM   200 C  C6    . DT  B 1 4 ? -11.666 -17.560 -4.509  1.00 13.87 ? 4   DT  C C6    1 
ATOM   201 P  P     . DT  B 1 5 ? -15.210 -16.955 -9.604  1.00 20.67 ? 5   DT  C P     1 
ATOM   202 O  OP1   . DT  B 1 5 ? -15.909 -16.238 -10.664 1.00 25.80 ? 5   DT  C OP1   1 
ATOM   203 O  OP2   . DT  B 1 5 ? -15.797 -18.139 -8.862  1.00 22.39 ? 5   DT  C OP2   1 
ATOM   204 O  "O5'" . DT  B 1 5 ? -13.799 -17.451 -10.186 1.00 17.26 ? 5   DT  C "O5'" 1 
ATOM   205 C  "C5'" . DT  B 1 5 ? -12.993 -16.543 -10.988 1.00 17.10 ? 5   DT  C "C5'" 1 
ATOM   206 C  "C4'" . DT  B 1 5 ? -11.737 -17.249 -11.436 1.00 16.72 ? 5   DT  C "C4'" 1 
ATOM   207 O  "O4'" . DT  B 1 5 ? -11.030 -17.728 -10.258 1.00 15.29 ? 5   DT  C "O4'" 1 
ATOM   208 C  "C3'" . DT  B 1 5 ? -11.936 -18.474 -12.356 1.00 16.76 ? 5   DT  C "C3'" 1 
ATOM   209 O  "O3'" . DT  B 1 5 ? -11.091 -18.213 -13.489 1.00 16.07 ? 5   DT  C "O3'" 1 
ATOM   210 C  "C2'" . DT  B 1 5 ? -11.470 -19.654 -11.514 1.00 14.76 ? 5   DT  C "C2'" 1 
ATOM   211 C  "C1'" . DT  B 1 5 ? -10.477 -19.019 -10.553 1.00 13.29 ? 5   DT  C "C1'" 1 
ATOM   212 N  N1    . DT  B 1 5 ? -10.345 -19.732 -9.298  1.00 13.49 ? 5   DT  C N1    1 
ATOM   213 C  C2    . DT  B 1 5 ? -9.075  -20.131 -8.914  1.00 13.51 ? 5   DT  C C2    1 
ATOM   214 O  O2    . DT  B 1 5 ? -8.084  -20.049 -9.628  1.00 13.15 ? 5   DT  C O2    1 
ATOM   215 N  N3    . DT  B 1 5 ? -9.008  -20.672 -7.662  1.00 12.37 ? 5   DT  C N3    1 
ATOM   216 C  C4    . DT  B 1 5 ? -10.040 -20.869 -6.769  1.00 12.54 ? 5   DT  C C4    1 
ATOM   217 O  O4    . DT  B 1 5 ? -9.792  -21.300 -5.655  1.00 14.38 ? 5   DT  C O4    1 
ATOM   218 C  C5    . DT  B 1 5 ? -11.345 -20.420 -7.222  1.00 13.53 ? 5   DT  C C5    1 
ATOM   219 C  C7    . DT  B 1 5 ? -12.532 -20.610 -6.332  1.00 12.99 ? 5   DT  C C7    1 
ATOM   220 C  C6    . DT  B 1 5 ? -11.431 -19.888 -8.453  1.00 12.91 ? 5   DT  C C6    1 
ATOM   221 P  P     . DT  B 1 6 ? -11.238 -19.018 -14.880 1.00 17.71 ? 6   DT  C P     1 
ATOM   222 O  OP1   . DT  B 1 6 ? -10.747 -18.066 -15.944 1.00 19.32 ? 6   DT  C OP1   1 
ATOM   223 O  OP2   . DT  B 1 6 ? -12.605 -19.586 -14.958 1.00 20.34 ? 6   DT  C OP2   1 
ATOM   224 O  "O5'" . DT  B 1 6 ? -10.233 -20.232 -14.669 1.00 17.54 ? 6   DT  C "O5'" 1 
ATOM   225 C  "C5'" . DT  B 1 6 ? -8.809  -19.981 -14.648 1.00 17.19 ? 6   DT  C "C5'" 1 
ATOM   226 C  "C4'" . DT  B 1 6 ? -8.091  -21.216 -14.163 1.00 17.62 ? 6   DT  C "C4'" 1 
ATOM   227 O  "O4'" . DT  B 1 6 ? -8.438  -21.459 -12.792 1.00 17.17 ? 6   DT  C "O4'" 1 
ATOM   228 C  "C3'" . DT  B 1 6 ? -8.391  -22.516 -14.921 1.00 20.12 ? 6   DT  C "C3'" 1 
ATOM   229 O  "O3'" . DT  B 1 6 ? -7.193  -23.017 -15.514 1.00 29.70 ? 6   DT  C "O3'" 1 
ATOM   230 C  "C2'" . DT  B 1 6 ? -8.741  -23.527 -13.836 1.00 19.84 ? 6   DT  C "C2'" 1 
ATOM   231 C  "C1'" . DT  B 1 6 ? -8.256  -22.839 -12.559 1.00 16.85 ? 6   DT  C "C1'" 1 
ATOM   232 N  N1    . DT  B 1 6 ? -8.942  -23.159 -11.313 1.00 15.95 ? 6   DT  C N1    1 
ATOM   233 C  C2    . DT  B 1 6 ? -8.197  -23.564 -10.224 1.00 13.21 ? 6   DT  C C2    1 
ATOM   234 O  O2    . DT  B 1 6 ? -6.999  -23.771 -10.278 1.00 14.06 ? 6   DT  C O2    1 
ATOM   235 N  N3    . DT  B 1 6 ? -8.934  -23.839 -9.103  1.00 11.19 ? 6   DT  C N3    1 
ATOM   236 C  C4    . DT  B 1 6 ? -10.287 -23.663 -8.929  1.00 11.34 ? 6   DT  C C4    1 
ATOM   237 O  O4    . DT  B 1 6 ? -10.796 -23.883 -7.829  1.00 15.49 ? 6   DT  C O4    1 
ATOM   238 C  C5    . DT  B 1 6 ? -11.011 -23.241 -10.109 1.00 14.77 ? 6   DT  C C5    1 
ATOM   239 C  C7    . DT  B 1 6 ? -12.493 -23.041 -10.017 1.00 17.66 ? 6   DT  C C7    1 
ATOM   240 C  C6    . DT  B 1 6 ? -10.307 -23.003 -11.227 1.00 13.48 ? 6   DT  C C6    1 
ATOM   241 O  "O5'" . DA  C 1 1 ? 1.359   12.180  -3.863  1.00 22.48 ? 1   DA  A "O5'" 1 
ATOM   242 C  "C5'" . DA  C 1 1 ? 0.744   11.125  -4.642  1.00 16.94 ? 1   DA  A "C5'" 1 
ATOM   243 C  "C4'" . DA  C 1 1 ? 1.815   10.216  -5.206  1.00 14.60 ? 1   DA  A "C4'" 1 
ATOM   244 O  "O4'" . DA  C 1 1 ? 2.712   9.743   -4.183  1.00 13.96 ? 1   DA  A "O4'" 1 
ATOM   245 C  "C3'" . DA  C 1 1 ? 1.300   8.953   -5.908  1.00 13.80 ? 1   DA  A "C3'" 1 
ATOM   246 O  "O3'" . DA  C 1 1 ? 2.169   8.747   -7.016  1.00 14.01 ? 1   DA  A "O3'" 1 
ATOM   247 C  "C2'" . DA  C 1 1 ? 1.458   7.860   -4.857  1.00 14.00 ? 1   DA  A "C2'" 1 
ATOM   248 C  "C1'" . DA  C 1 1 ? 2.691   8.303   -4.079  1.00 12.27 ? 1   DA  A "C1'" 1 
ATOM   249 N  N9    . DA  C 1 1 ? 2.644   7.985   -2.656  1.00 12.10 ? 1   DA  A N9    1 
ATOM   250 C  C8    . DA  C 1 1 ? 1.598   8.148   -1.773  1.00 13.23 ? 1   DA  A C8    1 
ATOM   251 N  N7    . DA  C 1 1 ? 1.915   7.905   -0.524  1.00 12.59 ? 1   DA  A N7    1 
ATOM   252 C  C5    . DA  C 1 1 ? 3.269   7.573   -0.584  1.00 12.21 ? 1   DA  A C5    1 
ATOM   253 C  C6    . DA  C 1 1 ? 4.189   7.153   0.401   1.00 12.32 ? 1   DA  A C6    1 
ATOM   254 N  N6    . DA  C 1 1 ? 3.897   7.055   1.700   1.00 12.42 ? 1   DA  A N6    1 
ATOM   255 N  N1    . DA  C 1 1 ? 5.445   6.866   -0.001  1.00 10.93 ? 1   DA  A N1    1 
ATOM   256 C  C2    . DA  C 1 1 ? 5.749   6.968   -1.306  1.00 9.96  ? 1   DA  A C2    1 
ATOM   257 N  N3    . DA  C 1 1 ? 4.987   7.391   -2.319  1.00 11.18 ? 1   DA  A N3    1 
ATOM   258 C  C4    . DA  C 1 1 ? 3.733   7.639   -1.890  1.00 11.44 ? 1   DA  A C4    1 
ATOM   259 P  P     . DA  C 1 2 ? 1.909   7.565   -8.073  1.00 12.62 ? 2   DA  A P     1 
ATOM   260 O  OP1   . DA  C 1 2 ? 2.571   8.018   -9.359  1.00 15.87 ? 2   DA  A OP1   1 
ATOM   261 O  OP2   . DA  C 1 2 ? 0.508   7.112   -8.068  1.00 12.33 ? 2   DA  A OP2   1 
ATOM   262 O  "O5'" . DA  C 1 2 ? 2.754   6.345   -7.443  1.00 12.12 ? 2   DA  A "O5'" 1 
ATOM   263 C  "C5'" . DA  C 1 2 ? 4.194   6.501   -7.337  1.00 13.00 ? 2   DA  A "C5'" 1 
ATOM   264 C  "C4'" . DA  C 1 2 ? 4.745   5.278   -6.651  1.00 12.05 ? 2   DA  A "C4'" 1 
ATOM   265 O  "O4'" . DA  C 1 2 ? 4.392   5.346   -5.251  1.00 12.91 ? 2   DA  A "O4'" 1 
ATOM   266 C  "C3'" . DA  C 1 2 ? 4.142   3.968   -7.175  1.00 11.81 ? 2   DA  A "C3'" 1 
ATOM   267 O  "O3'" . DA  C 1 2 ? 5.178   2.980   -7.192  1.00 15.26 ? 2   DA  A "O3'" 1 
ATOM   268 C  "C2'" . DA  C 1 2 ? 3.201   3.563   -6.054  1.00 12.56 ? 2   DA  A "C2'" 1 
ATOM   269 C  "C1'" . DA  C 1 2 ? 4.022   4.035   -4.856  1.00 10.72 ? 2   DA  A "C1'" 1 
ATOM   270 N  N9    . DA  C 1 2 ? 3.277   4.144   -3.633  1.00 11.34 ? 2   DA  A N9    1 
ATOM   271 C  C8    . DA  C 1 2 ? 1.978   4.559   -3.454  1.00 12.19 ? 2   DA  A C8    1 
ATOM   272 N  N7    . DA  C 1 2 ? 1.606   4.587   -2.204  1.00 11.72 ? 2   DA  A N7    1 
ATOM   273 C  C5    . DA  C 1 2 ? 2.760   4.263   -1.504  1.00 11.19 ? 2   DA  A C5    1 
ATOM   274 C  C6    . DA  C 1 2 ? 3.021   4.100   -0.125  1.00 10.18 ? 2   DA  A C6    1 
ATOM   275 N  N6    . DA  C 1 2 ? 2.123   4.324   0.828   1.00 11.40 ? 2   DA  A N6    1 
ATOM   276 N  N1    . DA  C 1 2 ? 4.263   3.721   0.232   1.00 10.56 ? 2   DA  A N1    1 
ATOM   277 C  C2    . DA  C 1 2 ? 5.185   3.539   -0.727  1.00 10.12 ? 2   DA  A C2    1 
ATOM   278 N  N3    . DA  C 1 2 ? 5.050   3.618   -2.050  1.00 11.28 ? 2   DA  A N3    1 
ATOM   279 C  C4    . DA  C 1 2 ? 3.796   3.984   -2.371  1.00 10.58 ? 2   DA  A C4    1 
ATOM   280 P  P     . DA  C 1 3 ? 5.222   1.774   -8.215  1.00 13.79 ? 3   DA  A P     1 
ATOM   281 O  OP1   . DA  C 1 3 ? 5.858   2.189   -9.475  1.00 17.75 ? 3   DA  A OP1   1 
ATOM   282 O  OP2   . DA  C 1 3 ? 3.890   1.112   -8.248  1.00 15.61 ? 3   DA  A OP2   1 
ATOM   283 O  "O5'" . DA  C 1 3 ? 6.216   0.827   -7.415  1.00 13.03 ? 3   DA  A "O5'" 1 
ATOM   284 C  "C5'" . DA  C 1 3 ? 7.588   1.298   -7.093  1.00 12.74 ? 3   DA  A "C5'" 1 
ATOM   285 C  "C4'" . DA  C 1 3 ? 8.110   0.456   -5.965  1.00 13.15 ? 3   DA  A "C4'" 1 
ATOM   286 O  "O4'" . DA  C 1 3 ? 7.354   0.808   -4.772  1.00 11.91 ? 3   DA  A "O4'" 1 
ATOM   287 C  "C3'" . DA  C 1 3 ? 7.941   -1.054  -6.140  1.00 13.48 ? 3   DA  A "C3'" 1 
ATOM   288 O  "O3'" . DA  C 1 3 ? 9.103   -1.635  -5.588  1.00 13.35 ? 3   DA  A "O3'" 1 
ATOM   289 C  "C2'" . DA  C 1 3 ? 6.676   -1.355  -5.355  1.00 11.27 ? 3   DA  A "C2'" 1 
ATOM   290 C  "C1'" . DA  C 1 3 ? 6.770   -0.349  -4.202  1.00 9.79  ? 3   DA  A "C1'" 1 
ATOM   291 N  N9    . DA  C 1 3 ? 5.455   0.008   -3.649  1.00 9.86  ? 3   DA  A N9    1 
ATOM   292 C  C8    . DA  C 1 3 ? 4.327   0.349   -4.358  1.00 10.28 ? 3   DA  A C8    1 
ATOM   293 N  N7    . DA  C 1 3 ? 3.296   0.641   -3.598  1.00 9.13  ? 3   DA  A N7    1 
ATOM   294 C  C5    . DA  C 1 3 ? 3.775   0.480   -2.306  1.00 7.87  ? 3   DA  A C5    1 
ATOM   295 C  C6    . DA  C 1 3 ? 3.163   0.601   -1.039  1.00 7.76  ? 3   DA  A C6    1 
ATOM   296 N  N6    . DA  C 1 3 ? 1.898   0.982   -0.838  1.00 8.53  ? 3   DA  A N6    1 
ATOM   297 N  N1    . DA  C 1 3 ? 3.926   0.357   0.051   1.00 9.30  ? 3   DA  A N1    1 
ATOM   298 C  C2    . DA  C 1 3 ? 5.211   0.015   -0.126  1.00 8.49  ? 3   DA  A C2    1 
ATOM   299 N  N3    . DA  C 1 3 ? 5.896   -0.117  -1.254  1.00 9.33  ? 3   DA  A N3    1 
ATOM   300 C  C4    . DA  C 1 3 ? 5.102   0.089   -2.322  1.00 8.61  ? 3   DA  A C4    1 
ATOM   301 P  P     . DT  C 1 4 ? 9.411   -3.221  -5.687  1.00 17.48 ? 4   DT  A P     1 
ATOM   302 O  OP1   . DT  C 1 4 ? 10.881  -3.337  -5.568  1.00 17.85 ? 4   DT  A OP1   1 
ATOM   303 O  OP2   . DT  C 1 4 ? 8.663   -3.849  -6.819  1.00 19.71 ? 4   DT  A OP2   1 
ATOM   304 O  "O5'" . DT  C 1 4 ? 8.671   -3.754  -4.378  1.00 14.38 ? 4   DT  A "O5'" 1 
ATOM   305 C  "C5'" . DT  C 1 4 ? 9.216   -3.485  -3.092  1.00 14.70 ? 4   DT  A "C5'" 1 
ATOM   306 C  "C4'" . DT  C 1 4 ? 8.256   -3.979  -2.052  1.00 17.40 ? 4   DT  A "C4'" 1 
ATOM   307 O  "O4'" . DT  C 1 4 ? 7.035   -3.222  -2.120  1.00 13.38 ? 4   DT  A "O4'" 1 
ATOM   308 C  "C3'" . DT  C 1 4 ? 7.829   -5.441  -2.197  1.00 16.16 ? 4   DT  A "C3'" 1 
ATOM   309 O  "O3'" . DT  C 1 4 ? 8.596   -6.124  -1.211  1.00 19.57 ? 4   DT  A "O3'" 1 
ATOM   310 C  "C2'" . DT  C 1 4 ? 6.341   -5.407  -1.890  1.00 15.21 ? 4   DT  A "C2'" 1 
ATOM   311 C  "C1'" . DT  C 1 4 ? 6.075   -3.997  -1.418  1.00 11.96 ? 4   DT  A "C1'" 1 
ATOM   312 N  N1    . DT  C 1 4 ? 4.738   -3.481  -1.770  1.00 10.82 ? 4   DT  A N1    1 
ATOM   313 C  C2    . DT  C 1 4 ? 3.859   -3.163  -0.750  1.00 10.18 ? 4   DT  A C2    1 
ATOM   314 O  O2    . DT  C 1 4 ? 4.122   -3.321  0.431   1.00 11.38 ? 4   DT  A O2    1 
ATOM   315 N  N3    . DT  C 1 4 ? 2.660   -2.625  -1.163  1.00 7.67  ? 4   DT  A N3    1 
ATOM   316 C  C4    . DT  C 1 4 ? 2.224   -2.484  -2.459  1.00 9.48  ? 4   DT  A C4    1 
ATOM   317 O  O4    . DT  C 1 4 ? 1.127   -1.983  -2.683  1.00 10.27 ? 4   DT  A O4    1 
ATOM   318 C  C5    . DT  C 1 4 ? 3.166   -2.904  -3.479  1.00 10.58 ? 4   DT  A C5    1 
ATOM   319 C  C7    . DT  C 1 4 ? 2.768   -2.783  -4.912  1.00 10.85 ? 4   DT  A C7    1 
ATOM   320 C  C6    . DT  C 1 4 ? 4.379   -3.336  -3.096  1.00 8.99  ? 4   DT  A C6    1 
ATOM   321 P  P     . DT  C 1 5 ? 8.498   -7.714  -0.962  1.00 23.81 ? 5   DT  A P     1 
ATOM   322 O  OP1   . DT  C 1 5 ? 9.766   -8.160  -0.332  1.00 34.44 ? 5   DT  A OP1   1 
ATOM   323 O  OP2   . DT  C 1 5 ? 7.952   -8.390  -2.173  1.00 25.15 ? 5   DT  A OP2   1 
ATOM   324 O  "O5'" . DT  C 1 5 ? 7.243   -7.881  0.005   1.00 18.81 ? 5   DT  A "O5'" 1 
ATOM   325 C  "C5'" . DT  C 1 5 ? 7.360   -7.409  1.332   1.00 16.81 ? 5   DT  A "C5'" 1 
ATOM   326 C  "C4'" . DT  C 1 5 ? 6.039   -7.583  2.040   1.00 14.54 ? 5   DT  A "C4'" 1 
ATOM   327 O  "O4'" . DT  C 1 5 ? 5.032   -6.795  1.368   1.00 12.24 ? 5   DT  A "O4'" 1 
ATOM   328 C  "C3'" . DT  C 1 5 ? 5.475   -9.012  2.102   1.00 15.16 ? 5   DT  A "C3'" 1 
ATOM   329 O  "O3'" . DT  C 1 5 ? 5.401   -9.294  3.505   1.00 17.91 ? 5   DT  A "O3'" 1 
ATOM   330 C  "C2'" . DT  C 1 5 ? 4.089   -8.903  1.471   1.00 15.40 ? 5   DT  A "C2'" 1 
ATOM   331 C  "C1'" . DT  C 1 5 ? 3.770   -7.412  1.551   1.00 11.94 ? 5   DT  A "C1'" 1 
ATOM   332 N  N1    . DT  C 1 5 ? 2.880   -6.913  0.482   1.00 10.49 ? 5   DT  A N1    1 
ATOM   333 C  C2    . DT  C 1 5 ? 1.697   -6.300  0.810   1.00 10.58 ? 5   DT  A C2    1 
ATOM   334 O  O2    . DT  C 1 5 ? 1.287   -6.196  1.951   1.00 11.08 ? 5   DT  A O2    1 
ATOM   335 N  N3    . DT  C 1 5 ? 1.000   -5.787  -0.261  1.00 9.01  ? 5   DT  A N3    1 
ATOM   336 C  C4    . DT  C 1 5 ? 1.337   -5.858  -1.583  1.00 10.14 ? 5   DT  A C4    1 
ATOM   337 O  O4    . DT  C 1 5 ? 0.603   -5.338  -2.409  1.00 11.02 ? 5   DT  A O4    1 
ATOM   338 C  C5    . DT  C 1 5 ? 2.581   -6.541  -1.864  1.00 10.41 ? 5   DT  A C5    1 
ATOM   339 C  C7    . DT  C 1 5 ? 2.987   -6.752  -3.286  1.00 11.73 ? 5   DT  A C7    1 
ATOM   340 C  C6    . DT  C 1 5 ? 3.274   -7.040  -0.829  1.00 11.78 ? 5   DT  A C6    1 
ATOM   341 P  P     . DT  C 1 6 ? 4.998   -10.711 4.073   1.00 22.19 ? 6   DT  A P     1 
ATOM   342 O  OP1   . DT  C 1 6 ? 5.597   -10.760 5.437   1.00 25.50 ? 6   DT  A OP1   1 
ATOM   343 O  OP2   . DT  C 1 6 ? 5.292   -11.767 3.051   1.00 26.53 ? 6   DT  A OP2   1 
ATOM   344 O  "O5'" . DT  C 1 6 ? 3.417   -10.669 4.202   1.00 19.56 ? 6   DT  A "O5'" 1 
ATOM   345 C  "C5'" . DT  C 1 6 ? 2.818   -9.843  5.251   1.00 16.13 ? 6   DT  A "C5'" 1 
ATOM   346 C  "C4'" . DT  C 1 6 ? 1.310   -9.979  5.233   1.00 15.72 ? 6   DT  A "C4'" 1 
ATOM   347 O  "O4'" . DT  C 1 6 ? 0.808   -9.371  4.019   1.00 17.63 ? 6   DT  A "O4'" 1 
ATOM   348 C  "C3'" . DT  C 1 6 ? 0.898   -11.445 5.155   1.00 18.10 ? 6   DT  A "C3'" 1 
ATOM   349 O  "O3'" . DT  C 1 6 ? 0.047   -11.785 6.241   1.00 24.22 ? 6   DT  A "O3'" 1 
ATOM   350 C  "C2'" . DT  C 1 6 ? 0.188   -11.590 3.818   1.00 19.42 ? 6   DT  A "C2'" 1 
ATOM   351 C  "C1'" . DT  C 1 6 ? -0.225  -10.176 3.483   1.00 16.25 ? 6   DT  A "C1'" 1 
ATOM   352 N  N1    . DT  C 1 6 ? -0.335  -9.813  2.070   1.00 14.18 ? 6   DT  A N1    1 
ATOM   353 C  C2    . DT  C 1 6 ? -1.335  -8.949  1.661   1.00 11.93 ? 6   DT  A C2    1 
ATOM   354 O  O2    . DT  C 1 6 ? -2.251  -8.597  2.380   1.00 14.40 ? 6   DT  A O2    1 
ATOM   355 N  N3    . DT  C 1 6 ? -1.259  -8.577  0.342   1.00 13.21 ? 6   DT  A N3    1 
ATOM   356 C  C4    . DT  C 1 6 ? -0.315  -8.963  -0.581  1.00 13.18 ? 6   DT  A C4    1 
ATOM   357 O  O4    . DT  C 1 6 ? -0.393  -8.563  -1.740  1.00 16.48 ? 6   DT  A O4    1 
ATOM   358 C  C5    . DT  C 1 6 ? 0.676   -9.897  -0.090  1.00 14.66 ? 6   DT  A C5    1 
ATOM   359 C  C7    . DT  C 1 6 ? 1.705   -10.423 -1.033  1.00 14.40 ? 6   DT  A C7    1 
ATOM   360 C  C6    . DT  C 1 6 ? 0.659   -10.206 1.206   1.00 15.37 ? 6   DT  A C6    1 
ATOM   361 O  "O5'" . DA  D 1 1 ? -8.700  -2.757  -4.235  1.00 25.38 ? 1   DA  B "O5'" 1 
ATOM   362 C  "C5'" . DA  D 1 1 ? -9.938  -2.961  -3.563  1.00 25.81 ? 1   DA  B "C5'" 1 
ATOM   363 C  "C4'" . DA  D 1 1 ? -9.710  -3.628  -2.232  1.00 23.30 ? 1   DA  B "C4'" 1 
ATOM   364 O  "O4'" . DA  D 1 1 ? -9.106  -4.930  -2.378  1.00 23.71 ? 1   DA  B "O4'" 1 
ATOM   365 C  "C3'" . DA  D 1 1 ? -8.780  -2.878  -1.292  1.00 19.89 ? 1   DA  B "C3'" 1 
ATOM   366 O  "O3'" . DA  D 1 1 ? -9.542  -1.920  -0.609  1.00 20.90 ? 1   DA  B "O3'" 1 
ATOM   367 C  "C2'" . DA  D 1 1 ? -8.348  -3.976  -0.348  1.00 20.96 ? 1   DA  B "C2'" 1 
ATOM   368 C  "C1'" . DA  D 1 1 ? -8.156  -5.116  -1.313  1.00 22.04 ? 1   DA  B "C1'" 1 
ATOM   369 N  N9    . DA  D 1 1 ? -6.819  -5.292  -1.901  1.00 15.76 ? 1   DA  B N9    1 
ATOM   370 C  C8    . DA  D 1 1 ? -6.378  -5.002  -3.166  1.00 17.40 ? 1   DA  B C8    1 
ATOM   371 N  N7    . DA  D 1 1 ? -5.145  -5.387  -3.404  1.00 17.20 ? 1   DA  B N7    1 
ATOM   372 C  C5    . DA  D 1 1 ? -4.723  -5.913  -2.194  1.00 14.95 ? 1   DA  B C5    1 
ATOM   373 C  C6    . DA  D 1 1 ? -3.524  -6.521  -1.795  1.00 13.31 ? 1   DA  B C6    1 
ATOM   374 N  N6    . DA  D 1 1 ? -2.462  -6.669  -2.589  1.00 14.62 ? 1   DA  B N6    1 
ATOM   375 N  N1    . DA  D 1 1 ? -3.462  -7.003  -0.531  1.00 12.41 ? 1   DA  B N1    1 
ATOM   376 C  C2    . DA  D 1 1 ? -4.524  -6.855  0.276   1.00 12.52 ? 1   DA  B C2    1 
ATOM   377 N  N3    . DA  D 1 1 ? -5.713  -6.329  0.004   1.00 14.48 ? 1   DA  B N3    1 
ATOM   378 C  C4    . DA  D 1 1 ? -5.745  -5.865  -1.256  1.00 15.36 ? 1   DA  B C4    1 
ATOM   379 P  P     . DA  D 1 2 ? -8.913  -0.580  -0.033  1.00 20.00 ? 2   DA  B P     1 
ATOM   380 O  OP1   . DA  D 1 2 ? -10.071 0.285   0.231   1.00 27.33 ? 2   DA  B OP1   1 
ATOM   381 O  OP2   . DA  D 1 2 ? -7.801  -0.079  -0.916  1.00 20.83 ? 2   DA  B OP2   1 
ATOM   382 O  "O5'" . DA  D 1 2 ? -8.141  -1.051  1.286   1.00 20.04 ? 2   DA  B "O5'" 1 
ATOM   383 C  "C5'" . DA  D 1 2 ? -8.844  -1.849  2.275   1.00 20.53 ? 2   DA  B "C5'" 1 
ATOM   384 C  "C4'" . DA  D 1 2 ? -7.859  -2.363  3.295   1.00 19.01 ? 2   DA  B "C4'" 1 
ATOM   385 O  "O4'" . DA  D 1 2 ? -6.865  -3.178  2.612   1.00 15.68 ? 2   DA  B "O4'" 1 
ATOM   386 C  "C3'" . DA  D 1 2 ? -7.101  -1.234  3.998   1.00 16.28 ? 2   DA  B "C3'" 1 
ATOM   387 O  "O3'" . DA  D 1 2 ? -6.841  -1.725  5.299   1.00 16.52 ? 2   DA  B "O3'" 1 
ATOM   388 C  "C2'" . DA  D 1 2 ? -5.824  -1.122  3.172   1.00 14.48 ? 2   DA  B "C2'" 1 
ATOM   389 C  "C1'" . DA  D 1 2 ? -5.564  -2.581  2.752   1.00 14.06 ? 2   DA  B "C1'" 1 
ATOM   390 N  N9    . DA  D 1 2 ? -4.875  -2.711  1.473   1.00 12.82 ? 2   DA  B N9    1 
ATOM   391 C  C8    . DA  D 1 2 ? -5.152  -2.043  0.302   1.00 13.69 ? 2   DA  B C8    1 
ATOM   392 N  N7    . DA  D 1 2 ? -4.300  -2.295  -0.664  1.00 13.27 ? 2   DA  B N7    1 
ATOM   393 C  C5    . DA  D 1 2 ? -3.376  -3.151  -0.076  1.00 10.56 ? 2   DA  B C5    1 
ATOM   394 C  C6    . DA  D 1 2 ? -2.209  -3.765  -0.573  1.00 10.11 ? 2   DA  B C6    1 
ATOM   395 N  N6    . DA  D 1 2 ? -1.742  -3.574  -1.805  1.00 11.25 ? 2   DA  B N6    1 
ATOM   396 N  N1    . DA  D 1 2 ? -1.502  -4.555  0.274   1.00 9.92  ? 2   DA  B N1    1 
ATOM   397 C  C2    . DA  D 1 2 ? -1.978  -4.740  1.521   1.00 10.68 ? 2   DA  B C2    1 
ATOM   398 N  N3    . DA  D 1 2 ? -3.055  -4.211  2.102   1.00 11.24 ? 2   DA  B N3    1 
ATOM   399 C  C4    . DA  D 1 2 ? -3.722  -3.422  1.237   1.00 11.34 ? 2   DA  B C4    1 
ATOM   400 P  P     . DA  D 1 3 ? -5.942  -0.922  6.375   1.00 15.33 ? 3   DA  B P     1 
ATOM   401 O  OP1   . DA  D 1 3 ? -6.551  -1.169  7.731   1.00 17.89 ? 3   DA  B OP1   1 
ATOM   402 O  OP2   . DA  D 1 3 ? -5.775  0.504   5.915   1.00 17.28 ? 3   DA  B OP2   1 
ATOM   403 O  "O5'" . DA  D 1 3 ? -4.506  -1.644  6.315   1.00 14.85 ? 3   DA  B "O5'" 1 
ATOM   404 C  "C5'" . DA  D 1 3 ? -4.353  -2.962  6.893   1.00 13.82 ? 3   DA  B "C5'" 1 
ATOM   405 C  "C4'" . DA  D 1 3 ? -2.879  -3.288  7.026   1.00 13.07 ? 3   DA  B "C4'" 1 
ATOM   406 O  "O4'" . DA  D 1 3 ? -2.260  -3.328  5.724   1.00 11.83 ? 3   DA  B "O4'" 1 
ATOM   407 C  "C3'" . DA  D 1 3 ? -2.088  -2.247  7.819   1.00 11.93 ? 3   DA  B "C3'" 1 
ATOM   408 O  "O3'" . DA  D 1 3 ? -1.165  -3.001  8.594   1.00 13.11 ? 3   DA  B "O3'" 1 
ATOM   409 C  "C2'" . DA  D 1 3 ? -1.395  -1.427  6.733   1.00 11.12 ? 3   DA  B "C2'" 1 
ATOM   410 C  "C1'" . DA  D 1 3 ? -1.192  -2.406  5.620   1.00 11.27 ? 3   DA  B "C1'" 1 
ATOM   411 N  N9    . DA  D 1 3 ? -1.276  -1.817  4.283   1.00 9.45  ? 3   DA  B N9    1 
ATOM   412 C  C8    . DA  D 1 3 ? -2.281  -1.037  3.769   1.00 9.04  ? 3   DA  B C8    1 
ATOM   413 N  N7    . DA  D 1 3 ? -2.085  -0.688  2.522   1.00 10.00 ? 3   DA  B N7    1 
ATOM   414 C  C5    . DA  D 1 3 ? -0.931  -1.367  2.161   1.00 8.92  ? 3   DA  B C5    1 
ATOM   415 C  C6    . DA  D 1 3 ? -0.240  -1.471  0.943   1.00 10.13 ? 3   DA  B C6    1 
ATOM   416 N  N6    . DA  D 1 3 ? -0.611  -0.842  -0.178  1.00 9.94  ? 3   DA  B N6    1 
ATOM   417 N  N1    . DA  D 1 3 ? 0.878   -2.225  0.919   1.00 8.71  ? 3   DA  B N1    1 
ATOM   418 C  C2    . DA  D 1 3 ? 1.265   -2.833  2.053   1.00 10.02 ? 3   DA  B C2    1 
ATOM   419 N  N3    . DA  D 1 3 ? 0.661   -2.863  3.230   1.00 10.29 ? 3   DA  B N3    1 
ATOM   420 C  C4    . DA  D 1 3 ? -0.438  -2.094  3.225   1.00 8.64  ? 3   DA  B C4    1 
ATOM   421 P  P     . DT  D 1 4 ? -0.195  -2.289  9.629   1.00 14.47 ? 4   DT  B P     1 
ATOM   422 O  OP1   . DT  D 1 4 ? -0.052  -3.222  10.784  1.00 14.98 ? 4   DT  B OP1   1 
ATOM   423 O  OP2   . DT  D 1 4 ? -0.660  -0.864  9.850   1.00 15.96 ? 4   DT  B OP2   1 
ATOM   424 O  "O5'" . DT  D 1 4 ? 1.163   -2.174  8.827   1.00 12.22 ? 4   DT  B "O5'" 1 
ATOM   425 C  "C5'" . DT  D 1 4 ? 1.828   -3.369  8.430   1.00 11.90 ? 4   DT  B "C5'" 1 
ATOM   426 C  "C4'" . DT  D 1 4 ? 3.023   -3.030  7.578   1.00 12.73 ? 4   DT  B "C4'" 1 
ATOM   427 O  "O4'" . DT  D 1 4 ? 2.532   -2.449  6.369   1.00 11.56 ? 4   DT  B "O4'" 1 
ATOM   428 C  "C3'" . DT  D 1 4 ? 4.042   -2.046  8.152   1.00 14.38 ? 4   DT  B "C3'" 1 
ATOM   429 O  "O3'" . DT  D 1 4 ? 5.253   -2.784  8.185   1.00 14.46 ? 4   DT  B "O3'" 1 
ATOM   430 C  "C2'" . DT  D 1 4 ? 4.049   -0.898  7.147   1.00 12.26 ? 4   DT  B "C2'" 1 
ATOM   431 C  "C1'" . DT  D 1 4 ? 3.553   -1.581  5.886   1.00 10.07 ? 4   DT  B "C1'" 1 
ATOM   432 N  N1    . DT  D 1 4 ? 2.949   -0.714  4.863   1.00 9.71  ? 4   DT  B N1    1 
ATOM   433 C  C2    . DT  D 1 4 ? 3.483   -0.721  3.579   1.00 9.66  ? 4   DT  B C2    1 
ATOM   434 O  O2    . DT  D 1 4 ? 4.456   -1.374  3.252   1.00 10.67 ? 4   DT  B O2    1 
ATOM   435 N  N3    . DT  D 1 4 ? 2.840   0.101   2.695   1.00 9.38  ? 4   DT  B N3    1 
ATOM   436 C  C4    . DT  D 1 4 ? 1.704   0.840   2.926   1.00 9.83  ? 4   DT  B C4    1 
ATOM   437 O  O4    . DT  D 1 4 ? 1.188   1.464   2.000   1.00 10.40 ? 4   DT  B O4    1 
ATOM   438 C  C5    . DT  D 1 4 ? 1.207   0.815   4.286   1.00 8.98  ? 4   DT  B C5    1 
ATOM   439 C  C7    . DT  D 1 4 ? 0.018   1.661   4.624   1.00 10.83 ? 4   DT  B C7    1 
ATOM   440 C  C6    . DT  D 1 4 ? 1.863   0.075   5.181   1.00 10.31 ? 4   DT  B C6    1 
ATOM   441 P  P     . DT  D 1 5 ? 6.632   -2.181  8.798   1.00 14.63 ? 5   DT  B P     1 
ATOM   442 O  OP1   . DT  D 1 5 ? 7.488   -3.336  9.187   1.00 18.07 ? 5   DT  B OP1   1 
ATOM   443 O  OP2   . DT  D 1 5 ? 6.302   -1.149  9.855   1.00 15.68 ? 5   DT  B OP2   1 
ATOM   444 O  "O5'" . DT  D 1 5 ? 7.301   -1.369  7.611   1.00 13.81 ? 5   DT  B "O5'" 1 
ATOM   445 C  "C5'" . DT  D 1 5 ? 7.816   -2.060  6.454   1.00 15.18 ? 5   DT  B "C5'" 1 
ATOM   446 C  "C4'" . DT  D 1 5 ? 8.291   -1.048  5.439   1.00 12.51 ? 5   DT  B "C4'" 1 
ATOM   447 O  "O4'" . DT  D 1 5 ? 7.142   -0.333  4.981   1.00 12.22 ? 5   DT  B "O4'" 1 
ATOM   448 C  "C3'" . DT  D 1 5 ? 9.248   0.029   5.993   1.00 12.66 ? 5   DT  B "C3'" 1 
ATOM   449 O  "O3'" . DT  D 1 5 ? 10.452  -0.286  5.310   1.00 16.70 ? 5   DT  B "O3'" 1 
ATOM   450 C  "C2'" . DT  D 1 5 ? 8.625   1.355   5.554   1.00 13.96 ? 5   DT  B "C2'" 1 
ATOM   451 C  "C1'" . DT  D 1 5 ? 7.589   0.925   4.522   1.00 11.29 ? 5   DT  B "C1'" 1 
ATOM   452 N  N1    . DT  D 1 5 ? 6.399   1.763   4.308   1.00 13.42 ? 5   DT  B N1    1 
ATOM   453 C  C2    . DT  D 1 5 ? 6.122   2.182   3.025   1.00 12.14 ? 5   DT  B C2    1 
ATOM   454 O  O2    . DT  D 1 5 ? 6.858   1.967   2.077   1.00 11.33 ? 5   DT  B O2    1 
ATOM   455 N  N3    . DT  D 1 5 ? 4.953   2.873   2.896   1.00 11.77 ? 5   DT  B N3    1 
ATOM   456 C  C4    . DT  D 1 5 ? 4.042   3.172   3.887   1.00 13.25 ? 5   DT  B C4    1 
ATOM   457 O  O4    . DT  D 1 5 ? 3.040   3.821   3.615   1.00 14.82 ? 5   DT  B O4    1 
ATOM   458 C  C5    . DT  D 1 5 ? 4.414   2.732   5.221   1.00 14.62 ? 5   DT  B C5    1 
ATOM   459 C  C7    . DT  D 1 5 ? 3.499   3.022   6.371   1.00 15.59 ? 5   DT  B C7    1 
ATOM   460 C  C6    . DT  D 1 5 ? 5.542   2.030   5.349   1.00 13.07 ? 5   DT  B C6    1 
ATOM   461 P  P     . DT  D 1 6 ? 11.819  0.558   5.548   1.00 17.11 ? 6   DT  B P     1 
ATOM   462 O  OP1   . DT  D 1 6 ? 12.952  -0.433  5.513   1.00 22.12 ? 6   DT  B OP1   1 
ATOM   463 O  OP2   . DT  D 1 6 ? 11.674  1.436   6.751   1.00 18.19 ? 6   DT  B OP2   1 
ATOM   464 O  "O5'" . DT  D 1 6 ? 11.863  1.491   4.300   1.00 16.18 ? 6   DT  B "O5'" 1 
ATOM   465 C  "C5'" . DT  D 1 6 ? 12.145  0.969   3.017   1.00 14.87 ? 6   DT  B "C5'" 1 
ATOM   466 C  "C4'" . DT  D 1 6 ? 11.895  1.994   1.939   1.00 14.42 ? 6   DT  B "C4'" 1 
ATOM   467 O  "O4'" . DT  D 1 6 ? 10.514  2.255   1.856   1.00 14.47 ? 6   DT  B "O4'" 1 
ATOM   468 C  "C3'" . DT  D 1 6 ? 12.474  3.378   2.226   1.00 14.97 ? 6   DT  B "C3'" 1 
ATOM   469 O  "O3'" . DT  D 1 6 ? 13.859  3.519   1.926   1.00 20.77 ? 6   DT  B "O3'" 1 
ATOM   470 C  "C2'" . DT  D 1 6 ? 11.665  4.383   1.475   1.00 14.87 ? 6   DT  B "C2'" 1 
ATOM   471 C  "C1'" . DT  D 1 6 ? 10.392  3.588   1.288   1.00 12.99 ? 6   DT  B "C1'" 1 
ATOM   472 N  N1    . DT  D 1 6 ? 9.231   4.250   1.914   1.00 11.23 ? 6   DT  B N1    1 
ATOM   473 C  C2    . DT  D 1 6 ? 8.278   4.914   1.151   1.00 14.02 ? 6   DT  B C2    1 
ATOM   474 O  O2    . DT  D 1 6 ? 8.407   4.833   -0.091  1.00 12.45 ? 6   DT  B O2    1 
ATOM   475 N  N3    . DT  D 1 6 ? 7.208   5.478   1.689   1.00 12.03 ? 6   DT  B N3    1 
ATOM   476 C  C4    . DT  D 1 6 ? 6.979   5.544   3.007   1.00 11.31 ? 6   DT  B C4    1 
ATOM   477 O  O4    . DT  D 1 6 ? 5.986   6.087   3.519   1.00 12.24 ? 6   DT  B O4    1 
ATOM   478 C  C5    . DT  D 1 6 ? 8.015   4.924   3.907   1.00 11.47 ? 6   DT  B C5    1 
ATOM   479 C  C7    . DT  D 1 6 ? 7.788   4.993   5.376   1.00 12.95 ? 6   DT  B C7    1 
ATOM   480 C  C6    . DT  D 1 6 ? 9.085   4.321   3.318   1.00 10.12 ? 6   DT  B C6    1 
HETATM 481 N  N1    . EZK E 2 . ? 3.418   24.528  4.204   0.50 16.36 ? 101 EZK D N1    1 
HETATM 482 N  N3    . EZK E 2 . ? 6.767   19.250  -1.472  0.50 20.23 ? 101 EZK D N3    1 
HETATM 483 C  C4    . EZK E 2 . ? 4.417   22.840  1.084   0.50 15.90 ? 101 EZK D C4    1 
HETATM 484 C  C5    . EZK E 2 . ? 4.028   22.962  -0.242  0.50 18.63 ? 101 EZK D C5    1 
HETATM 485 C  C6    . EZK E 2 . ? 4.537   22.122  -1.199  0.50 20.44 ? 101 EZK D C6    1 
HETATM 486 C  C7    . EZK E 2 . ? 5.396   21.095  -0.844  0.50 17.75 ? 101 EZK D C7    1 
HETATM 487 C  C8    . EZK E 2 . ? 5.773   20.946  0.488   0.50 17.38 ? 101 EZK D C8    1 
HETATM 488 C  C10   . EZK E 2 . ? 5.911   20.187  -1.904  0.50 21.28 ? 101 EZK D C10   1 
HETATM 489 C  C13   . EZK E 2 . ? 8.689   16.286  -2.344  0.50 20.72 ? 101 EZK D C13   1 
HETATM 490 C  C15   . EZK E 2 . ? 7.714   17.165  -4.348  0.50 25.80 ? 101 EZK D C15   1 
HETATM 491 C  C17   . EZK E 2 . ? 9.602   14.015  -4.057  0.50 19.59 ? 101 EZK D C17   1 
HETATM 492 C  C1    . EZK E 2 . ? 5.549   24.365  5.102   0.50 14.28 ? 101 EZK D C1    1 
HETATM 493 C  C2    . EZK E 2 . ? 4.190   25.034  5.329   0.50 15.91 ? 101 EZK D C2    1 
HETATM 494 C  C3    . EZK E 2 . ? 4.233   24.075  3.249   0.50 14.99 ? 101 EZK D C3    1 
HETATM 495 N  N2    . EZK E 2 . ? 5.484   23.978  3.696   0.50 13.03 ? 101 EZK D N2    1 
HETATM 496 C  C9    . EZK E 2 . ? 5.268   21.800  1.449   0.50 15.37 ? 101 EZK D C9    1 
HETATM 497 C  C11   . EZK E 2 . ? 7.331   18.247  -2.252  0.50 23.05 ? 101 EZK D C11   1 
HETATM 498 O  O1    . EZK E 2 . ? 5.571   20.295  -3.075  0.50 24.58 ? 101 EZK D O1    1 
HETATM 499 C  C12   . EZK E 2 . ? 8.095   17.286  -1.614  0.50 19.56 ? 101 EZK D C12   1 
HETATM 500 C  C14   . EZK E 2 . ? 8.476   16.201  -3.709  0.50 20.83 ? 101 EZK D C14   1 
HETATM 501 C  C16   . EZK E 2 . ? 7.123   18.182  -3.628  0.50 26.51 ? 101 EZK D C16   1 
HETATM 502 N  N4    . EZK E 2 . ? 9.050   15.184  -4.485  0.50 20.13 1 101 EZK D N4    1 
HETATM 503 N  N5    . EZK E 2 . ? 9.446   13.536  -2.816  0.50 19.94 ? 101 EZK D N5    1 
HETATM 504 C  C18   . EZK E 2 . ? 10.141  12.249  -2.688  0.50 20.07 ? 101 EZK D C18   1 
HETATM 505 C  C19   . EZK E 2 . ? 10.551  11.927  -4.129  0.50 20.96 ? 101 EZK D C19   1 
HETATM 506 N  N6    . EZK E 2 . ? 10.368  13.209  -4.794  0.50 21.08 ? 101 EZK D N6    1 
HETATM 507 CL CL1   . EZK E 2 . ? 7.487   17.045  -6.059  0.50 33.42 ? 101 EZK D CL1   1 
HETATM 508 N  N7    . EZK E 2 . ? 3.844   23.742  1.991   0.50 15.21 1 101 EZK D N7    1 
HETATM 509 N  N1    . EZK F 2 . ? -5.398  -19.940 -11.327 0.50 28.01 ? 101 EZK C N1    1 
HETATM 510 N  N3    . EZK F 2 . ? -9.593  -14.521 -9.714  0.50 13.60 ? 101 EZK C N3    1 
HETATM 511 C  C4    . EZK F 2 . ? -6.553  -17.402 -12.485 0.50 19.19 ? 101 EZK C C4    1 
HETATM 512 C  C5    . EZK F 2 . ? -7.326  -16.650 -13.360 0.50 18.65 ? 101 EZK C C5    1 
HETATM 513 C  C6    . EZK F 2 . ? -8.276  -15.776 -12.872 0.50 16.32 ? 101 EZK C C6    1 
HETATM 514 C  C7    . EZK F 2 . ? -8.468  -15.609 -11.508 0.50 15.65 ? 101 EZK C C7    1 
HETATM 515 C  C8    . EZK F 2 . ? -7.677  -16.350 -10.634 0.50 17.64 ? 101 EZK C C8    1 
HETATM 516 C  C10   . EZK F 2 . ? -9.490  -14.628 -11.032 0.50 14.87 ? 101 EZK C C10   1 
HETATM 517 C  C13   . EZK F 2 . ? -10.937 -12.791 -6.814  0.50 15.12 ? 101 EZK C C13   1 
HETATM 518 C  C15   . EZK F 2 . ? -11.996 -11.893 -8.764  0.50 17.46 ? 101 EZK C C15   1 
HETATM 519 C  C17   . EZK F 2 . ? -12.338 -10.737 -5.263  0.50 11.93 ? 101 EZK C C17   1 
HETATM 520 C  C1    . EZK F 2 . ? -4.331  -21.616 -12.566 0.50 23.22 ? 101 EZK C C1    1 
HETATM 521 C  C2    . EZK F 2 . ? -4.682  -21.193 -11.129 0.50 24.48 ? 101 EZK C C2    1 
HETATM 522 C  C3    . EZK F 2 . ? -5.205  -19.493 -12.566 0.50 22.58 ? 101 EZK C C3    1 
HETATM 523 N  N2    . EZK F 2 . ? -4.578  -20.399 -13.314 0.50 24.22 ? 101 EZK C N2    1 
HETATM 524 C  C9    . EZK F 2 . ? -6.744  -17.248 -11.114 0.50 16.53 ? 101 EZK C C9    1 
HETATM 525 C  C11   . EZK F 2 . ? -10.378 -13.628 -8.982  0.50 14.57 ? 101 EZK C C11   1 
HETATM 526 O  O1    . EZK F 2 . ? -10.194 -13.925 -11.778 0.50 20.15 ? 101 EZK C O1    1 
HETATM 527 C  C12   . EZK F 2 . ? -10.215 -13.646 -7.606  0.50 14.90 ? 101 EZK C C12   1 
HETATM 528 C  C14   . EZK F 2 . ? -11.844 -11.909 -7.385  0.50 14.83 ? 101 EZK C C14   1 
HETATM 529 C  C16   . EZK F 2 . ? -11.259 -12.734 -9.566  0.50 14.01 ? 101 EZK C C16   1 
HETATM 530 N  N4    . EZK F 2 . ? -12.594 -11.060 -6.537  0.50 13.43 1 101 EZK C N4    1 
HETATM 531 N  N5    . EZK F 2 . ? -13.257 -10.444 -4.342  0.50 12.10 ? 101 EZK C N5    1 
HETATM 532 C  C18   . EZK F 2 . ? -12.635 -9.813  -3.196  0.50 11.01 ? 101 EZK C C18   1 
HETATM 533 C  C19   . EZK F 2 . ? -11.207 -10.323 -3.342  0.50 10.41 ? 101 EZK C C19   1 
HETATM 534 N  N6    . EZK F 2 . ? -11.125 -10.602 -4.767  0.50 12.42 ? 101 EZK C N6    1 
HETATM 535 CL CL1   . EZK F 2 . ? -13.119 -10.812 -9.515  0.50 20.93 ? 101 EZK C CL1   1 
HETATM 536 N  N7    . EZK F 2 . ? -5.580  -18.284 -13.016 0.50 20.32 1 101 EZK C N7    1 
HETATM 537 MG MG    . MG  G 3 . ? -16.786 -18.086 0.368   0.50 31.30 ? 102 MG  C MG    1 
HETATM 538 MG MG    . MG  H 3 . ? -0.098  0.577   -6.153  1.00 14.51 ? 101 MG  A MG    1 
HETATM 539 N  N1    . EZK I 2 . ? -0.238  -6.603  6.728   1.00 11.11 ? 101 EZK B N1    1 
HETATM 540 N  N3    . EZK I 2 . ? 6.665   -3.403  2.966   1.00 12.41 ? 101 EZK B N3    1 
HETATM 541 C  C4    . EZK I 2 . ? 3.168   -5.915  5.567   1.00 9.52  ? 101 EZK B C4    1 
HETATM 542 C  C5    . EZK I 2 . ? 4.422   -6.294  6.011   1.00 12.16 ? 101 EZK B C5    1 
HETATM 543 C  C6    . EZK I 2 . ? 5.548   -5.824  5.388   1.00 11.53 ? 101 EZK B C6    1 
HETATM 544 C  C7    . EZK I 2 . ? 5.464   -4.944  4.328   1.00 11.45 ? 101 EZK B C7    1 
HETATM 545 C  C8    . EZK I 2 . ? 4.208   -4.570  3.876   1.00 11.67 ? 101 EZK B C8    1 
HETATM 546 C  C10   . EZK I 2 . ? 6.746   -4.501  3.695   1.00 14.33 ? 101 EZK B C10   1 
HETATM 547 C  C13   . EZK I 2 . ? 8.465   -0.743  1.228   1.00 11.95 ? 101 EZK B C13   1 
HETATM 548 C  C15   . EZK I 2 . ? 9.662   -2.757  0.948   1.00 15.06 ? 101 EZK B C15   1 
HETATM 549 C  C17   . EZK I 2 . ? 10.185  0.295   -0.949  1.00 11.26 ? 101 EZK B C17   1 
HETATM 550 C  C1    . EZK I 2 . ? -1.095  -6.374  4.611   1.00 11.84 ? 101 EZK B C1    1 
HETATM 551 C  C2    . EZK I 2 . ? -1.439  -6.923  5.986   1.00 11.54 ? 101 EZK B C2    1 
HETATM 552 C  C3    . EZK I 2 . ? 0.769   -6.397  5.917   1.00 10.07 ? 101 EZK B C3    1 
HETATM 553 N  N2    . EZK I 2 . ? 0.347   -6.228  4.685   1.00 10.79 ? 101 EZK B N2    1 
HETATM 554 C  C9    . EZK I 2 . ? 3.073   -5.034  4.500   1.00 10.27 ? 101 EZK B C9    1 
HETATM 555 C  C11   . EZK I 2 . ? 7.669   -2.767  2.223   1.00 12.54 ? 101 EZK B C11   1 
HETATM 556 O  O1    . EZK I 2 . ? 7.784   -5.119  3.833   1.00 16.67 ? 101 EZK B O1    1 
HETATM 557 C  C12   . EZK I 2 . ? 7.540   -1.418  1.979   1.00 11.32 ? 101 EZK B C12   1 
HETATM 558 C  C14   . EZK I 2 . ? 9.552   -1.407  0.691   1.00 12.02 ? 101 EZK B C14   1 
HETATM 559 C  C16   . EZK I 2 . ? 8.743   -3.433  1.699   1.00 15.39 ? 101 EZK B C16   1 
HETATM 560 N  N4    . EZK I 2 . ? 10.493  -0.705  -0.101  1.00 12.40 1 101 EZK B N4    1 
HETATM 561 N  N5    . EZK I 2 . ? 8.972   0.598   -1.339  1.00 12.22 ? 101 EZK B N5    1 
HETATM 562 C  C18   . EZK I 2 . ? 8.963   1.835   -2.099  1.00 12.23 ? 101 EZK B C18   1 
HETATM 563 C  C19   . EZK I 2 . ? 10.401  1.877   -2.574  1.00 12.22 ? 101 EZK B C19   1 
HETATM 564 N  N6    . EZK I 2 . ? 11.050  1.086   -1.548  1.00 13.53 ? 101 EZK B N6    1 
HETATM 565 CL CL1   . EZK I 2 . ? 10.958  -3.680  0.323   1.00 24.56 ? 101 EZK B CL1   1 
HETATM 566 N  N7    . EZK I 2 . ? 2.041   -6.414  6.267   1.00 10.54 1 101 EZK B N7    1 
HETATM 567 MG MG    . MG  J 3 . ? -8.348  -6.917  3.522   1.00 20.19 ? 102 MG  B MG    1 
HETATM 568 O  O     . HOH K 4 . ? 7.086   14.708  7.793   1.00 26.04 ? 201 HOH D O     1 
HETATM 569 O  O     . HOH K 4 . ? 14.519  20.871  8.292   1.00 26.25 ? 202 HOH D O     1 
HETATM 570 O  O     . HOH K 4 . ? 5.453   24.554  16.862  1.00 26.89 ? 203 HOH D O     1 
HETATM 571 O  O     . HOH K 4 . ? 4.095   12.411  5.601   1.00 27.18 ? 204 HOH D O     1 
HETATM 572 O  O     . HOH K 4 . ? -0.275  15.632  -5.496  1.00 30.36 ? 205 HOH D O     1 
HETATM 573 O  O     . HOH K 4 . ? -0.499  21.526  10.424  1.00 34.12 ? 206 HOH D O     1 
HETATM 574 O  O     . HOH K 4 . ? 9.814   15.213  -7.113  1.00 38.58 ? 207 HOH D O     1 
HETATM 575 O  O     . HOH K 4 . ? 9.089   8.197   -3.219  1.00 17.60 ? 208 HOH D O     1 
HETATM 576 O  O     . HOH K 4 . ? 3.620   17.898  9.779   1.00 31.34 ? 209 HOH D O     1 
HETATM 577 O  O     . HOH K 4 . ? 8.092   17.043  9.325   1.00 28.78 ? 210 HOH D O     1 
HETATM 578 O  O     . HOH K 4 . ? 2.083   10.420  2.850   1.00 19.50 ? 211 HOH D O     1 
HETATM 579 O  O     . HOH K 4 . ? 7.128   8.003   -7.114  1.00 21.26 ? 212 HOH D O     1 
HETATM 580 O  O     . HOH K 4 . ? 0.582   14.454  0.043   1.00 22.08 ? 213 HOH D O     1 
HETATM 581 O  O     . HOH K 4 . ? 5.915   24.694  8.426   1.00 17.21 ? 214 HOH D O     1 
HETATM 582 O  O     . HOH K 4 . ? 9.153   25.776  17.200  1.00 23.59 ? 215 HOH D O     1 
HETATM 583 O  O     . HOH K 4 . ? 13.020  18.509  7.619   1.00 28.84 ? 216 HOH D O     1 
HETATM 584 O  O     . HOH K 4 . ? 5.767   26.491  12.378  1.00 28.84 ? 217 HOH D O     1 
HETATM 585 O  O     . HOH K 4 . ? 3.066   26.114  11.304  1.00 32.87 ? 218 HOH D O     1 
HETATM 586 O  O     . HOH K 4 . ? 3.470   25.835  8.582   1.00 24.57 ? 219 HOH D O     1 
HETATM 587 O  O     . HOH K 4 . ? 2.046   28.972  -0.107  1.00 43.58 ? 220 HOH D O     1 
HETATM 588 O  O     . HOH L 4 . ? -15.225 -11.630 3.863   1.00 31.83 ? 201 HOH C O     1 
HETATM 589 O  O     . HOH L 4 . ? -1.149  -12.966 -1.024  1.00 33.05 ? 202 HOH C O     1 
HETATM 590 O  O     . HOH L 4 . ? -14.724 -20.481 -9.448  1.00 20.79 ? 203 HOH C O     1 
HETATM 591 O  O     . HOH L 4 . ? -17.428 -17.406 -4.173  1.00 27.83 ? 204 HOH C O     1 
HETATM 592 O  O     . HOH L 4 . ? -13.203 -21.837 -13.624 1.00 25.14 ? 205 HOH C O     1 
HETATM 593 O  O     . HOH L 4 . ? -8.052  -17.797 0.497   1.00 23.98 ? 206 HOH C O     1 
HETATM 594 O  O     . HOH L 4 . ? -8.868  -17.354 -17.787 1.00 20.07 ? 207 HOH C O     1 
HETATM 595 O  O     . HOH L 4 . ? -12.509 -17.483 0.791   1.00 23.63 ? 208 HOH C O     1 
HETATM 596 O  O     . HOH L 4 . ? -17.013 -14.135 1.353   1.00 29.35 ? 209 HOH C O     1 
HETATM 597 O  O     . HOH L 4 . ? -16.133 -10.352 -3.981  1.00 31.47 ? 210 HOH C O     1 
HETATM 598 O  O     . HOH L 4 . ? -12.906 -16.533 -16.869 1.00 28.41 ? 211 HOH C O     1 
HETATM 599 O  O     . HOH L 4 . ? -10.674 -10.210 -0.070  1.00 33.55 ? 212 HOH C O     1 
HETATM 600 O  O     . HOH L 4 . ? -16.174 -18.272 -12.607 1.00 40.99 ? 213 HOH C O     1 
HETATM 601 O  O     . HOH L 4 . ? -15.367 -10.471 -7.064  1.00 30.85 ? 214 HOH C O     1 
HETATM 602 O  O     . HOH L 4 . ? -16.656 -18.926 -6.196  1.00 27.82 ? 215 HOH C O     1 
HETATM 603 O  O     . HOH L 4 . ? -14.909 -17.727 -14.861 1.00 39.69 ? 216 HOH C O     1 
HETATM 604 O  O     . HOH L 4 . ? -15.912 -17.350 2.355   1.00 27.57 ? 217 HOH C O     1 
HETATM 605 O  O     . HOH L 4 . ? -8.789  -24.761 -17.556 1.00 24.78 ? 218 HOH C O     1 
HETATM 606 O  O     . HOH L 4 . ? -1.458  -11.989 -3.993  1.00 26.51 ? 219 HOH C O     1 
HETATM 607 O  O     . HOH L 4 . ? -6.951  -8.406  3.510   1.00 26.64 ? 220 HOH C O     1 
HETATM 608 O  O     . HOH L 4 . ? -10.601 -9.646  4.942   1.00 45.78 ? 221 HOH C O     1 
HETATM 609 O  O     . HOH L 4 . ? -15.219 -20.819 -11.929 1.00 24.96 ? 222 HOH C O     1 
HETATM 610 O  O     . HOH L 4 . ? -14.763 -18.033 -0.352  1.00 25.24 ? 223 HOH C O     1 
HETATM 611 O  O     . HOH L 4 . ? -17.678 -18.925 -1.099  1.00 23.85 ? 224 HOH C O     1 
HETATM 612 O  O     . HOH L 4 . ? -15.387 -22.648 -7.673  1.00 24.02 ? 225 HOH C O     1 
HETATM 613 O  O     . HOH L 4 . ? -9.149  -7.923  5.029   1.00 31.50 ? 226 HOH C O     1 
HETATM 614 O  O     . HOH M 4 . ? -0.712  5.074   -1.249  1.00 41.59 ? 201 HOH A O     1 
HETATM 615 O  O     . HOH M 4 . ? 1.754   2.004   -9.541  1.00 15.02 ? 202 HOH A O     1 
HETATM 616 O  O     . HOH M 4 . ? -0.309  13.379  -2.166  1.00 34.32 ? 203 HOH A O     1 
HETATM 617 O  O     . HOH M 4 . ? 0.059   -9.556  -4.171  1.00 20.76 ? 204 HOH A O     1 
HETATM 618 O  O     . HOH M 4 . ? -1.160  -10.317 8.143   1.00 36.38 ? 205 HOH A O     1 
HETATM 619 O  O     . HOH M 4 . ? 5.506   -9.530  -2.368  1.00 31.53 ? 206 HOH A O     1 
HETATM 620 O  O     . HOH M 4 . ? 1.822   -0.102  -6.950  1.00 14.90 ? 207 HOH A O     1 
HETATM 621 O  O     . HOH M 4 . ? 0.866   1.462   -4.590  1.00 14.01 ? 208 HOH A O     1 
HETATM 622 O  O     . HOH M 4 . ? 0.076   -5.683  -5.099  1.00 21.17 ? 209 HOH A O     1 
HETATM 623 O  O     . HOH M 4 . ? 6.213   4.860   -10.143 1.00 25.40 ? 210 HOH A O     1 
HETATM 624 O  O     . HOH M 4 . ? -0.293  -1.119  -4.920  1.00 15.08 ? 211 HOH A O     1 
HETATM 625 O  O     . HOH M 4 . ? -0.058  4.931   -6.399  1.00 14.50 ? 212 HOH A O     1 
HETATM 626 O  O     . HOH M 4 . ? -4.295  -8.163  4.334   1.00 20.32 ? 213 HOH A O     1 
HETATM 627 O  O     . HOH M 4 . ? 6.929   7.013   -4.450  1.00 16.64 ? 214 HOH A O     1 
HETATM 628 O  O     . HOH M 4 . ? 3.670   5.877   -10.997 1.00 18.46 ? 215 HOH A O     1 
HETATM 629 O  O     . HOH M 4 . ? -0.516  1.757   -2.285  1.00 15.21 ? 216 HOH A O     1 
HETATM 630 O  O     . HOH M 4 . ? 7.315   4.236   -3.852  1.00 18.53 ? 217 HOH A O     1 
HETATM 631 O  O     . HOH M 4 . ? 11.007  -5.853  -7.252  1.00 29.78 ? 218 HOH A O     1 
HETATM 632 O  O     . HOH M 4 . ? 1.102   7.724   2.725   1.00 39.16 ? 219 HOH A O     1 
HETATM 633 O  O     . HOH M 4 . ? 1.965   -2.440  -8.107  1.00 27.05 ? 220 HOH A O     1 
HETATM 634 O  O     . HOH M 4 . ? 0.058   2.299   -7.363  1.00 13.24 ? 221 HOH A O     1 
HETATM 635 O  O     . HOH M 4 . ? 2.435   -6.266  -6.777  1.00 28.15 ? 222 HOH A O     1 
HETATM 636 O  O     . HOH N 4 . ? -7.456  -0.394  -3.321  1.00 33.33 ? 201 HOH B O     1 
HETATM 637 O  O     . HOH N 4 . ? 1.469   5.352   4.882   1.00 29.58 ? 202 HOH B O     1 
HETATM 638 O  O     . HOH N 4 . ? -10.621 2.420   1.534   1.00 25.02 ? 203 HOH B O     1 
HETATM 639 O  O     . HOH N 4 . ? -5.901  1.416   -0.050  1.00 28.12 ? 204 HOH B O     1 
HETATM 640 O  O     . HOH N 4 . ? 7.760   -4.031  11.683  1.00 17.01 ? 205 HOH B O     1 
HETATM 641 O  O     . HOH N 4 . ? 6.162   -1.669  12.422  1.00 17.83 ? 206 HOH B O     1 
HETATM 642 O  O     . HOH N 4 . ? 13.075  -1.307  -0.297  1.00 27.12 ? 207 HOH B O     1 
HETATM 643 O  O     . HOH N 4 . ? -0.962  0.426   12.158  1.00 30.60 ? 208 HOH B O     1 
HETATM 644 O  O     . HOH N 4 . ? -3.272  1.523   5.660   1.00 23.35 ? 209 HOH B O     1 
HETATM 645 O  O     . HOH N 4 . ? -7.198  -5.869  2.406   1.00 25.79 ? 210 HOH B O     1 
HETATM 646 O  O     . HOH N 4 . ? 10.157  6.081   -1.774  1.00 16.84 ? 211 HOH B O     1 
HETATM 647 O  O     . HOH N 4 . ? 4.964   6.943   5.942   1.00 23.67 ? 212 HOH B O     1 
HETATM 648 O  O     . HOH N 4 . ? 5.629   1.403   8.993   1.00 30.60 ? 213 HOH B O     1 
HETATM 649 O  O     . HOH N 4 . ? -1.144  2.922   1.434   1.00 19.60 ? 214 HOH B O     1 
HETATM 650 O  O     . HOH N 4 . ? -3.198  0.976   0.537   1.00 20.44 ? 215 HOH B O     1 
HETATM 651 O  O     . HOH N 4 . ? -1.130  -2.324  13.272  1.00 21.77 ? 216 HOH B O     1 
HETATM 652 O  O     . HOH N 4 . ? -2.732  -2.142  -4.131  1.00 30.08 ? 217 HOH B O     1 
HETATM 653 O  O     . HOH N 4 . ? 0.992   1.091   8.430   1.00 20.63 ? 218 HOH B O     1 
HETATM 654 O  O     . HOH N 4 . ? -4.450  -5.556  4.298   1.00 17.31 ? 219 HOH B O     1 
HETATM 655 O  O     . HOH N 4 . ? -12.458 -0.756  -1.311  1.00 25.93 ? 220 HOH B O     1 
HETATM 656 O  O     . HOH N 4 . ? -1.666  -7.948  -5.663  1.00 19.40 ? 221 HOH B O     1 
HETATM 657 O  O     . HOH N 4 . ? -2.864  0.467   -2.931  1.00 28.18 ? 222 HOH B O     1 
HETATM 658 O  O     . HOH N 4 . ? -10.784 1.393   4.095   1.00 19.61 ? 223 HOH B O     1 
HETATM 659 O  O     . HOH N 4 . ? -9.061  3.043   5.335   1.00 23.69 ? 224 HOH B O     1 
HETATM 660 O  O     . HOH N 4 . ? -3.061  -0.764  13.293  1.00 17.45 ? 225 HOH B O     1 
HETATM 661 O  O     . HOH N 4 . ? 11.869  7.474   0.098   1.00 16.00 ? 226 HOH B O     1 
HETATM 662 O  O     . HOH N 4 . ? -2.180  2.608   7.614   1.00 29.99 ? 227 HOH B O     1 
# 
loop_
_atom_site_anisotrop.id 
_atom_site_anisotrop.type_symbol 
_atom_site_anisotrop.pdbx_label_atom_id 
_atom_site_anisotrop.pdbx_label_alt_id 
_atom_site_anisotrop.pdbx_label_comp_id 
_atom_site_anisotrop.pdbx_label_asym_id 
_atom_site_anisotrop.pdbx_label_seq_id 
_atom_site_anisotrop.pdbx_PDB_ins_code 
_atom_site_anisotrop.U[1][1] 
_atom_site_anisotrop.U[2][2] 
_atom_site_anisotrop.U[3][3] 
_atom_site_anisotrop.U[1][2] 
_atom_site_anisotrop.U[1][3] 
_atom_site_anisotrop.U[2][3] 
_atom_site_anisotrop.pdbx_auth_seq_id 
_atom_site_anisotrop.pdbx_auth_comp_id 
_atom_site_anisotrop.pdbx_auth_asym_id 
_atom_site_anisotrop.pdbx_auth_atom_id 
1   O  "O5'" . DA  A 1 ? 0.3089 0.1613 0.2514 -0.0521 -0.0438 0.0719  1   DA  D "O5'" 
2   C  "C5'" . DA  A 1 ? 0.2234 0.1747 0.2424 -0.0280 -0.0474 0.0899  1   DA  D "C5'" 
3   C  "C4'" . DA  A 1 ? 0.2436 0.1441 0.1323 0.0078  -0.0232 0.0204  1   DA  D "C4'" 
4   O  "O4'" . DA  A 1 ? 0.2433 0.1038 0.1399 -0.0097 -0.0489 0.0218  1   DA  D "O4'" 
5   C  "C3'" . DA  A 1 ? 0.2096 0.1508 0.1351 0.0131  -0.0363 0.0376  1   DA  D "C3'" 
6   O  "O3'" . DA  A 1 ? 0.2392 0.2177 0.1631 0.0011  -0.0117 0.0536  1   DA  D "O3'" 
7   C  "C2'" . DA  A 1 ? 0.1758 0.1279 0.1447 -0.0224 -0.0163 0.0284  1   DA  D "C2'" 
8   C  "C1'" . DA  A 1 ? 0.2124 0.1273 0.1414 -0.0309 -0.0320 0.0261  1   DA  D "C1'" 
9   N  N9    . DA  A 1 ? 0.1921 0.0914 0.1455 -0.0010 -0.0270 0.0170  1   DA  D N9    
10  C  C8    . DA  A 1 ? 0.1765 0.1002 0.1484 -0.0043 -0.0333 0.0268  1   DA  D C8    
11  N  N7    . DA  A 1 ? 0.1824 0.1448 0.1557 -0.0162 -0.0316 -0.0004 1   DA  D N7    
12  C  C5    . DA  A 1 ? 0.1907 0.1068 0.1146 -0.0130 -0.0195 -0.0064 1   DA  D C5    
13  C  C6    . DA  A 1 ? 0.1449 0.1018 0.1208 -0.0487 -0.0267 -0.0038 1   DA  D C6    
14  N  N6    . DA  A 1 ? 0.1707 0.0898 0.1309 -0.0336 -0.0135 -0.0153 1   DA  D N6    
15  N  N1    . DA  A 1 ? 0.1367 0.1010 0.1341 -0.0500 -0.0259 0.0026  1   DA  D N1    
16  C  C2    . DA  A 1 ? 0.1419 0.0797 0.1179 -0.0213 -0.0422 -0.0070 1   DA  D C2    
17  N  N3    . DA  A 1 ? 0.1462 0.1358 0.0976 0.0032  -0.0121 -0.0090 1   DA  D N3    
18  C  C4    . DA  A 1 ? 0.1680 0.0971 0.1330 -0.0047 -0.0251 0.0084  1   DA  D C4    
19  P  P     . DA  A 2 ? 0.2546 0.2255 0.1905 -0.0045 -0.0113 0.0228  2   DA  D P     
20  O  OP1   . DA  A 2 ? 0.2433 0.3823 0.2553 0.0319  0.0118  -0.0423 2   DA  D OP1   
21  O  OP2   . DA  A 2 ? 0.2636 0.2193 0.2593 0.0098  -0.0021 0.0210  2   DA  D OP2   
22  O  "O5'" . DA  A 2 ? 0.2552 0.2347 0.1870 -0.0250 -0.0070 0.0276  2   DA  D "O5'" 
23  C  "C5'" . DA  A 2 ? 0.2443 0.2771 0.2065 0.0153  -0.0056 0.0033  2   DA  D "C5'" 
24  C  "C4'" . DA  A 2 ? 0.2712 0.2198 0.2029 0.0228  0.0239  -0.0507 2   DA  D "C4'" 
25  O  "O4'" . DA  A 2 ? 0.2237 0.1756 0.2246 -0.0295 0.0071  -0.0526 2   DA  D "O4'" 
26  C  "C3'" . DA  A 2 ? 0.2541 0.2479 0.1961 -0.0029 0.0238  0.0159  2   DA  D "C3'" 
27  O  "O3'" . DA  A 2 ? 0.2332 0.2729 0.2855 -0.0117 0.0102  -0.0082 2   DA  D "O3'" 
28  C  "C2'" . DA  A 2 ? 0.2405 0.2306 0.1943 -0.0469 0.0321  0.0007  2   DA  D "C2'" 
29  C  "C1'" . DA  A 2 ? 0.2263 0.1856 0.1401 -0.0479 0.0079  -0.0226 2   DA  D "C1'" 
30  N  N9    . DA  A 2 ? 0.2013 0.1514 0.1691 -0.0259 -0.0133 0.0045  2   DA  D N9    
31  C  C8    . DA  A 2 ? 0.2167 0.1427 0.1212 -0.0120 -0.0031 0.0222  2   DA  D C8    
32  N  N7    . DA  A 2 ? 0.1908 0.0954 0.1317 -0.0391 -0.0119 0.0027  2   DA  D N7    
33  C  C5    . DA  A 2 ? 0.1665 0.0980 0.1573 -0.0236 -0.0186 0.0073  2   DA  D C5    
34  C  C6    . DA  A 2 ? 0.1644 0.0959 0.1416 -0.0325 -0.0420 0.0025  2   DA  D C6    
35  N  N6    . DA  A 2 ? 0.2047 0.1082 0.1344 -0.0104 -0.0262 -0.0042 2   DA  D N6    
36  N  N1    . DA  A 2 ? 0.1693 0.1055 0.1273 -0.0230 -0.0391 0.0084  2   DA  D N1    
37  C  C2    . DA  A 2 ? 0.1673 0.1227 0.1295 -0.0273 -0.0321 -0.0317 2   DA  D C2    
38  N  N3    . DA  A 2 ? 0.1490 0.1728 0.1526 0.0070  -0.0122 -0.0120 2   DA  D N3    
39  C  C4    . DA  A 2 ? 0.1642 0.1492 0.1397 -0.0116 -0.0166 -0.0050 2   DA  D C4    
40  P  P     . DA  A 3 ? 0.2628 0.3692 0.2897 -0.0513 0.0206  -0.0223 3   DA  D P     
41  O  OP1   . DA  A 3 ? 0.3186 0.4318 0.3287 -0.0112 0.0916  0.0067  3   DA  D OP1   
42  O  OP2   . DA  A 3 ? 0.2663 0.3468 0.4612 -0.0708 0.0138  0.0591  3   DA  D OP2   
43  O  "O5'" . DA  A 3 ? 0.2696 0.2543 0.2841 -0.0522 0.0183  0.0060  3   DA  D "O5'" 
44  C  "C5'" . DA  A 3 ? 0.2614 0.2834 0.2711 -0.0542 0.0016  0.0266  3   DA  D "C5'" 
45  C  "C4'" . DA  A 3 ? 0.2411 0.2308 0.2909 -0.0091 0.0041  -0.0218 3   DA  D "C4'" 
46  O  "O4'" . DA  A 3 ? 0.2342 0.2029 0.2759 -0.0385 0.0052  -0.0727 3   DA  D "O4'" 
47  C  "C3'" . DA  A 3 ? 0.2395 0.2133 0.2481 -0.0087 0.0067  -0.0331 3   DA  D "C3'" 
48  O  "O3'" . DA  A 3 ? 0.2169 0.3349 0.2683 -0.0075 -0.0056 -0.0430 3   DA  D "O3'" 
49  C  "C2'" . DA  A 3 ? 0.2386 0.2187 0.2160 -0.0168 0.0017  -0.0565 3   DA  D "C2'" 
50  C  "C1'" . DA  A 3 ? 0.2474 0.2123 0.1917 -0.0170 0.0323  -0.0474 3   DA  D "C1'" 
51  N  N9    . DA  A 3 ? 0.2322 0.1695 0.1928 -0.0598 0.0101  0.0000  3   DA  D N9    
52  C  C8    . DA  A 3 ? 0.1961 0.1775 0.1905 -0.0659 0.0210  0.0051  3   DA  D C8    
53  N  N7    . DA  A 3 ? 0.1960 0.1336 0.2301 -0.0703 -0.0043 -0.0343 3   DA  D N7    
54  C  C5    . DA  A 3 ? 0.1951 0.1104 0.2195 -0.0710 -0.0364 -0.0263 3   DA  D C5    
55  C  C6    . DA  A 3 ? 0.2111 0.0991 0.2379 -0.0533 -0.0182 -0.0215 3   DA  D C6    
56  N  N6    . DA  A 3 ? 0.2224 0.1123 0.2265 -0.0771 -0.0023 0.0299  3   DA  D N6    
57  N  N1    . DA  A 3 ? 0.1707 0.1330 0.2061 -0.0672 -0.0378 -0.0381 3   DA  D N1    
58  C  C2    . DA  A 3 ? 0.1508 0.1282 0.1862 -0.0607 -0.0023 0.0036  3   DA  D C2    
59  N  N3    . DA  A 3 ? 0.1612 0.1917 0.1761 -0.0267 -0.0208 -0.0264 3   DA  D N3    
60  C  C4    . DA  A 3 ? 0.2046 0.1329 0.1919 -0.0173 0.0072  -0.0072 3   DA  D C4    
61  P  P     . DT  A 4 ? 0.2844 0.3668 0.2491 -0.0595 0.0000  -0.0768 4   DT  D P     
62  O  OP1   . DT  A 4 ? 0.3431 0.3959 0.3567 0.0442  0.0013  -0.1471 4   DT  D OP1   
63  O  OP2   . DT  A 4 ? 0.2659 0.4963 0.2689 -0.1300 0.0227  -0.0424 4   DT  D OP2   
64  O  "O5'" . DT  A 4 ? 0.2584 0.2575 0.2353 -0.0255 0.0036  -0.0175 4   DT  D "O5'" 
65  C  "C5'" . DT  A 4 ? 0.2199 0.1905 0.2548 -0.0149 -0.0235 -0.0160 4   DT  D "C5'" 
66  C  "C4'" . DT  A 4 ? 0.2096 0.2227 0.3001 0.0132  -0.0651 -0.0474 4   DT  D "C4'" 
67  O  "O4'" . DT  A 4 ? 0.1915 0.1545 0.2328 0.0027  -0.0228 -0.0189 4   DT  D "O4'" 
68  C  "C3'" . DT  A 4 ? 0.2263 0.2198 0.3205 -0.0148 -0.0179 -0.0603 4   DT  D "C3'" 
69  O  "O3'" . DT  A 4 ? 0.2994 0.2333 0.3193 0.0087  -0.0476 -0.0776 4   DT  D "O3'" 
70  C  "C2'" . DT  A 4 ? 0.2498 0.1956 0.2945 -0.0331 -0.0509 -0.0844 4   DT  D "C2'" 
71  C  "C1'" . DT  A 4 ? 0.2029 0.1799 0.2285 -0.0036 -0.0275 -0.0594 4   DT  D "C1'" 
72  N  N1    . DT  A 4 ? 0.2285 0.1683 0.2253 -0.0181 -0.0176 -0.0398 4   DT  D N1    
73  C  C2    . DT  A 4 ? 0.1938 0.1454 0.2037 -0.0247 -0.0293 -0.0282 4   DT  D C2    
74  O  O2    . DT  A 4 ? 0.2187 0.1664 0.2219 0.0180  -0.0233 0.0044  4   DT  D O2    
75  N  N3    . DT  A 4 ? 0.1638 0.1704 0.2075 0.0009  -0.0011 -0.0125 4   DT  D N3    
76  C  C4    . DT  A 4 ? 0.1901 0.1351 0.2083 -0.0224 -0.0277 -0.0372 4   DT  D C4    
77  O  O4    . DT  A 4 ? 0.1962 0.1828 0.2040 -0.0179 -0.0394 -0.0295 4   DT  D O4    
78  C  C5    . DT  A 4 ? 0.1945 0.2159 0.2053 -0.0199 -0.0288 -0.0572 4   DT  D C5    
79  C  C7    . DT  A 4 ? 0.1843 0.1845 0.2328 -0.0587 0.0007  -0.0631 4   DT  D C7    
80  C  C6    . DT  A 4 ? 0.1572 0.1919 0.2251 -0.0220 -0.0064 -0.0545 4   DT  D C6    
81  P  P     . DT  A 5 ? 0.2617 0.2824 0.3025 0.0179  -0.0338 -0.0820 5   DT  D P     
82  O  OP1   . DT  A 5 ? 0.3148 0.2909 0.4318 0.0709  -0.0972 -0.0944 5   DT  D OP1   
83  O  OP2   . DT  A 5 ? 0.3022 0.3171 0.2741 -0.0044 0.0196  -0.1135 5   DT  D OP2   
84  O  "O5'" . DT  A 5 ? 0.2023 0.2762 0.2900 0.0003  -0.0507 -0.0613 5   DT  D "O5'" 
85  C  "C5'" . DT  A 5 ? 0.2365 0.2961 0.1904 0.0044  -0.0547 -0.0668 5   DT  D "C5'" 
86  C  "C4'" . DT  A 5 ? 0.2294 0.1945 0.1777 -0.0346 -0.0626 0.0113  5   DT  D "C4'" 
87  O  "O4'" . DT  A 5 ? 0.2179 0.1428 0.1791 -0.0044 -0.0659 -0.0145 5   DT  D "O4'" 
88  C  "C3'" . DT  A 5 ? 0.2816 0.1743 0.1771 -0.0040 -0.0603 -0.0094 5   DT  D "C3'" 
89  O  "O3'" . DT  A 5 ? 0.3290 0.1959 0.2087 0.0154  -0.0387 -0.0386 5   DT  D "O3'" 
90  C  "C2'" . DT  A 5 ? 0.2388 0.1163 0.2193 -0.0026 -0.0458 -0.0269 5   DT  D "C2'" 
91  C  "C1'" . DT  A 5 ? 0.2284 0.1311 0.2130 -0.0103 -0.0477 0.0188  5   DT  D "C1'" 
92  N  N1    . DT  A 5 ? 0.1685 0.1383 0.1690 -0.0143 -0.0394 -0.0038 5   DT  D N1    
93  C  C2    . DT  A 5 ? 0.1732 0.1601 0.1395 -0.0030 -0.0073 0.0088  5   DT  D C2    
94  O  O2    . DT  A 5 ? 0.1986 0.1342 0.1560 -0.0066 -0.0078 -0.0139 5   DT  D O2    
95  N  N3    . DT  A 5 ? 0.1508 0.1147 0.1383 -0.0028 -0.0446 -0.0037 5   DT  D N3    
96  C  C4    . DT  A 5 ? 0.1557 0.1206 0.1522 -0.0346 -0.0197 0.0050  5   DT  D C4    
97  O  O4    . DT  A 5 ? 0.1713 0.1469 0.1558 -0.0293 -0.0232 0.0123  5   DT  D O4    
98  C  C5    . DT  A 5 ? 0.1747 0.1607 0.1821 -0.0364 -0.0377 0.0031  5   DT  D C5    
99  C  C7    . DT  A 5 ? 0.1818 0.1275 0.2134 0.0217  -0.0326 -0.0301 5   DT  D C7    
100 C  C6    . DT  A 5 ? 0.1586 0.1230 0.1899 -0.0271 -0.0381 0.0130  5   DT  D C6    
101 P  P     . DT  A 6 ? 0.3738 0.2237 0.2052 0.0472  -0.0627 -0.0326 6   DT  D P     
102 O  OP1   . DT  A 6 ? 0.5096 0.3217 0.1630 0.1343  -0.0617 -0.0078 6   DT  D OP1   
103 O  OP2   . DT  A 6 ? 0.3234 0.2068 0.2496 0.0701  -0.1105 -0.0184 6   DT  D OP2   
104 O  "O5'" . DT  A 6 ? 0.3281 0.1958 0.2627 0.0328  -0.0895 -0.0059 6   DT  D "O5'" 
105 C  "C5'" . DT  A 6 ? 0.3618 0.2222 0.1905 0.0084  -0.0277 0.0605  6   DT  D "C5'" 
106 C  "C4'" . DT  A 6 ? 0.3057 0.2316 0.1888 0.0081  -0.0276 0.0367  6   DT  D "C4'" 
107 O  "O4'" . DT  A 6 ? 0.2765 0.1438 0.2032 -0.0282 -0.0064 0.0208  6   DT  D "O4'" 
108 C  "C3'" . DT  A 6 ? 0.3456 0.2453 0.1961 0.0450  -0.0508 0.0234  6   DT  D "C3'" 
109 O  "O3'" . DT  A 6 ? 0.4854 0.3483 0.2924 0.0312  0.0680  -0.0662 6   DT  D "O3'" 
110 C  "C2'" . DT  A 6 ? 0.2337 0.1636 0.1826 -0.0559 -0.0071 -0.0449 6   DT  D "C2'" 
111 C  "C1'" . DT  A 6 ? 0.1937 0.1412 0.1743 -0.0452 -0.0626 0.0240  6   DT  D "C1'" 
112 N  N1    . DT  A 6 ? 0.1800 0.1238 0.1650 -0.0087 -0.0486 0.0015  6   DT  D N1    
113 C  C2    . DT  A 6 ? 0.1612 0.1220 0.1719 -0.0221 -0.0516 -0.0019 6   DT  D C2    
114 O  O2    . DT  A 6 ? 0.1626 0.1508 0.1715 -0.0108 -0.0393 0.0318  6   DT  D O2    
115 N  N3    . DT  A 6 ? 0.1751 0.1372 0.1783 -0.0155 -0.0570 -0.0101 6   DT  D N3    
116 C  C4    . DT  A 6 ? 0.1843 0.1044 0.1523 -0.0090 -0.0252 0.0048  6   DT  D C4    
117 O  O4    . DT  A 6 ? 0.1876 0.1070 0.1661 -0.0106 -0.0207 -0.0043 6   DT  D O4    
118 C  C5    . DT  A 6 ? 0.1413 0.1257 0.1476 -0.0016 -0.0207 -0.0157 6   DT  D C5    
119 C  C7    . DT  A 6 ? 0.1358 0.1587 0.2015 -0.0067 -0.0252 0.0102  6   DT  D C7    
120 C  C6    . DT  A 6 ? 0.1796 0.1188 0.1407 -0.0208 -0.0178 -0.0008 6   DT  D C6    
121 O  "O5'" . DA  B 1 ? 0.4460 0.3256 0.6993 -0.0326 0.0387  0.0045  1   DA  C "O5'" 
122 C  "C5'" . DA  B 1 ? 0.3992 0.3704 0.4015 0.0836  -0.0751 0.0738  1   DA  C "C5'" 
123 C  "C4'" . DA  B 1 ? 0.3599 0.3096 0.2973 0.0492  -0.0159 0.0305  1   DA  C "C4'" 
124 O  "O4'" . DA  B 1 ? 0.3628 0.2615 0.2386 -0.0661 -0.0092 -0.0169 1   DA  C "O4'" 
125 C  "C3'" . DA  B 1 ? 0.4315 0.3584 0.3561 0.0153  -0.1013 -0.0062 1   DA  C "C3'" 
126 O  "O3'" . DA  B 1 ? 0.3917 0.4542 0.6247 -0.0519 -0.0726 0.0543  1   DA  C "O3'" 
127 C  "C2'" . DA  B 1 ? 0.5270 0.2907 0.3466 -0.0448 -0.1807 0.0588  1   DA  C "C2'" 
128 C  "C1'" . DA  B 1 ? 0.2939 0.3123 0.2071 0.0007  -0.1040 0.0835  1   DA  C "C1'" 
129 N  N9    . DA  B 1 ? 0.2452 0.1963 0.2022 0.0025  -0.0677 0.0417  1   DA  C N9    
130 C  C8    . DA  B 1 ? 0.2717 0.1957 0.1815 0.0084  -0.0809 0.0037  1   DA  C C8    
131 N  N7    . DA  B 1 ? 0.2463 0.2112 0.2037 -0.0133 -0.0689 -0.0115 1   DA  C N7    
132 C  C5    . DA  B 1 ? 0.2005 0.1235 0.1885 -0.0486 -0.0405 -0.0218 1   DA  C C5    
133 C  C6    . DA  B 1 ? 0.1846 0.1227 0.2268 -0.0414 -0.0430 -0.0100 1   DA  C C6    
134 N  N6    . DA  B 1 ? 0.2236 0.1235 0.1889 -0.0394 -0.0504 -0.0106 1   DA  C N6    
135 N  N1    . DA  B 1 ? 0.2031 0.0800 0.1836 -0.0271 -0.0626 -0.0021 1   DA  C N1    
136 C  C2    . DA  B 1 ? 0.1947 0.1681 0.2203 -0.0647 -0.0472 0.0428  1   DA  C C2    
137 N  N3    . DA  B 1 ? 0.2109 0.1807 0.2044 -0.0023 -0.0530 0.0318  1   DA  C N3    
138 C  C4    . DA  B 1 ? 0.2041 0.1589 0.1720 -0.0101 -0.0720 -0.0063 1   DA  C C4    
139 P  P     . DA  B 2 ? 0.4418 0.5652 0.5826 -0.0975 -0.1111 0.1743  2   DA  C P     
140 O  OP1   . DA  B 2 ? 0.7165 0.8982 0.5793 -0.1952 -0.0381 0.2129  2   DA  C OP1   
141 O  OP2   . DA  B 2 ? 0.3490 0.3129 0.6341 -0.0401 -0.1247 0.2111  2   DA  C OP2   
142 O  "O5'" . DA  B 2 ? 0.3924 0.3676 0.4166 -0.0417 -0.0418 0.0943  2   DA  C "O5'" 
143 C  "C5'" . DA  B 2 ? 0.4393 0.4668 0.3026 -0.0407 -0.0937 -0.0606 2   DA  C "C5'" 
144 C  "C4'" . DA  B 2 ? 0.3032 0.4149 0.2783 -0.0861 -0.0541 -0.0257 2   DA  C "C4'" 
145 O  "O4'" . DA  B 2 ? 0.2851 0.3843 0.2524 -0.0497 -0.0473 -0.0806 2   DA  C "O4'" 
146 C  "C3'" . DA  B 2 ? 0.3527 0.3655 0.2860 -0.0650 0.0138  -0.0243 2   DA  C "C3'" 
147 O  "O3'" . DA  B 2 ? 0.3397 0.4859 0.2570 -0.0720 -0.0444 -0.0328 2   DA  C "O3'" 
148 C  "C2'" . DA  B 2 ? 0.3509 0.3633 0.2007 -0.1344 -0.0101 -0.0340 2   DA  C "C2'" 
149 C  "C1'" . DA  B 2 ? 0.3010 0.2950 0.1837 -0.0372 -0.0446 -0.0018 2   DA  C "C1'" 
150 N  N9    . DA  B 2 ? 0.2608 0.2068 0.1893 -0.0274 -0.0407 0.0122  2   DA  C N9    
151 C  C8    . DA  B 2 ? 0.2918 0.2863 0.1476 -0.0312 -0.0769 0.0250  2   DA  C C8    
152 N  N7    . DA  B 2 ? 0.2785 0.1554 0.2086 -0.0235 -0.0629 0.0009  2   DA  C N7    
153 C  C5    . DA  B 2 ? 0.2137 0.1150 0.1611 -0.0861 -0.0688 -0.0087 2   DA  C C5    
154 C  C6    . DA  B 2 ? 0.2304 0.1132 0.1882 -0.0472 -0.0374 -0.0205 2   DA  C C6    
155 N  N6    . DA  B 2 ? 0.2532 0.1126 0.1955 -0.0565 -0.0220 0.0301  2   DA  C N6    
156 N  N1    . DA  B 2 ? 0.2242 0.1507 0.1863 -0.0552 -0.0417 0.0184  2   DA  C N1    
157 C  C2    . DA  B 2 ? 0.2191 0.1584 0.1736 -0.0584 -0.0213 -0.0096 2   DA  C C2    
158 N  N3    . DA  B 2 ? 0.1885 0.1878 0.1568 -0.0267 -0.0325 -0.0082 2   DA  C N3    
159 C  C4    . DA  B 2 ? 0.2410 0.1915 0.1751 -0.0322 -0.0661 0.0071  2   DA  C C4    
160 P  P     . DA  B 3 ? 0.3769 0.3507 0.2572 -0.0496 -0.0556 -0.0033 3   DA  C P     
161 O  OP1   . DA  B 3 ? 0.4715 0.5017 0.2590 0.0147  -0.0433 -0.0689 3   DA  C OP1   
162 O  OP2   . DA  B 3 ? 0.4270 0.3154 0.3056 -0.0126 0.0178  0.0331  3   DA  C OP2   
163 O  "O5'" . DA  B 3 ? 0.3265 0.2968 0.2322 -0.0659 0.0001  -0.0141 3   DA  C "O5'" 
164 C  "C5'" . DA  B 3 ? 0.2053 0.2574 0.2139 0.0069  0.0084  -0.0685 3   DA  C "C5'" 
165 C  "C4'" . DA  B 3 ? 0.2471 0.2091 0.2124 -0.0112 0.0150  0.0314  3   DA  C "C4'" 
166 O  "O4'" . DA  B 3 ? 0.2169 0.1997 0.2610 -0.0569 0.0090  0.0095  3   DA  C "O4'" 
167 C  "C3'" . DA  B 3 ? 0.2081 0.2762 0.2369 -0.0329 -0.0116 0.0376  3   DA  C "C3'" 
168 O  "O3'" . DA  B 3 ? 0.2126 0.2087 0.1800 -0.0171 -0.0077 -0.0181 3   DA  C "O3'" 
169 C  "C2'" . DA  B 3 ? 0.1850 0.2556 0.1854 -0.0568 -0.0201 0.0028  3   DA  C "C2'" 
170 C  "C1'" . DA  B 3 ? 0.1724 0.1740 0.1937 -0.0102 0.0030  0.0486  3   DA  C "C1'" 
171 N  N9    . DA  B 3 ? 0.1749 0.1505 0.1824 -0.0370 0.0040  0.0499  3   DA  C N9    
172 C  C8    . DA  B 3 ? 0.1911 0.1453 0.1538 -0.0211 0.0339  0.0386  3   DA  C C8    
173 N  N7    . DA  B 3 ? 0.1780 0.2058 0.1612 -0.0551 0.0111  -0.0261 3   DA  C N7    
174 C  C5    . DA  B 3 ? 0.1939 0.1286 0.1566 -0.0424 -0.0103 -0.0177 3   DA  C C5    
175 C  C6    . DA  B 3 ? 0.1987 0.1262 0.1822 -0.0614 -0.0054 -0.0110 3   DA  C C6    
176 N  N6    . DA  B 3 ? 0.1995 0.1452 0.2242 -0.0559 0.0043  -0.0139 3   DA  C N6    
177 N  N1    . DA  B 3 ? 0.1731 0.1769 0.1659 -0.0672 -0.0050 -0.0167 3   DA  C N1    
178 C  C2    . DA  B 3 ? 0.1748 0.1450 0.1735 -0.0624 -0.0147 0.0030  3   DA  C C2    
179 N  N3    . DA  B 3 ? 0.1637 0.1664 0.1332 -0.0524 -0.0237 0.0025  3   DA  C N3    
180 C  C4    . DA  B 3 ? 0.1912 0.1272 0.1663 -0.0470 0.0085  0.0086  3   DA  C C4    
181 P  P     . DT  B 4 ? 0.2355 0.2477 0.2262 -0.0224 -0.0347 0.0042  4   DT  C P     
182 O  OP1   . DT  B 4 ? 0.2449 0.2722 0.2311 -0.0160 -0.0588 0.0099  4   DT  C OP1   
183 O  OP2   . DT  B 4 ? 0.2560 0.2965 0.2425 -0.0886 -0.0104 0.0067  4   DT  C OP2   
184 O  "O5'" . DT  B 4 ? 0.2228 0.2393 0.2261 -0.0325 -0.0292 -0.0052 4   DT  C "O5'" 
185 C  "C5'" . DT  B 4 ? 0.1985 0.2236 0.2432 -0.0181 -0.0293 0.0160  4   DT  C "C5'" 
186 C  "C4'" . DT  B 4 ? 0.2107 0.2066 0.1810 -0.0145 -0.0436 0.0226  4   DT  C "C4'" 
187 O  "O4'" . DT  B 4 ? 0.2120 0.1879 0.2109 -0.0110 -0.0631 -0.0079 4   DT  C "O4'" 
188 C  "C3'" . DT  B 4 ? 0.2438 0.2062 0.2085 0.0045  0.0196  -0.0355 4   DT  C "C3'" 
189 O  "O3'" . DT  B 4 ? 0.2614 0.3107 0.2257 0.0487  -0.0138 -0.0797 4   DT  C "O3'" 
190 C  "C2'" . DT  B 4 ? 0.2442 0.1649 0.2170 -0.0243 -0.0380 -0.0259 4   DT  C "C2'" 
191 C  "C1'" . DT  B 4 ? 0.1924 0.2094 0.2427 -0.0185 -0.0143 -0.0006 4   DT  C "C1'" 
192 N  N1    . DT  B 4 ? 0.1750 0.2060 0.2287 -0.0212 -0.0214 -0.0270 4   DT  C N1    
193 C  C2    . DT  B 4 ? 0.1938 0.1600 0.2011 -0.0337 0.0048  -0.0012 4   DT  C C2    
194 O  O2    . DT  B 4 ? 0.1809 0.1672 0.1890 -0.0050 -0.0045 0.0001  4   DT  C O2    
195 N  N3    . DT  B 4 ? 0.1704 0.1592 0.1888 -0.0565 -0.0267 -0.0265 4   DT  C N3    
196 C  C4    . DT  B 4 ? 0.1652 0.1534 0.1796 -0.0599 -0.0318 -0.0162 4   DT  C C4    
197 O  O4    . DT  B 4 ? 0.1685 0.1880 0.2165 -0.0303 -0.0464 -0.0407 4   DT  C O4    
198 C  C5    . DT  B 4 ? 0.1973 0.1562 0.1899 -0.0536 -0.0204 -0.0353 4   DT  C C5    
199 C  C7    . DT  B 4 ? 0.2443 0.2107 0.2067 -0.0670 -0.0207 0.0044  4   DT  C C7    
200 C  C6    . DT  B 4 ? 0.1380 0.1734 0.2155 -0.0319 -0.0142 -0.0400 4   DT  C C6    
201 P  P     . DT  B 5 ? 0.2729 0.2737 0.2385 -0.0098 -0.0226 -0.0286 5   DT  C P     
202 O  OP1   . DT  B 5 ? 0.3444 0.3522 0.2837 0.0865  -0.0738 -0.0297 5   DT  C OP1   
203 O  OP2   . DT  B 5 ? 0.2614 0.3066 0.2826 -0.0577 -0.0298 -0.0182 5   DT  C OP2   
204 O  "O5'" . DT  B 5 ? 0.2389 0.2182 0.1987 -0.0205 -0.0107 -0.0053 5   DT  C "O5'" 
205 C  "C5'" . DT  B 5 ? 0.2229 0.2380 0.1885 0.0129  -0.0492 0.0474  5   DT  C "C5'" 
206 C  "C4'" . DT  B 5 ? 0.2673 0.1943 0.1735 0.0477  -0.0456 -0.0185 5   DT  C "C4'" 
207 O  "O4'" . DT  B 5 ? 0.2423 0.1672 0.1713 -0.0297 -0.0442 0.0011  5   DT  C "O4'" 
208 C  "C3'" . DT  B 5 ? 0.2602 0.1798 0.1964 -0.0191 -0.0394 0.0030  5   DT  C "C3'" 
209 O  "O3'" . DT  B 5 ? 0.2328 0.1632 0.2145 0.0088  -0.0439 -0.0153 5   DT  C "O3'" 
210 C  "C2'" . DT  B 5 ? 0.1992 0.1556 0.2057 -0.0461 -0.0669 -0.0189 5   DT  C "C2'" 
211 C  "C1'" . DT  B 5 ? 0.1627 0.1875 0.1548 -0.0065 -0.0542 -0.0098 5   DT  C "C1'" 
212 N  N1    . DT  B 5 ? 0.1926 0.1581 0.1616 -0.0100 -0.0209 -0.0022 5   DT  C N1    
213 C  C2    . DT  B 5 ? 0.1771 0.1709 0.1651 -0.0282 -0.0101 0.0255  5   DT  C C2    
214 O  O2    . DT  B 5 ? 0.1725 0.1786 0.1483 -0.0189 -0.0235 0.0040  5   DT  C O2    
215 N  N3    . DT  B 5 ? 0.1746 0.1321 0.1634 -0.0289 -0.0572 0.0224  5   DT  C N3    
216 C  C4    . DT  B 5 ? 0.1880 0.0993 0.1889 -0.0444 -0.0508 0.0020  5   DT  C C4    
217 O  O4    . DT  B 5 ? 0.2347 0.1305 0.1812 -0.0629 -0.0498 0.0056  5   DT  C O4    
218 C  C5    . DT  B 5 ? 0.1606 0.1733 0.1799 -0.0290 -0.0286 -0.0031 5   DT  C C5    
219 C  C7    . DT  B 5 ? 0.1979 0.1486 0.1469 -0.0351 -0.0415 0.0218  5   DT  C C7    
220 C  C6    . DT  B 5 ? 0.1636 0.1307 0.1962 -0.0385 -0.0445 0.0005  5   DT  C C6    
221 P  P     . DT  B 6 ? 0.2560 0.2260 0.1909 -0.0077 -0.0393 -0.0146 6   DT  C P     
222 O  OP1   . DT  B 6 ? 0.2603 0.2586 0.2150 -0.0292 -0.0490 -0.0049 6   DT  C OP1   
223 O  OP2   . DT  B 6 ? 0.2195 0.2764 0.2765 0.0149  -0.0787 -0.0740 6   DT  C OP2   
224 O  "O5'" . DT  B 6 ? 0.2464 0.2045 0.2155 -0.0114 -0.0330 -0.0144 6   DT  C "O5'" 
225 C  "C5'" . DT  B 6 ? 0.2240 0.2153 0.2135 0.0164  -0.0198 0.0083  6   DT  C "C5'" 
226 C  "C4'" . DT  B 6 ? 0.2578 0.2037 0.2080 -0.0003 -0.0071 0.0232  6   DT  C "C4'" 
227 O  "O4'" . DT  B 6 ? 0.2573 0.2042 0.1906 -0.0690 -0.0447 -0.0031 6   DT  C "O4'" 
228 C  "C3'" . DT  B 6 ? 0.2825 0.2027 0.2792 -0.0058 -0.0520 0.0184  6   DT  C "C3'" 
229 O  "O3'" . DT  B 6 ? 0.3333 0.3415 0.4534 -0.0640 0.0526  -0.0506 6   DT  C "O3'" 
230 C  "C2'" . DT  B 6 ? 0.3252 0.2530 0.1757 -0.0619 -0.0360 -0.0341 6   DT  C "C2'" 
231 C  "C1'" . DT  B 6 ? 0.2421 0.2168 0.1813 -0.0383 -0.0587 -0.0135 6   DT  C "C1'" 
232 N  N1    . DT  B 6 ? 0.2258 0.1705 0.2096 -0.0025 -0.0498 0.0332  6   DT  C N1    
233 C  C2    . DT  B 6 ? 0.2057 0.1419 0.1540 -0.0048 -0.0169 0.0217  6   DT  C C2    
234 O  O2    . DT  B 6 ? 0.2117 0.1521 0.1703 -0.0130 -0.0203 0.0277  6   DT  C O2    
235 N  N3    . DT  B 6 ? 0.1764 0.1223 0.1265 -0.0077 -0.0362 -0.0118 6   DT  C N3    
236 C  C4    . DT  B 6 ? 0.1718 0.1010 0.1578 -0.0054 -0.0246 -0.0169 6   DT  C C4    
237 O  O4    . DT  B 6 ? 0.2036 0.2000 0.1846 -0.0367 -0.0293 0.0264  6   DT  C O4    
238 C  C5    . DT  B 6 ? 0.1930 0.2028 0.1650 -0.0394 -0.0459 -0.0043 6   DT  C C5    
239 C  C7    . DT  B 6 ? 0.1998 0.2658 0.2054 -0.0278 -0.0904 0.0257  6   DT  C C7    
240 C  C6    . DT  B 6 ? 0.2014 0.1399 0.1707 0.0056  -0.0547 0.0228  6   DT  C C6    
241 O  "O5'" . DA  C 1 ? 0.3155 0.2010 0.3377 0.0046  -0.1653 -0.0634 1   DA  A "O5'" 
242 C  "C5'" . DA  C 1 ? 0.2114 0.1804 0.2519 -0.0133 -0.0920 -0.0493 1   DA  A "C5'" 
243 C  "C4'" . DA  C 1 ? 0.2029 0.1655 0.1863 -0.0042 -0.0850 0.0021  1   DA  A "C4'" 
244 O  "O4'" . DA  C 1 ? 0.2319 0.1257 0.1728 0.0097  -0.0766 0.0124  1   DA  A "O4'" 
245 C  "C3'" . DA  C 1 ? 0.1737 0.1548 0.1957 -0.0090 -0.0419 -0.0087 1   DA  A "C3'" 
246 O  "O3'" . DA  C 1 ? 0.1801 0.1601 0.1920 -0.0199 -0.0436 0.0178  1   DA  A "O3'" 
247 C  "C2'" . DA  C 1 ? 0.1963 0.0729 0.2624 -0.0140 -0.0432 -0.0115 1   DA  A "C2'" 
248 C  "C1'" . DA  C 1 ? 0.1845 0.1228 0.1587 0.0212  -0.0256 0.0055  1   DA  A "C1'" 
249 N  N9    . DA  C 1 ? 0.1738 0.1316 0.1542 -0.0194 -0.0346 -0.0005 1   DA  A N9    
250 C  C8    . DA  C 1 ? 0.2078 0.1405 0.1542 -0.0111 -0.0288 -0.0100 1   DA  A C8    
251 N  N7    . DA  C 1 ? 0.1865 0.1287 0.1629 -0.0177 -0.0281 0.0017  1   DA  A N7    
252 C  C5    . DA  C 1 ? 0.1553 0.1295 0.1789 -0.0416 -0.0270 0.0000  1   DA  A C5    
253 C  C6    . DA  C 1 ? 0.1743 0.1261 0.1674 -0.0522 -0.0383 -0.0170 1   DA  A C6    
254 N  N6    . DA  C 1 ? 0.1531 0.1403 0.1783 -0.0253 -0.0353 -0.0172 1   DA  A N6    
255 N  N1    . DA  C 1 ? 0.1774 0.0794 0.1585 -0.0303 -0.0338 -0.0090 1   DA  A N1    
256 C  C2    . DA  C 1 ? 0.1353 0.0859 0.1571 -0.0396 -0.0438 0.0153  1   DA  A C2    
257 N  N3    . DA  C 1 ? 0.1527 0.0986 0.1733 -0.0263 -0.0412 0.0421  1   DA  A N3    
258 C  C4    . DA  C 1 ? 0.1546 0.1094 0.1707 -0.0151 -0.0267 -0.0005 1   DA  A C4    
259 P  P     . DA  C 2 ? 0.1498 0.1704 0.1591 -0.0074 -0.0333 0.0269  2   DA  A P     
260 O  OP1   . DA  C 2 ? 0.1837 0.2305 0.1885 -0.0069 -0.0110 0.0544  2   DA  A OP1   
261 O  OP2   . DA  C 2 ? 0.1330 0.1850 0.1503 -0.0055 -0.0194 0.0317  2   DA  A OP2   
262 O  "O5'" . DA  C 2 ? 0.1395 0.1614 0.1594 -0.0060 -0.0331 0.0027  2   DA  A "O5'" 
263 C  "C5'" . DA  C 2 ? 0.1382 0.1594 0.1961 0.0012  -0.0326 0.0216  2   DA  A "C5'" 
264 C  "C4'" . DA  C 2 ? 0.1259 0.1656 0.1659 0.0025  -0.0219 0.0160  2   DA  A "C4'" 
265 O  "O4'" . DA  C 2 ? 0.1565 0.1552 0.1788 -0.0306 -0.0049 0.0215  2   DA  A "O4'" 
266 C  "C3'" . DA  C 2 ? 0.1409 0.1704 0.1372 0.0024  -0.0377 -0.0083 2   DA  A "C3'" 
267 O  "O3'" . DA  C 2 ? 0.1735 0.1728 0.2333 0.0070  -0.0188 -0.0165 2   DA  A "O3'" 
268 C  "C2'" . DA  C 2 ? 0.1634 0.1358 0.1780 -0.0254 -0.0349 0.0292  2   DA  A "C2'" 
269 C  "C1'" . DA  C 2 ? 0.1484 0.1064 0.1523 0.0287  -0.0240 0.0199  2   DA  A "C1'" 
270 N  N9    . DA  C 2 ? 0.1622 0.1310 0.1374 -0.0210 -0.0279 0.0306  2   DA  A N9    
271 C  C8    . DA  C 2 ? 0.1701 0.1235 0.1695 -0.0215 -0.0089 0.0088  2   DA  A C8    
272 N  N7    . DA  C 2 ? 0.1879 0.0959 0.1611 -0.0033 -0.0028 0.0102  2   DA  A N7    
273 C  C5    . DA  C 2 ? 0.1795 0.0771 0.1685 -0.0176 -0.0015 0.0108  2   DA  A C5    
274 C  C6    . DA  C 2 ? 0.1713 0.0518 0.1635 -0.0193 0.0052  -0.0070 2   DA  A C6    
275 N  N6    . DA  C 2 ? 0.1926 0.1182 0.1222 0.0000  -0.0047 0.0247  2   DA  A N6    
276 N  N1    . DA  C 2 ? 0.1570 0.0969 0.1474 -0.0290 -0.0045 -0.0105 2   DA  A N1    
277 C  C2    . DA  C 2 ? 0.1482 0.0926 0.1435 -0.0093 -0.0148 0.0118  2   DA  A C2    
278 N  N3    . DA  C 2 ? 0.1839 0.0977 0.1468 -0.0013 -0.0123 -0.0179 2   DA  A N3    
279 C  C4    . DA  C 2 ? 0.1827 0.0874 0.1319 -0.0236 -0.0231 -0.0023 2   DA  A C4    
280 P  P     . DA  C 3 ? 0.1705 0.1862 0.1671 0.0231  -0.0123 0.0113  3   DA  A P     
281 O  OP1   . DA  C 3 ? 0.2080 0.2668 0.1994 0.0008  0.0252  0.0089  3   DA  A OP1   
282 O  OP2   . DA  C 3 ? 0.1922 0.1761 0.2246 -0.0007 -0.0558 -0.0113 3   DA  A OP2   
283 O  "O5'" . DA  C 3 ? 0.1426 0.1694 0.1829 0.0152  -0.0169 -0.0028 3   DA  A "O5'" 
284 C  "C5'" . DA  C 3 ? 0.1387 0.1716 0.1736 -0.0014 0.0002  0.0491  3   DA  A "C5'" 
285 C  "C4'" . DA  C 3 ? 0.1671 0.1754 0.1568 0.0119  -0.0021 0.0383  3   DA  A "C4'" 
286 O  "O4'" . DA  C 3 ? 0.1437 0.1452 0.1636 -0.0142 -0.0018 0.0174  3   DA  A "O4'" 
287 C  "C3'" . DA  C 3 ? 0.1509 0.1834 0.1777 0.0042  0.0295  0.0321  3   DA  A "C3'" 
288 O  "O3'" . DA  C 3 ? 0.1251 0.1798 0.2023 0.0032  0.0345  0.0259  3   DA  A "O3'" 
289 C  "C2'" . DA  C 3 ? 0.1550 0.1489 0.1243 0.0162  0.0351  -0.0040 3   DA  A "C2'" 
290 C  "C1'" . DA  C 3 ? 0.1018 0.1560 0.1141 -0.0066 -0.0067 0.0168  3   DA  A "C1'" 
291 N  N9    . DA  C 3 ? 0.1087 0.1322 0.1337 0.0092  0.0021  0.0283  3   DA  A N9    
292 C  C8    . DA  C 3 ? 0.1066 0.1371 0.1468 -0.0200 -0.0120 0.0190  3   DA  A C8    
293 N  N7    . DA  C 3 ? 0.1205 0.1041 0.1222 -0.0227 -0.0087 0.0074  3   DA  A N7    
294 C  C5    . DA  C 3 ? 0.1204 0.0545 0.1241 -0.0154 -0.0148 0.0018  3   DA  A C5    
295 C  C6    . DA  C 3 ? 0.1040 0.0662 0.1245 -0.0377 -0.0129 0.0018  3   DA  A C6    
296 N  N6    . DA  C 3 ? 0.1172 0.0948 0.1119 -0.0298 0.0057  -0.0140 3   DA  A N6    
297 N  N1    . DA  C 3 ? 0.1134 0.1045 0.1354 -0.0247 -0.0181 0.0176  3   DA  A N1    
298 C  C2    . DA  C 3 ? 0.1245 0.0840 0.1138 -0.0138 -0.0320 -0.0067 3   DA  A C2    
299 N  N3    . DA  C 3 ? 0.1112 0.1068 0.1364 -0.0113 -0.0118 -0.0016 3   DA  A N3    
300 C  C4    . DA  C 3 ? 0.1118 0.0882 0.1272 -0.0156 -0.0113 -0.0035 3   DA  A C4    
301 P  P     . DT  C 4 ? 0.1978 0.2028 0.2635 0.0327  0.0466  0.0494  4   DT  A P     
302 O  OP1   . DT  C 4 ? 0.1879 0.2069 0.2831 0.0566  0.0725  0.0477  4   DT  A OP1   
303 O  OP2   . DT  C 4 ? 0.2522 0.2156 0.2808 0.0281  0.0594  0.0418  4   DT  A OP2   
304 O  "O5'" . DT  C 4 ? 0.1516 0.2096 0.1848 0.0295  0.0148  0.0066  4   DT  A "O5'" 
305 C  "C5'" . DT  C 4 ? 0.1567 0.2055 0.1963 0.0422  0.0047  -0.0033 4   DT  A "C5'" 
306 C  "C4'" . DT  C 4 ? 0.1557 0.2559 0.2496 0.0366  0.0113  0.0387  4   DT  A "C4'" 
307 O  "O4'" . DT  C 4 ? 0.1586 0.1479 0.2016 0.0241  0.0447  0.0252  4   DT  A "O4'" 
308 C  "C3'" . DT  C 4 ? 0.2381 0.2247 0.1509 0.0558  0.0248  -0.0170 4   DT  A "C3'" 
309 O  "O3'" . DT  C 4 ? 0.2248 0.2569 0.2616 0.0409  0.0330  0.0704  4   DT  A "O3'" 
310 C  "C2'" . DT  C 4 ? 0.2247 0.1348 0.2184 0.0625  -0.0172 0.0347  4   DT  A "C2'" 
311 C  "C1'" . DT  C 4 ? 0.1481 0.1503 0.1560 0.0247  0.0249  0.0095  4   DT  A "C1'" 
312 N  N1    . DT  C 4 ? 0.1698 0.1026 0.1388 0.0113  -0.0149 0.0257  4   DT  A N1    
313 C  C2    . DT  C 4 ? 0.1472 0.0801 0.1595 0.0054  0.0006  0.0276  4   DT  A C2    
314 O  O2    . DT  C 4 ? 0.1504 0.1222 0.1598 0.0072  -0.0161 0.0273  4   DT  A O2    
315 N  N3    . DT  C 4 ? 0.1195 0.0703 0.1013 -0.0101 0.0093  -0.0027 4   DT  A N3    
316 C  C4    . DT  C 4 ? 0.1582 0.0789 0.1227 0.0024  -0.0084 -0.0007 4   DT  A C4    
317 O  O4    . DT  C 4 ? 0.1576 0.1068 0.1256 0.0078  -0.0036 0.0261  4   DT  A O4    
318 C  C5    . DT  C 4 ? 0.1385 0.1066 0.1567 0.0075  0.0082  0.0117  4   DT  A C5    
319 C  C7    . DT  C 4 ? 0.1625 0.1142 0.1353 0.0173  0.0105  -0.0186 4   DT  A C7    
320 C  C6    . DT  C 4 ? 0.1237 0.1171 0.1006 0.0292  0.0353  -0.0270 4   DT  A C6    
321 P  P     . DT  C 5 ? 0.2903 0.2599 0.3543 0.0709  0.0611  0.0713  5   DT  A P     
322 O  OP1   . DT  C 5 ? 0.3364 0.5111 0.4609 0.1899  0.0726  0.1511  5   DT  A OP1   
323 O  OP2   . DT  C 5 ? 0.4262 0.1847 0.3445 0.0719  0.0654  0.0437  5   DT  A OP2   
324 O  "O5'" . DT  C 5 ? 0.2696 0.1504 0.2946 0.0668  0.0327  0.0520  5   DT  A "O5'" 
325 C  "C5'" . DT  C 5 ? 0.1879 0.1993 0.2516 0.0376  0.0200  0.0698  5   DT  A "C5'" 
326 C  "C4'" . DT  C 5 ? 0.1742 0.1758 0.2023 0.0100  -0.0075 0.0571  5   DT  A "C4'" 
327 O  "O4'" . DT  C 5 ? 0.1676 0.1247 0.1726 0.0077  -0.0292 0.0032  5   DT  A "O4'" 
328 C  "C3'" . DT  C 5 ? 0.2050 0.1651 0.2057 0.0193  0.0235  -0.0161 5   DT  A "C3'" 
329 O  "O3'" . DT  C 5 ? 0.2438 0.2044 0.2324 0.0188  -0.0091 0.0623  5   DT  A "O3'" 
330 C  "C2'" . DT  C 5 ? 0.2290 0.1531 0.2028 0.0412  -0.0112 0.0369  5   DT  A "C2'" 
331 C  "C1'" . DT  C 5 ? 0.1445 0.1566 0.1523 0.0290  -0.0353 0.0085  5   DT  A "C1'" 
332 N  N1    . DT  C 5 ? 0.1518 0.1337 0.1130 0.0126  -0.0161 0.0217  5   DT  A N1    
333 C  C2    . DT  C 5 ? 0.1355 0.1358 0.1304 -0.0150 -0.0091 0.0154  5   DT  A C2    
334 O  O2    . DT  C 5 ? 0.1561 0.1260 0.1389 -0.0128 -0.0058 -0.0276 5   DT  A O2    
335 N  N3    . DT  C 5 ? 0.1107 0.0868 0.1446 -0.0101 -0.0021 0.0099  5   DT  A N3    
336 C  C4    . DT  C 5 ? 0.1539 0.0786 0.1526 0.0171  -0.0157 0.0224  5   DT  A C4    
337 O  O4    . DT  C 5 ? 0.1420 0.1111 0.1655 0.0020  -0.0330 0.0192  5   DT  A O4    
338 C  C5    . DT  C 5 ? 0.1644 0.1176 0.1133 0.0260  -0.0018 -0.0045 5   DT  A C5    
339 C  C7    . DT  C 5 ? 0.1565 0.1627 0.1264 0.0324  0.0050  -0.0158 5   DT  A C7    
340 C  C6    . DT  C 5 ? 0.1701 0.1519 0.1255 0.0411  -0.0010 0.0066  5   DT  A C6    
341 P  P     . DT  C 6 ? 0.3023 0.2324 0.3085 0.0002  0.0124  0.0853  6   DT  A P     
342 O  OP1   . DT  C 6 ? 0.3622 0.3064 0.3002 -0.0724 -0.0220 0.0809  6   DT  A OP1   
343 O  OP2   . DT  C 6 ? 0.3776 0.2494 0.3808 0.0743  0.0354  0.0414  6   DT  A OP2   
344 O  "O5'" . DT  C 6 ? 0.2756 0.1692 0.2983 -0.0421 0.0375  0.0534  6   DT  A "O5'" 
345 C  "C5'" . DT  C 6 ? 0.2747 0.1660 0.1721 -0.0348 -0.0260 0.0479  6   DT  A "C5'" 
346 C  "C4'" . DT  C 6 ? 0.2683 0.1296 0.1994 0.0040  -0.0381 0.0377  6   DT  A "C4'" 
347 O  "O4'" . DT  C 6 ? 0.2956 0.1495 0.2246 0.0077  -0.1097 0.0055  6   DT  A "O4'" 
348 C  "C3'" . DT  C 6 ? 0.2490 0.1531 0.2854 -0.0307 -0.0314 -0.0227 6   DT  A "C3'" 
349 O  "O3'" . DT  C 6 ? 0.3583 0.2635 0.2981 -0.0661 0.0145  0.0446  6   DT  A "O3'" 
350 C  "C2'" . DT  C 6 ? 0.2695 0.1676 0.3007 -0.0452 -0.0646 0.0445  6   DT  A "C2'" 
351 C  "C1'" . DT  C 6 ? 0.1793 0.1956 0.2426 0.0057  -0.0443 0.0274  6   DT  A "C1'" 
352 N  N1    . DT  C 6 ? 0.1756 0.1327 0.2305 -0.0075 -0.0729 -0.0043 6   DT  A N1    
353 C  C2    . DT  C 6 ? 0.1781 0.0848 0.1904 -0.0116 -0.0532 -0.0153 6   DT  A C2    
354 O  O2    . DT  C 6 ? 0.2006 0.1535 0.1930 -0.0075 -0.0647 -0.0300 6   DT  A O2    
355 N  N3    . DT  C 6 ? 0.1694 0.1357 0.1968 -0.0119 -0.0349 0.0100  6   DT  A N3    
356 C  C4    . DT  C 6 ? 0.1671 0.0950 0.2386 -0.0350 -0.0404 -0.0319 6   DT  A C4    
357 O  O4    . DT  C 6 ? 0.2279 0.1370 0.2612 -0.0147 -0.0339 -0.0151 6   DT  A O4    
358 C  C5    . DT  C 6 ? 0.1849 0.1609 0.2111 -0.0225 -0.0638 -0.0214 6   DT  A C5    
359 C  C7    . DT  C 6 ? 0.2263 0.0861 0.2349 0.0164  -0.0716 -0.0452 6   DT  A C7    
360 C  C6    . DT  C 6 ? 0.2194 0.1214 0.2428 0.0029  -0.0387 0.0224  6   DT  A C6    
361 O  "O5'" . DA  D 1 ? 0.2919 0.3490 0.3234 0.0852  -0.0564 -0.0258 1   DA  B "O5'" 
362 C  "C5'" . DA  D 1 ? 0.3282 0.3024 0.3498 0.0933  -0.0352 -0.1015 1   DA  B "C5'" 
363 C  "C4'" . DA  D 1 ? 0.2317 0.2736 0.3799 0.0132  -0.0838 -0.0900 1   DA  B "C4'" 
364 O  "O4'" . DA  D 1 ? 0.3044 0.2553 0.3409 0.0410  -0.0918 -0.0802 1   DA  B "O4'" 
365 C  "C3'" . DA  D 1 ? 0.2421 0.2393 0.2740 0.0333  -0.0912 -0.0658 1   DA  B "C3'" 
366 O  "O3'" . DA  D 1 ? 0.1848 0.2228 0.3865 0.0127  -0.0300 -0.0296 1   DA  B "O3'" 
367 C  "C2'" . DA  D 1 ? 0.2028 0.2424 0.3510 0.0128  -0.0743 -0.0290 1   DA  B "C2'" 
368 C  "C1'" . DA  D 1 ? 0.2382 0.2646 0.3343 0.0210  -0.0471 -0.0169 1   DA  B "C1'" 
369 N  N9    . DA  D 1 ? 0.2002 0.1597 0.2388 0.0300  -0.0689 -0.0022 1   DA  B N9    
370 C  C8    . DA  D 1 ? 0.2513 0.1769 0.2329 0.0270  -0.0850 0.0270  1   DA  B C8    
371 N  N7    . DA  D 1 ? 0.2534 0.1434 0.2567 0.0062  -0.0745 0.0110  1   DA  B N7    
372 C  C5    . DA  D 1 ? 0.2030 0.1374 0.2276 0.0054  -0.0528 0.0023  1   DA  B C5    
373 C  C6    . DA  D 1 ? 0.1658 0.1447 0.1951 -0.0401 -0.0540 -0.0076 1   DA  B C6    
374 N  N6    . DA  D 1 ? 0.1736 0.1363 0.2453 -0.0531 -0.0743 0.0308  1   DA  B N6    
375 N  N1    . DA  D 1 ? 0.1550 0.1271 0.1895 -0.0006 -0.0552 -0.0171 1   DA  B N1    
376 C  C2    . DA  D 1 ? 0.1648 0.1093 0.2014 0.0070  -0.0514 0.0310  1   DA  B C2    
377 N  N3    . DA  D 1 ? 0.1444 0.1993 0.2062 0.0128  -0.0387 -0.0202 1   DA  B N3    
378 C  C4    . DA  D 1 ? 0.1537 0.2024 0.2273 -0.0048 -0.0585 0.0199  1   DA  B C4    
379 P  P     . DA  D 2 ? 0.2342 0.2399 0.2857 0.0139  -0.0360 -0.0198 2   DA  B P     
380 O  OP1   . DA  D 2 ? 0.1825 0.2767 0.5790 0.0112  -0.0440 -0.0317 2   DA  B OP1   
381 O  OP2   . DA  D 2 ? 0.2795 0.2406 0.2711 0.0304  -0.0150 0.0061  2   DA  B OP2   
382 O  "O5'" . DA  D 2 ? 0.2425 0.2873 0.2314 -0.0084 -0.0379 -0.0304 2   DA  B "O5'" 
383 C  "C5'" . DA  D 2 ? 0.2383 0.2957 0.2460 0.0465  0.0160  -0.0431 2   DA  B "C5'" 
384 C  "C4'" . DA  D 2 ? 0.2046 0.2523 0.2652 0.0002  0.0236  -0.0217 2   DA  B "C4'" 
385 O  "O4'" . DA  D 2 ? 0.1201 0.1955 0.2799 -0.0366 -0.0139 -0.0362 2   DA  B "O4'" 
386 C  "C3'" . DA  D 2 ? 0.1724 0.2409 0.2052 0.0046  0.0335  -0.0038 2   DA  B "C3'" 
387 O  "O3'" . DA  D 2 ? 0.1710 0.2472 0.2092 -0.0214 0.0162  0.0028  2   DA  B "O3'" 
388 C  "C2'" . DA  D 2 ? 0.1315 0.1711 0.2474 -0.0048 0.0266  -0.0032 2   DA  B "C2'" 
389 C  "C1'" . DA  D 2 ? 0.1063 0.1805 0.2474 -0.0182 0.0177  -0.0356 2   DA  B "C1'" 
390 N  N9    . DA  D 2 ? 0.1587 0.1399 0.1884 -0.0140 -0.0022 0.0227  2   DA  B N9    
391 C  C8    . DA  D 2 ? 0.1843 0.1493 0.1864 0.0112  0.0033  0.0256  2   DA  B C8    
392 N  N7    . DA  D 2 ? 0.1608 0.1878 0.1553 0.0157  -0.0264 0.0159  2   DA  B N7    
393 C  C5    . DA  D 2 ? 0.1458 0.1050 0.1504 -0.0158 -0.0261 -0.0079 2   DA  B C5    
394 C  C6    . DA  D 2 ? 0.1236 0.1122 0.1484 -0.0248 -0.0272 0.0003  2   DA  B C6    
395 N  N6    . DA  D 2 ? 0.1173 0.1509 0.1590 0.0029  -0.0231 -0.0033 2   DA  B N6    
396 N  N1    . DA  D 2 ? 0.0937 0.1415 0.1415 -0.0031 -0.0067 0.0025  2   DA  B N1    
397 C  C2    . DA  D 2 ? 0.1406 0.1160 0.1490 -0.0131 -0.0029 0.0063  2   DA  B C2    
398 N  N3    . DA  D 2 ? 0.1118 0.1552 0.1600 -0.0081 -0.0085 0.0154  2   DA  B N3    
399 C  C4    . DA  D 2 ? 0.1685 0.1054 0.1567 -0.0110 -0.0217 -0.0062 2   DA  B C4    
400 P  P     . DA  D 3 ? 0.1767 0.1994 0.2061 0.0066  0.0068  0.0094  3   DA  B P     
401 O  OP1   . DA  D 3 ? 0.2029 0.2963 0.1803 0.0367  0.0110  -0.0132 3   DA  B OP1   
402 O  OP2   . DA  D 3 ? 0.1894 0.1780 0.2891 0.0140  0.0252  0.0212  3   DA  B OP2   
403 O  "O5'" . DA  D 3 ? 0.1966 0.1454 0.2221 0.0002  0.0120  0.0165  3   DA  B "O5'" 
404 C  "C5'" . DA  D 3 ? 0.1770 0.1366 0.2115 -0.0187 0.0245  0.0139  3   DA  B "C5'" 
405 C  "C4'" . DA  D 3 ? 0.1665 0.1756 0.1542 -0.0340 0.0141  0.0363  3   DA  B "C4'" 
406 O  "O4'" . DA  D 3 ? 0.1402 0.1442 0.1648 -0.0100 0.0209  0.0152  3   DA  B "O4'" 
407 C  "C3'" . DA  D 3 ? 0.1577 0.1359 0.1593 -0.0055 0.0289  0.0192  3   DA  B "C3'" 
408 O  "O3'" . DA  D 3 ? 0.1650 0.1531 0.1800 0.0105  0.0180  0.0220  3   DA  B "O3'" 
409 C  "C2'" . DA  D 3 ? 0.1596 0.1233 0.1394 -0.0088 0.0147  0.0112  3   DA  B "C2'" 
410 C  "C1'" . DA  D 3 ? 0.1403 0.1528 0.1349 -0.0079 0.0132  0.0063  3   DA  B "C1'" 
411 N  N9    . DA  D 3 ? 0.0984 0.1347 0.1258 0.0007  0.0021  0.0077  3   DA  B N9    
412 C  C8    . DA  D 3 ? 0.0792 0.1387 0.1255 -0.0034 0.0180  -0.0063 3   DA  B C8    
413 N  N7    . DA  D 3 ? 0.1085 0.1451 0.1263 -0.0124 0.0214  -0.0042 3   DA  B N7    
414 C  C5    . DA  D 3 ? 0.0993 0.1107 0.1291 -0.0135 -0.0204 0.0113  3   DA  B C5    
415 C  C6    . DA  D 3 ? 0.1353 0.1005 0.1488 -0.0067 0.0068  0.0002  3   DA  B C6    
416 N  N6    . DA  D 3 ? 0.1160 0.1039 0.1579 -0.0232 -0.0059 0.0209  3   DA  B N6    
417 N  N1    . DA  D 3 ? 0.1181 0.1004 0.1125 -0.0097 -0.0051 0.0085  3   DA  B N1    
418 C  C2    . DA  D 3 ? 0.1576 0.0907 0.1322 0.0061  -0.0241 -0.0052 3   DA  B C2    
419 N  N3    . DA  D 3 ? 0.1258 0.1159 0.1492 -0.0041 -0.0076 -0.0030 3   DA  B N3    
420 C  C4    . DA  D 3 ? 0.1179 0.0964 0.1138 -0.0170 -0.0044 0.0085  3   DA  B C4    
421 P  P     . DT  D 4 ? 0.1995 0.1939 0.1562 -0.0016 0.0177  0.0245  4   DT  B P     
422 O  OP1   . DT  D 4 ? 0.2154 0.1931 0.1607 -0.0155 0.0374  0.0394  4   DT  B OP1   
423 O  OP2   . DT  D 4 ? 0.2211 0.2119 0.1735 -0.0026 0.0375  -0.0331 4   DT  B OP2   
424 O  "O5'" . DT  D 4 ? 0.1858 0.1490 0.1295 0.0110  0.0089  0.0091  4   DT  B "O5'" 
425 C  "C5'" . DT  D 4 ? 0.1714 0.1666 0.1138 0.0064  0.0148  -0.0124 4   DT  B "C5'" 
426 C  "C4'" . DT  D 4 ? 0.1591 0.1595 0.1651 -0.0144 -0.0023 0.0253  4   DT  B "C4'" 
427 O  "O4'" . DT  D 4 ? 0.1697 0.1400 0.1294 -0.0360 0.0061  0.0031  4   DT  B "O4'" 
428 C  "C3'" . DT  D 4 ? 0.1815 0.1881 0.1765 -0.0350 0.0066  0.0137  4   DT  B "C3'" 
429 O  "O3'" . DT  D 4 ? 0.2078 0.1626 0.1787 -0.0404 0.0027  0.0372  4   DT  B "O3'" 
430 C  "C2'" . DT  D 4 ? 0.1539 0.1745 0.1371 -0.0242 -0.0252 -0.0120 4   DT  B "C2'" 
431 C  "C1'" . DT  D 4 ? 0.1339 0.1347 0.1137 -0.0117 0.0019  0.0024  4   DT  B "C1'" 
432 N  N1    . DT  D 4 ? 0.1221 0.1222 0.1246 0.0003  0.0179  0.0054  4   DT  B N1    
433 C  C2    . DT  D 4 ? 0.1405 0.1059 0.1205 -0.0232 0.0121  0.0058  4   DT  B C2    
434 O  O2    . DT  D 4 ? 0.1304 0.1508 0.1241 -0.0067 -0.0170 0.0290  4   DT  B O2    
435 N  N3    . DT  D 4 ? 0.1310 0.0882 0.1368 -0.0276 0.0176  0.0082  4   DT  B N3    
436 C  C4    . DT  D 4 ? 0.1188 0.1231 0.1318 -0.0197 0.0311  0.0085  4   DT  B C4    
437 O  O4    . DT  D 4 ? 0.1232 0.1154 0.1566 0.0006  -0.0003 -0.0036 4   DT  B O4    
438 C  C5    . DT  D 4 ? 0.1393 0.0769 0.1249 -0.0226 0.0180  0.0003  4   DT  B C5    
439 C  C7    . DT  D 4 ? 0.1479 0.1212 0.1423 0.0011  0.0118  0.0051  4   DT  B C7    
440 C  C6    . DT  D 4 ? 0.1458 0.1441 0.1016 0.0072  0.0422  -0.0001 4   DT  B C6    
441 P  P     . DT  D 5 ? 0.2106 0.2011 0.1442 -0.0303 -0.0105 0.0436  5   DT  B P     
442 O  OP1   . DT  D 5 ? 0.2513 0.2498 0.1853 0.0273  0.0152  0.0445  5   DT  B OP1   
443 O  OP2   . DT  D 5 ? 0.2321 0.2224 0.1413 -0.0034 0.0030  0.0275  5   DT  B OP2   
444 O  "O5'" . DT  D 5 ? 0.2080 0.1847 0.1317 -0.0400 0.0053  0.0148  5   DT  B "O5'" 
445 C  "C5'" . DT  D 5 ? 0.2347 0.1752 0.1669 -0.0446 0.0275  -0.0001 5   DT  B "C5'" 
446 C  "C4'" . DT  D 5 ? 0.1662 0.1727 0.1364 -0.0306 -0.0099 0.0116  5   DT  B "C4'" 
447 O  "O4'" . DT  D 5 ? 0.1833 0.1276 0.1532 -0.0448 -0.0114 0.0030  5   DT  B "O4'" 
448 C  "C3'" . DT  D 5 ? 0.1929 0.1483 0.1396 -0.0266 -0.0347 0.0289  5   DT  B "C3'" 
449 O  "O3'" . DT  D 5 ? 0.2080 0.2024 0.2239 -0.0373 -0.0033 0.0183  5   DT  B "O3'" 
450 C  "C2'" . DT  D 5 ? 0.2215 0.1377 0.1709 -0.0209 -0.0506 0.0020  5   DT  B "C2'" 
451 C  "C1'" . DT  D 5 ? 0.1751 0.1124 0.1415 -0.0406 -0.0014 -0.0080 5   DT  B "C1'" 
452 N  N1    . DT  D 5 ? 0.2218 0.1099 0.1782 -0.0414 -0.0223 0.0121  5   DT  B N1    
453 C  C2    . DT  D 5 ? 0.1988 0.1035 0.1590 -0.0589 -0.0212 -0.0135 5   DT  B C2    
454 O  O2    . DT  D 5 ? 0.1735 0.1040 0.1527 -0.0304 -0.0468 0.0122  5   DT  B O2    
455 N  N3    . DT  D 5 ? 0.2052 0.1079 0.1341 -0.0569 -0.0220 0.0162  5   DT  B N3    
456 C  C4    . DT  D 5 ? 0.2197 0.1448 0.1390 -0.0374 -0.0060 0.0266  5   DT  B C4    
457 O  O4    . DT  D 5 ? 0.2289 0.1617 0.1723 -0.0382 -0.0038 0.0526  5   DT  B O4    
458 C  C5    . DT  D 5 ? 0.2210 0.2061 0.1284 -0.0144 -0.0109 0.0099  5   DT  B C5    
459 C  C7    . DT  D 5 ? 0.2452 0.2135 0.1336 -0.0268 0.0202  0.0671  5   DT  B C7    
460 C  C6    . DT  D 5 ? 0.2089 0.1254 0.1620 -0.0561 -0.0391 0.0002  5   DT  B C6    
461 P  P     . DT  D 6 ? 0.2454 0.2019 0.2026 -0.0245 -0.0372 0.0320  6   DT  B P     
462 O  OP1   . DT  D 6 ? 0.2616 0.2741 0.3047 0.0161  -0.0460 0.0405  6   DT  B OP1   
463 O  OP2   . DT  D 6 ? 0.2827 0.1853 0.2231 -0.0183 -0.0029 0.0042  6   DT  B OP2   
464 O  "O5'" . DT  D 6 ? 0.2377 0.1819 0.1948 0.0003  -0.0189 0.0423  6   DT  B "O5'" 
465 C  "C5'" . DT  D 6 ? 0.1983 0.1518 0.2149 -0.0147 0.0119  0.0158  6   DT  B "C5'" 
466 C  "C4'" . DT  D 6 ? 0.1964 0.1592 0.1921 -0.0020 -0.0051 0.0027  6   DT  B "C4'" 
467 O  "O4'" . DT  D 6 ? 0.1943 0.1572 0.1985 -0.0275 -0.0222 0.0328  6   DT  B "O4'" 
468 C  "C3'" . DT  D 6 ? 0.2027 0.1823 0.1838 -0.0427 0.0012  0.0147  6   DT  B "C3'" 
469 O  "O3'" . DT  D 6 ? 0.2060 0.2922 0.2907 -0.0514 0.0022  0.0221  6   DT  B "O3'" 
470 C  "C2'" . DT  D 6 ? 0.1885 0.2142 0.1619 -0.0346 0.0050  0.0113  6   DT  B "C2'" 
471 C  "C1'" . DT  D 6 ? 0.2048 0.1459 0.1427 -0.0209 -0.0040 0.0034  6   DT  B "C1'" 
472 N  N1    . DT  D 6 ? 0.1628 0.1171 0.1467 -0.0429 0.0050  0.0103  6   DT  B N1    
473 C  C2    . DT  D 6 ? 0.2139 0.1664 0.1523 -0.0410 -0.0229 0.0151  6   DT  B C2    
474 O  O2    . DT  D 6 ? 0.1785 0.1513 0.1432 -0.0370 -0.0227 0.0151  6   DT  B O2    
475 N  N3    . DT  D 6 ? 0.1882 0.1099 0.1588 -0.0685 -0.0215 0.0309  6   DT  B N3    
476 C  C4    . DT  D 6 ? 0.1626 0.1026 0.1645 -0.0421 -0.0145 0.0043  6   DT  B C4    
477 O  O4    . DT  D 6 ? 0.1796 0.1328 0.1526 -0.0331 0.0020  0.0130  6   DT  B O4    
478 C  C5    . DT  D 6 ? 0.1584 0.1210 0.1562 -0.0453 -0.0347 -0.0169 6   DT  B C5    
479 C  C7    . DT  D 6 ? 0.1638 0.1611 0.1669 0.0012  -0.0094 0.0123  6   DT  B C7    
480 C  C6    . DT  D 6 ? 0.1431 0.1086 0.1327 -0.0281 -0.0427 0.0016  6   DT  B C6    
481 N  N1    . EZK E . ? 0.2189 0.2185 0.1843 0.0042  -0.0032 0.0222  101 EZK D N1    
482 N  N3    . EZK E . ? 0.3300 0.2303 0.2083 0.0013  0.0307  0.0624  101 EZK D N3    
483 C  C4    . EZK E . ? 0.2587 0.1354 0.2098 -0.0223 -0.0234 0.0048  101 EZK D C4    
484 C  C5    . EZK E . ? 0.2855 0.1899 0.2324 -0.0110 -0.0524 0.0007  101 EZK D C5    
485 C  C6    . EZK E . ? 0.3731 0.1582 0.2451 0.0225  -0.0551 0.0082  101 EZK D C6    
486 C  C7    . EZK E . ? 0.2869 0.1866 0.2007 -0.0215 -0.0791 0.0281  101 EZK D C7    
487 C  C8    . EZK E . ? 0.2877 0.1976 0.1751 0.0181  -0.0397 0.0073  101 EZK D C8    
488 C  C10   . EZK E . ? 0.3406 0.1852 0.2827 -0.0180 0.0307  0.0488  101 EZK D C10   
489 C  C13   . EZK E . ? 0.3530 0.2409 0.1930 -0.0172 0.0354  -0.0475 101 EZK D C13   
490 C  C15   . EZK E . ? 0.4117 0.3032 0.2652 -0.0143 -0.0244 0.0029  101 EZK D C15   
491 C  C17   . EZK E . ? 0.2048 0.2626 0.2766 -0.0103 -0.0359 0.0282  101 EZK D C17   
492 C  C1    . EZK E . ? 0.2022 0.1633 0.1769 0.0200  -0.0009 0.0116  101 EZK D C1    
493 C  C2    . EZK E . ? 0.2011 0.1979 0.2054 0.0301  -0.0197 0.0271  101 EZK D C2    
494 C  C3    . EZK E . ? 0.2000 0.1976 0.1720 -0.0006 -0.0259 0.0065  101 EZK D C3    
495 N  N2    . EZK E . ? 0.1836 0.1390 0.1724 0.0394  -0.0045 0.0329  101 EZK D N2    
496 C  C9    . EZK E . ? 0.2451 0.1402 0.1985 -0.0229 -0.0781 -0.0279 101 EZK D C9    
497 C  C11   . EZK E . ? 0.3624 0.2704 0.2428 -0.0162 0.0354  -0.0030 101 EZK D C11   
498 O  O1    . EZK E . ? 0.4118 0.2148 0.3074 -0.0351 -0.1157 0.0409  101 EZK D O1    
499 C  C12   . EZK E . ? 0.2808 0.2886 0.1738 -0.0093 0.0420  -0.0394 101 EZK D C12   
500 C  C14   . EZK E . ? 0.3000 0.2735 0.2179 -0.0434 -0.0177 -0.0303 101 EZK D C14   
501 C  C16   . EZK E . ? 0.4394 0.3212 0.2464 0.0223  -0.0158 0.0330  101 EZK D C16   
502 N  N4    . EZK E . ? 0.2957 0.2431 0.2259 0.0072  -0.0049 0.0170  101 EZK D N4    
503 N  N5    . EZK E . ? 0.2173 0.2792 0.2611 0.0167  0.0019  0.0051  101 EZK D N5    
504 C  C18   . EZK E . ? 0.1694 0.2718 0.3215 0.0036  -0.0115 0.0018  101 EZK D C18   
505 C  C19   . EZK E . ? 0.1740 0.2920 0.3303 0.0314  0.0010  0.0180  101 EZK D C19   
506 N  N6    . EZK E . ? 0.2358 0.3008 0.2640 -0.0199 0.0072  0.0355  101 EZK D N6    
507 CL CL1   . EZK E . ? 0.6081 0.3963 0.2655 -0.0167 -0.0769 0.0303  101 EZK D CL1   
508 N  N7    . EZK E . ? 0.2244 0.1664 0.1870 0.0178  -0.0576 0.0042  101 EZK D N7    
509 N  N1    . EZK F . ? 0.4362 0.2951 0.3326 0.0038  0.0567  0.0096  101 EZK C N1    
510 N  N3    . EZK F . ? 0.1750 0.1577 0.1838 -0.0138 -0.0511 0.0167  101 EZK C N3    
511 C  C4    . EZK F . ? 0.2971 0.2282 0.2038 0.0405  -0.0146 0.0153  101 EZK C C4    
512 C  C5    . EZK F . ? 0.2445 0.2697 0.1945 0.0563  -0.0372 -0.0332 101 EZK C C5    
513 C  C6    . EZK F . ? 0.2648 0.1966 0.1585 0.0244  -0.0004 -0.0089 101 EZK C C6    
514 C  C7    . EZK F . ? 0.2536 0.1891 0.1517 0.0026  -0.0042 0.0210  101 EZK C C7    
515 C  C8    . EZK F . ? 0.2218 0.2194 0.2287 0.0315  -0.0168 0.0153  101 EZK C C8    
516 C  C10   . EZK F . ? 0.1978 0.1679 0.1992 -0.0321 -0.0166 0.0025  101 EZK C C10   
517 C  C13   . EZK F . ? 0.1616 0.2240 0.1889 -0.0222 -0.0457 0.0124  101 EZK C C13   
518 C  C15   . EZK F . ? 0.2401 0.2581 0.1653 -0.0127 -0.0233 0.0212  101 EZK C C15   
519 C  C17   . EZK F . ? 0.1914 0.1196 0.1422 -0.0360 0.0191  0.0433  101 EZK C C17   
520 C  C1    . EZK F . ? 0.3507 0.2510 0.2803 -0.0372 0.0458  0.0005  101 EZK C C1    
521 C  C2    . EZK F . ? 0.4106 0.2178 0.3013 -0.0533 0.0716  -0.0152 101 EZK C C2    
522 C  C3    . EZK F . ? 0.3093 0.2240 0.3244 0.0154  0.0236  -0.0162 101 EZK C C3    
523 N  N2    . EZK F . ? 0.3956 0.2299 0.2946 0.0046  0.0468  -0.0257 101 EZK C N2    
524 C  C9    . EZK F . ? 0.2468 0.1769 0.2041 0.0123  -0.0094 0.0065  101 EZK C C9    
525 C  C11   . EZK F . ? 0.1760 0.2230 0.1544 -0.0040 -0.0497 0.0083  101 EZK C C11   
526 O  O1    . EZK F . ? 0.3535 0.1827 0.2293 0.0520  -0.0825 0.0036  101 EZK C O1    
527 C  C12   . EZK F . ? 0.1697 0.2478 0.1488 -0.0239 -0.0357 0.0278  101 EZK C C12   
528 C  C14   . EZK F . ? 0.1888 0.2079 0.1668 -0.0133 -0.0360 -0.0019 101 EZK C C14   
529 C  C16   . EZK F . ? 0.1870 0.2141 0.1309 -0.0319 -0.0671 0.0192  101 EZK C C16   
530 N  N4    . EZK F . ? 0.1801 0.1625 0.1675 -0.0235 -0.0249 0.0182  101 EZK C N4    
531 N  N5    . EZK F . ? 0.1797 0.1608 0.1191 -0.0148 -0.0079 0.0336  101 EZK C N5    
532 C  C18   . EZK F . ? 0.1714 0.1227 0.1243 -0.0151 0.0247  0.0063  101 EZK C C18   
533 C  C19   . EZK F . ? 0.1574 0.0945 0.1434 -0.0277 -0.0136 0.0125  101 EZK C C19   
534 N  N6    . EZK F . ? 0.1985 0.1339 0.1393 -0.0175 0.0080  0.0438  101 EZK C N6    
535 CL CL1   . EZK F . ? 0.2492 0.2874 0.2586 -0.0049 -0.0756 -0.0035 101 EZK C CL1   
536 N  N7    . EZK F . ? 0.3307 0.2497 0.1915 0.0350  0.0080  -0.0161 101 EZK C N7    
537 MG MG    . MG  G . ? 0.3097 0.4547 0.4247 -0.0535 0.0317  0.0398  102 MG  C MG    
538 MG MG    . MG  H . ? 0.1890 0.1914 0.1708 0.0095  -0.0302 0.0086  101 MG  A MG    
539 N  N1    . EZK I . ? 0.1358 0.1618 0.1244 -0.0182 -0.0085 -0.0014 101 EZK B N1    
540 N  N3    . EZK I . ? 0.1640 0.1424 0.1652 -0.0046 0.0067  0.0308  101 EZK B N3    
541 C  C4    . EZK I . ? 0.1159 0.1300 0.1155 0.0055  0.0154  0.0131  101 EZK B C4    
542 C  C5    . EZK I . ? 0.1181 0.1615 0.1824 -0.0035 0.0031  0.0227  101 EZK B C5    
543 C  C6    . EZK I . ? 0.0925 0.1500 0.1953 0.0186  0.0039  0.0267  101 EZK B C6    
544 C  C7    . EZK I . ? 0.1343 0.1671 0.1336 -0.0084 0.0256  0.0064  101 EZK B C7    
545 C  C8    . EZK I . ? 0.1540 0.1527 0.1367 -0.0212 0.0126  0.0357  101 EZK B C8    
546 C  C10   . EZK I . ? 0.1472 0.1652 0.2320 -0.0282 0.0255  0.0519  101 EZK B C10   
547 C  C13   . EZK I . ? 0.1418 0.1647 0.1474 -0.0237 0.0119  0.0327  101 EZK B C13   
548 C  C15   . EZK I . ? 0.1896 0.1615 0.2210 0.0078  -0.0048 0.0079  101 EZK B C15   
549 C  C17   . EZK I . ? 0.1459 0.1643 0.1177 -0.0180 0.0186  0.0033  101 EZK B C17   
550 C  C1    . EZK I . ? 0.1340 0.1580 0.1575 -0.0379 -0.0324 0.0299  101 EZK B C1    
551 C  C2    . EZK I . ? 0.1387 0.1511 0.1485 -0.0447 -0.0173 0.0059  101 EZK B C2    
552 C  C3    . EZK I . ? 0.1228 0.1305 0.1293 -0.0008 -0.0095 0.0197  101 EZK B C3    
553 N  N2    . EZK I . ? 0.1237 0.1550 0.1310 -0.0164 -0.0028 0.0537  101 EZK B N2    
554 C  C9    . EZK I . ? 0.1040 0.1422 0.1439 0.0065  -0.0161 0.0361  101 EZK B C9    
555 C  C11   . EZK I . ? 0.1512 0.1617 0.1635 -0.0424 -0.0046 -0.0015 101 EZK B C11   
556 O  O1    . EZK I . ? 0.1765 0.1984 0.2584 0.0254  0.0257  0.0646  101 EZK B O1    
557 C  C12   . EZK I . ? 0.1311 0.1704 0.1284 -0.0213 0.0188  0.0003  101 EZK B C12   
558 C  C14   . EZK I . ? 0.1349 0.1715 0.1502 -0.0065 -0.0167 0.0444  101 EZK B C14   
559 C  C16   . EZK I . ? 0.2223 0.1382 0.2240 -0.0178 -0.0025 0.0075  101 EZK B C16   
560 N  N4    . EZK I . ? 0.1289 0.1761 0.1661 0.0005  0.0051  0.0107  101 EZK B N4    
561 N  N5    . EZK I . ? 0.1447 0.1494 0.1701 -0.0564 0.0123  0.0354  101 EZK B N5    
562 C  C18   . EZK I . ? 0.1490 0.1715 0.1442 -0.0679 -0.0301 0.0428  101 EZK B C18   
563 C  C19   . EZK I . ? 0.1698 0.1449 0.1494 -0.0483 0.0103  0.0430  101 EZK B C19   
564 N  N6    . EZK I . ? 0.1484 0.1861 0.1794 -0.0233 0.0021  0.0478  101 EZK B N6    
565 CL CL1   . EZK I . ? 0.2536 0.2845 0.3947 0.0408  0.0754  0.0625  101 EZK B CL1   
566 N  N7    . EZK I . ? 0.1208 0.1438 0.1357 -0.0159 -0.0112 0.0511  101 EZK B N7    
567 MG MG    . MG  J . ? 0.2333 0.2429 0.2908 0.0500  -0.0011 0.0168  102 MG  B MG    
568 O  O     . HOH K . ? 0.4176 0.3335 0.2382 0.1215  0.0205  0.0571  201 HOH D O     
569 O  O     . HOH K . ? 0.4470 0.3439 0.2062 0.1014  0.0637  0.0583  202 HOH D O     
570 O  O     . HOH K . ? 0.3269 0.4058 0.2886 0.1009  -0.0336 -0.0147 203 HOH D O     
571 O  O     . HOH K . ? 0.3239 0.2937 0.4151 0.0043  0.1347  0.1036  204 HOH D O     
572 O  O     . HOH K . ? 0.4890 0.2836 0.3809 0.0889  -0.0475 -0.0647 205 HOH D O     
573 O  O     . HOH K . ? 0.3702 0.4645 0.4618 0.0039  0.0875  -0.1274 206 HOH D O     
574 O  O     . HOH K . ? 0.7297 0.5472 0.1887 0.0621  0.1041  0.0713  207 HOH D O     
575 O  O     . HOH K . ? 0.2037 0.2121 0.2529 0.0321  -0.0235 -0.0218 208 HOH D O     
576 O  O     . HOH K . ? 0.4267 0.4195 0.3444 -0.0246 0.1279  0.0389  209 HOH D O     
577 O  O     . HOH K . ? 0.6103 0.1985 0.2844 0.0083  -0.0933 0.0390  210 HOH D O     
578 O  O     . HOH K . ? 0.1934 0.2753 0.2722 -0.0290 0.0262  -0.0653 211 HOH D O     
579 O  O     . HOH K . ? 0.2939 0.2422 0.2715 -0.0552 0.0485  -0.0147 212 HOH D O     
580 O  O     . HOH K . ? 0.2060 0.3358 0.2972 -0.0268 -0.0603 0.0349  213 HOH D O     
581 O  O     . HOH K . ? 0.2164 0.2250 0.2123 0.0077  -0.0442 -0.0238 214 HOH D O     
582 O  O     . HOH K . ? 0.2452 0.2980 0.3530 -0.0046 -0.0264 -0.0103 215 HOH D O     
583 O  O     . HOH K . ? 0.3148 0.4208 0.3601 -0.0300 -0.0411 0.0194  216 HOH D O     
584 O  O     . HOH K . ? 0.4297 0.2694 0.3965 -0.0725 0.0609  -0.0784 217 HOH D O     
585 O  O     . HOH K . ? 0.2543 0.4812 0.5132 0.0128  0.0307  -0.1254 218 HOH D O     
586 O  O     . HOH K . ? 0.2134 0.3672 0.3528 -0.0049 0.0557  -0.0523 219 HOH D O     
587 O  O     . HOH K . ? 0.4830 0.6731 0.4996 -0.0651 0.0507  -0.0348 220 HOH D O     
588 O  O     . HOH L . ? 0.3810 0.2687 0.5595 -0.0307 0.0019  0.0355  201 HOH C O     
589 O  O     . HOH L . ? 0.2616 0.3983 0.5956 -0.0558 0.0118  -0.1225 202 HOH C O     
590 O  O     . HOH L . ? 0.2740 0.2920 0.2238 0.0035  -0.0167 -0.0329 203 HOH C O     
591 O  O     . HOH L . ? 0.3432 0.3371 0.3768 0.0686  0.0394  0.0085  204 HOH C O     
592 O  O     . HOH L . ? 0.4028 0.3008 0.2516 -0.0218 -0.0460 -0.0492 205 HOH C O     
593 O  O     . HOH L . ? 0.4053 0.2685 0.2371 0.0073  -0.0340 0.0621  206 HOH C O     
594 O  O     . HOH L . ? 0.2573 0.2540 0.2510 -0.0644 -0.0648 -0.0033 207 HOH C O     
595 O  O     . HOH L . ? 0.2715 0.3703 0.2556 -0.0468 0.0076  0.0982  208 HOH C O     
596 O  O     . HOH L . ? 0.3046 0.4980 0.3123 -0.1084 0.0206  0.0154  209 HOH C O     
597 O  O     . HOH L . ? 0.2847 0.4393 0.4716 0.0616  0.0904  0.0405  210 HOH C O     
598 O  O     . HOH L . ? 0.4075 0.4365 0.2356 0.0566  -0.0211 -0.0033 211 HOH C O     
599 O  O     . HOH L . ? 0.5153 0.4844 0.2750 -0.0378 -0.0115 -0.0133 212 HOH C O     
600 O  O     . HOH L . ? 0.4455 0.6370 0.4748 0.0199  0.0486  0.0113  213 HOH C O     
601 O  O     . HOH L . ? 0.2518 0.5257 0.3944 0.0070  -0.0476 0.0233  214 HOH C O     
602 O  O     . HOH L . ? 0.3506 0.3967 0.3095 -0.0600 -0.0165 -0.0160 215 HOH C O     
603 O  O     . HOH L . ? 0.5787 0.5071 0.4221 0.0978  -0.0519 0.0336  216 HOH C O     
604 O  O     . HOH L . ? 0.3178 0.3850 0.3447 -0.0279 -0.0629 0.0144  217 HOH C O     
605 O  O     . HOH L . ? 0.4050 0.3006 0.2356 0.0441  0.0745  -0.0072 218 HOH C O     
606 O  O     . HOH L . ? 0.2167 0.3219 0.4686 0.0474  -0.0573 -0.0058 219 HOH C O     
607 O  O     . HOH L . ? 0.2636 0.2303 0.5181 -0.0259 0.0617  -0.0104 220 HOH C O     
608 O  O     . HOH L . ? 0.6619 0.5589 0.5183 0.2046  0.1069  -0.2465 221 HOH C O     
609 O  O     . HOH L . ? 0.2665 0.4507 0.2310 -0.0242 -0.0428 -0.0088 222 HOH C O     
610 O  O     . HOH L . ? 0.3004 0.2867 0.3717 -0.1018 0.0557  -0.0417 223 HOH C O     
611 O  O     . HOH L . ? 0.2514 0.3671 0.2877 -0.0382 -0.0685 0.0488  224 HOH C O     
612 O  O     . HOH L . ? 0.2669 0.3115 0.3340 0.0302  0.0081  0.0324  225 HOH C O     
613 O  O     . HOH L . ? 0.3616 0.4007 0.4342 0.0571  0.0344  0.1817  226 HOH C O     
614 O  O     . HOH M . ? 0.2277 0.4961 0.8563 -0.0263 0.0710  -0.0528 201 HOH A O     
615 O  O     . HOH M . ? 0.1621 0.2272 0.1812 0.0140  0.0096  -0.0022 202 HOH A O     
616 O  O     . HOH M . ? 0.4955 0.3888 0.4195 0.1721  -0.1200 -0.1525 203 HOH A O     
617 O  O     . HOH M . ? 0.3002 0.2411 0.2472 0.0158  -0.0728 -0.0790 204 HOH A O     
618 O  O     . HOH M . ? 0.3711 0.5532 0.4577 -0.1043 0.0593  -0.0640 205 HOH A O     
619 O  O     . HOH M . ? 0.5207 0.4176 0.2596 0.2863  -0.1005 -0.1482 206 HOH A O     
620 O  O     . HOH M . ? 0.1773 0.2040 0.1845 0.0499  -0.0286 0.0199  207 HOH A O     
621 O  O     . HOH M . ? 0.1546 0.1738 0.2035 -0.0178 -0.0214 0.0027  208 HOH A O     
622 O  O     . HOH M . ? 0.3917 0.2151 0.1974 -0.0495 -0.0343 -0.0251 209 HOH A O     
623 O  O     . HOH M . ? 0.2834 0.3802 0.3014 0.0267  0.0133  -0.0232 210 HOH A O     
624 O  O     . HOH M . ? 0.1784 0.2347 0.1598 0.0341  -0.0130 0.0211  211 HOH A O     
625 O  O     . HOH M . ? 0.1997 0.1880 0.1628 -0.0021 -0.0298 0.0040  212 HOH A O     
626 O  O     . HOH M . ? 0.2579 0.2115 0.3026 -0.0506 -0.0272 -0.0438 213 HOH A O     
627 O  O     . HOH M . ? 0.2277 0.1943 0.2103 -0.0667 0.0448  -0.0003 214 HOH A O     
628 O  O     . HOH M . ? 0.2276 0.2448 0.2287 -0.0184 -0.0387 -0.0403 215 HOH A O     
629 O  O     . HOH M . ? 0.1635 0.2141 0.2002 0.0324  0.0131  0.0233  216 HOH A O     
630 O  O     . HOH M . ? 0.2571 0.2492 0.1975 0.0030  -0.0096 0.0410  217 HOH A O     
631 O  O     . HOH M . ? 0.2727 0.3219 0.5365 -0.1033 -0.0479 -0.0818 218 HOH A O     
632 O  O     . HOH M . ? 0.4362 0.3646 0.6869 0.0823  0.2434  -0.0497 219 HOH A O     
633 O  O     . HOH M . ? 0.4436 0.3268 0.2570 0.0400  -0.0289 -0.0858 220 HOH A O     
634 O  O     . HOH M . ? 0.1638 0.1683 0.1708 -0.0230 -0.0364 0.0073  221 HOH A O     
635 O  O     . HOH M . ? 0.4737 0.3276 0.2683 -0.0219 0.0580  0.0180  222 HOH A O     
636 O  O     . HOH N . ? 0.5200 0.3885 0.3575 0.0205  -0.0094 -0.0378 201 HOH B O     
637 O  O     . HOH N . ? 0.3679 0.4045 0.3513 0.1133  0.0505  -0.0472 202 HOH B O     
638 O  O     . HOH N . ? 0.3017 0.3726 0.2761 0.0310  0.0026  0.0271  203 HOH B O     
639 O  O     . HOH N . ? 0.3390 0.3130 0.4162 -0.0218 -0.0085 0.1293  204 HOH B O     
640 O  O     . HOH N . ? 0.2046 0.2616 0.1799 -0.0120 0.0255  0.0326  205 HOH B O     
641 O  O     . HOH N . ? 0.2973 0.2215 0.1586 -0.0173 -0.0203 0.0267  206 HOH B O     
642 O  O     . HOH N . ? 0.1836 0.3280 0.5186 -0.0560 0.0468  0.0317  207 HOH B O     
643 O  O     . HOH N . ? 0.5127 0.3404 0.3094 0.0464  0.1024  -0.0542 208 HOH B O     
644 O  O     . HOH N . ? 0.2634 0.1981 0.4256 -0.0347 0.0887  -0.0204 209 HOH B O     
645 O  O     . HOH N . ? 0.2351 0.3005 0.4441 -0.0246 0.0432  -0.0027 210 HOH B O     
646 O  O     . HOH N . ? 0.2085 0.1917 0.2394 -0.0067 0.0130  0.0225  211 HOH B O     
647 O  O     . HOH N . ? 0.3241 0.3219 0.2530 -0.0139 0.0806  -0.0173 212 HOH B O     
648 O  O     . HOH N . ? 0.4128 0.2539 0.4960 -0.0531 -0.0831 0.0494  213 HOH B O     
649 O  O     . HOH N . ? 0.2020 0.2136 0.3289 0.0187  -0.0126 0.0086  214 HOH B O     
650 O  O     . HOH N . ? 0.2513 0.2344 0.2909 0.0288  -0.0462 0.0390  215 HOH B O     
651 O  O     . HOH N . ? 0.2758 0.3129 0.2382 0.1151  0.0555  0.0298  216 HOH B O     
652 O  O     . HOH N . ? 0.4269 0.3667 0.3491 0.0224  -0.1007 0.0607  217 HOH B O     
653 O  O     . HOH N . ? 0.4246 0.1802 0.1789 0.0362  0.0403  -0.0305 218 HOH B O     
654 O  O     . HOH N . ? 0.1957 0.2413 0.2207 -0.0295 -0.0227 0.0447  219 HOH B O     
655 O  O     . HOH N . ? 0.2382 0.4260 0.3209 0.0909  0.0153  -0.1142 220 HOH B O     
656 O  O     . HOH N . ? 0.2020 0.2942 0.2407 -0.0139 0.0180  0.0078  221 HOH B O     
657 O  O     . HOH N . ? 0.2926 0.4278 0.3501 -0.0819 0.0683  -0.0440 222 HOH B O     
658 O  O     . HOH N . ? 0.2900 0.1856 0.2693 0.0236  -0.0009 0.0448  223 HOH B O     
659 O  O     . HOH N . ? 0.3448 0.2998 0.2553 -0.0218 0.0516  -0.0589 224 HOH B O     
660 O  O     . HOH N . ? 0.2306 0.2317 0.2004 0.0300  -0.0059 0.0037  225 HOH B O     
661 O  O     . HOH N . ? 0.2116 0.1828 0.2135 -0.0257 0.0333  -0.0085 226 HOH B O     
662 O  O     . HOH N . ? 0.3428 0.4256 0.3710 -0.0882 0.0199  -0.1490 227 HOH B O     
# 
